data_4K4X
#
_entry.id   4K4X
#
_cell.length_a   61.001
_cell.length_b   61.013
_cell.length_c   195.137
_cell.angle_alpha   90.02
_cell.angle_beta   89.98
_cell.angle_gamma   78.36
#
_symmetry.space_group_name_H-M   'P 1'
#
loop_
_entity.id
_entity.type
_entity.pdbx_description
1 polymer 'RNA-dependent RNA polymerase'
2 polymer "RNA (5'-R(*AP*AP*GP*UP*CP*UP*CP*CP*AP*GP*GP*UP*CP*UP*CP*UP*CP*GP*UP*CP*GP*AP*AP*A)-3')"
3 polymer "RNA (5'-R(*UP*GP*UP*UP*CP*GP*AP*CP*GP*AP*GP*AP*GP*A)-3')"
4 polymer "RNA (5'-R(P*GP*GP*GP*AP*GP*AP*UP*GP*A)-3')"
5 non-polymer GLYCEROL
6 non-polymer 'MAGNESIUM ION'
7 water water
#
loop_
_entity_poly.entity_id
_entity_poly.type
_entity_poly.pdbx_seq_one_letter_code
_entity_poly.pdbx_strand_id
1 'polypeptide(L)'
;GEIEFIESSKDAGFPVINTPSKTKLEPSVFHQVFEGNKEPAVLRSGDPRLKANFEEAIFSKYIGNVNTHVDEYMLEAVDH
YAGQLATLDISTEPMKLEDAVYGTEGLEALDLTTSAGYPYVALGIKKRDILSKKTKDLTKLKECMDKYGLNLPMVTYVKD
ELRSIEKVAKGKSRLIEASSLNDSVAMRQTFGNLYKTFHLNPGVVTGSAVGCDPDLFWSKIPVMLDGHLIAFDYSGYDAS
LSPVWFACLKMILEKLGYTHKETNYIDYLCNSHHLYRDKHYFVRGGMPSGCSGTSIFNSMINNIIIRTLMLKVYKGIDLD
QFRMIAYGDDVIASYPWPIDASLLAEAGKGYGLIMTPADKGECFNEVTWTNVTFLKRYFRADEQYPFLVHPVMPMKDIHE
SIRWTKDPKNTQDHVRSLCLLAWHNGEHEYEEFIRKIRSVPVGRCLTLPAFSTLRRKWLDSFGSSSHHHHHH
;
A,E,I,M
2 'polyribonucleotide' AAGUCUCCAGGUCUCUCGUCGAAA B,F,J,N
3 'polyribonucleotide' UGUUCGACGAGAGA C,G,K,O
4 'polyribonucleotide' GGGAGAUGA D,H,L,P
#
loop_
_chem_comp.id
_chem_comp.type
_chem_comp.name
_chem_comp.formula
A RNA linking ADENOSINE-5'-MONOPHOSPHATE 'C10 H14 N5 O7 P'
C RNA linking CYTIDINE-5'-MONOPHOSPHATE 'C9 H14 N3 O8 P'
G RNA linking GUANOSINE-5'-MONOPHOSPHATE 'C10 H14 N5 O8 P'
GOL non-polymer GLYCEROL 'C3 H8 O3'
MG non-polymer 'MAGNESIUM ION' 'Mg 2'
U RNA linking URIDINE-5'-MONOPHOSPHATE 'C9 H13 N2 O9 P'
#
# COMPACT_ATOMS: atom_id res chain seq x y z
N GLY A 1 37.19 14.62 85.22
CA GLY A 1 36.35 13.67 85.94
C GLY A 1 37.13 12.83 86.93
N GLU A 2 36.57 12.70 88.14
CA GLU A 2 37.23 12.02 89.25
C GLU A 2 36.23 11.35 90.19
N ILE A 3 36.54 10.12 90.60
CA ILE A 3 35.70 9.39 91.57
C ILE A 3 36.06 9.85 92.97
N GLU A 4 35.12 10.48 93.66
CA GLU A 4 35.47 11.08 94.92
C GLU A 4 35.35 10.07 96.05
N PHE A 5 34.27 9.30 96.02
CA PHE A 5 34.02 8.40 97.13
C PHE A 5 33.33 7.13 96.67
N ILE A 6 33.70 6.02 97.29
CA ILE A 6 33.08 4.73 97.02
C ILE A 6 32.64 4.14 98.35
N GLU A 7 31.39 3.70 98.39
CA GLU A 7 30.89 2.95 99.54
C GLU A 7 30.11 1.75 99.02
N SER A 8 29.85 0.82 99.92
CA SER A 8 28.97 -0.31 99.66
C SER A 8 27.55 0.17 99.43
N SER A 9 26.86 -0.39 98.43
CA SER A 9 25.47 0.04 98.18
C SER A 9 24.54 -0.26 99.36
N LYS A 10 24.80 -1.36 100.06
CA LYS A 10 24.07 -1.70 101.28
C LYS A 10 24.11 -0.54 102.28
N ASP A 11 25.31 -0.05 102.57
CA ASP A 11 25.48 1.09 103.46
C ASP A 11 24.62 2.30 103.07
N ALA A 12 24.39 2.48 101.78
CA ALA A 12 23.73 3.70 101.29
C ALA A 12 22.25 3.46 101.02
N GLY A 13 21.76 2.30 101.44
CA GLY A 13 20.36 1.95 101.26
C GLY A 13 19.99 1.62 99.82
N PHE A 14 20.88 0.91 99.13
CA PHE A 14 20.66 0.53 97.73
C PHE A 14 20.93 -0.95 97.54
N PRO A 15 20.14 -1.61 96.69
CA PRO A 15 20.32 -3.02 96.37
C PRO A 15 21.51 -3.23 95.45
N VAL A 16 22.07 -4.44 95.46
CA VAL A 16 23.10 -4.82 94.51
C VAL A 16 22.41 -4.91 93.13
N ILE A 17 23.10 -4.49 92.07
CA ILE A 17 22.48 -4.55 90.76
C ILE A 17 22.99 -5.76 89.98
N ASN A 18 22.07 -6.49 89.36
CA ASN A 18 22.46 -7.58 88.48
C ASN A 18 22.92 -6.99 87.15
N THR A 19 24.20 -7.13 86.86
CA THR A 19 24.75 -6.56 85.64
C THR A 19 25.25 -7.69 84.73
N PRO A 20 24.73 -7.72 83.48
CA PRO A 20 24.97 -8.78 82.49
C PRO A 20 26.45 -9.06 82.29
N SER A 21 26.82 -10.33 82.20
CA SER A 21 28.24 -10.70 82.15
C SER A 21 28.66 -11.34 80.83
N LYS A 22 27.71 -11.57 79.93
CA LYS A 22 27.96 -12.29 78.69
C LYS A 22 27.52 -11.53 77.43
N THR A 23 28.36 -11.54 76.40
CA THR A 23 28.08 -10.81 75.16
C THR A 23 26.88 -11.40 74.43
N LYS A 24 26.19 -10.60 73.63
CA LYS A 24 25.21 -11.15 72.70
C LYS A 24 25.88 -11.44 71.36
N LEU A 25 27.08 -10.89 71.16
CA LEU A 25 27.80 -11.00 69.90
C LEU A 25 28.40 -12.39 69.68
N GLU A 26 28.12 -12.98 68.52
CA GLU A 26 28.66 -14.28 68.10
C GLU A 26 29.24 -14.13 66.69
N PRO A 27 30.24 -14.95 66.34
CA PRO A 27 30.72 -14.92 64.94
C PRO A 27 29.59 -15.21 63.97
N SER A 28 29.59 -14.50 62.84
CA SER A 28 28.59 -14.68 61.82
C SER A 28 29.06 -15.70 60.79
N VAL A 29 28.15 -16.07 59.89
CA VAL A 29 28.50 -16.87 58.72
C VAL A 29 29.57 -16.17 57.85
N PHE A 30 29.80 -14.88 58.10
CA PHE A 30 30.77 -14.13 57.33
C PHE A 30 32.09 -13.93 58.05
N HIS A 31 32.23 -14.50 59.25
CA HIS A 31 33.43 -14.32 60.08
C HIS A 31 34.73 -14.69 59.35
N GLN A 32 34.68 -15.72 58.51
CA GLN A 32 35.89 -16.21 57.85
C GLN A 32 36.01 -15.67 56.45
N VAL A 33 34.94 -15.09 55.93
CA VAL A 33 34.97 -14.49 54.60
C VAL A 33 35.81 -13.21 54.59
N PHE A 34 35.69 -12.41 55.64
CA PHE A 34 36.44 -11.16 55.72
C PHE A 34 37.47 -11.16 56.85
N GLU A 35 38.47 -10.31 56.73
CA GLU A 35 39.41 -10.10 57.82
C GLU A 35 38.85 -9.07 58.79
N GLY A 36 39.33 -9.11 60.04
CA GLY A 36 38.90 -8.17 61.06
C GLY A 36 39.80 -8.26 62.28
N ASN A 37 39.85 -7.20 63.08
CA ASN A 37 40.76 -7.14 64.22
C ASN A 37 40.02 -7.00 65.56
N LYS A 38 38.70 -7.04 65.50
CA LYS A 38 37.91 -6.75 66.70
C LYS A 38 37.12 -7.96 67.20
N GLU A 39 36.95 -8.02 68.51
CA GLU A 39 36.14 -9.04 69.19
C GLU A 39 35.22 -8.36 70.21
N PRO A 40 34.24 -9.09 70.73
CA PRO A 40 33.38 -8.51 71.77
C PRO A 40 34.19 -8.03 72.97
N ALA A 41 33.83 -6.88 73.51
CA ALA A 41 34.54 -6.26 74.63
C ALA A 41 34.46 -7.11 75.88
N VAL A 42 35.52 -7.10 76.68
CA VAL A 42 35.52 -7.82 77.96
C VAL A 42 34.40 -7.25 78.81
N LEU A 43 33.64 -8.13 79.45
CA LEU A 43 32.48 -7.72 80.24
C LEU A 43 32.57 -8.09 81.72
N ARG A 44 33.63 -8.81 82.09
CA ARG A 44 33.76 -9.37 83.45
C ARG A 44 35.22 -9.71 83.75
N SER A 45 35.54 -9.78 85.05
CA SER A 45 36.92 -9.86 85.52
C SER A 45 37.58 -11.21 85.20
N GLY A 46 36.76 -12.22 84.94
CA GLY A 46 37.29 -13.54 84.60
C GLY A 46 37.28 -13.86 83.12
N ASP A 47 37.64 -12.89 82.29
CA ASP A 47 37.80 -13.10 80.85
C ASP A 47 39.20 -13.63 80.60
N PRO A 48 39.29 -14.78 79.90
CA PRO A 48 40.54 -15.43 79.49
C PRO A 48 41.47 -14.53 78.68
N ARG A 49 40.93 -13.47 78.09
CA ARG A 49 41.68 -12.67 77.14
C ARG A 49 42.43 -11.53 77.84
N LEU A 50 42.13 -11.28 79.11
CA LEU A 50 42.76 -10.19 79.85
C LEU A 50 44.26 -10.34 80.11
N LYS A 51 44.96 -9.23 79.97
CA LYS A 51 46.38 -9.13 80.30
C LYS A 51 46.54 -8.04 81.34
N ALA A 52 45.42 -7.51 81.79
CA ALA A 52 45.41 -6.40 82.73
C ALA A 52 44.22 -6.53 83.65
N ASN A 53 44.17 -5.69 84.67
CA ASN A 53 43.06 -5.72 85.60
C ASN A 53 41.85 -5.01 85.01
N PHE A 54 40.72 -5.68 85.02
CA PHE A 54 39.53 -5.21 84.31
C PHE A 54 38.92 -3.97 84.93
N GLU A 55 38.57 -4.04 86.21
CA GLU A 55 37.93 -2.90 86.86
C GLU A 55 38.83 -1.68 86.91
N GLU A 56 40.14 -1.93 87.00
CA GLU A 56 41.13 -0.88 86.92
C GLU A 56 41.06 -0.23 85.54
N ALA A 57 40.87 -1.07 84.52
CA ALA A 57 40.89 -0.58 83.15
C ALA A 57 39.68 0.30 82.88
N ILE A 58 38.48 -0.19 83.20
CA ILE A 58 37.27 0.52 82.82
C ILE A 58 37.05 1.85 83.55
N PHE A 59 37.67 2.01 84.71
CA PHE A 59 37.51 3.25 85.45
C PHE A 59 38.68 4.21 85.26
N SER A 60 39.73 3.77 84.57
CA SER A 60 40.92 4.60 84.40
C SER A 60 40.64 5.91 83.68
N LYS A 61 39.50 5.97 82.99
CA LYS A 61 39.13 7.16 82.22
C LYS A 61 38.92 8.39 83.12
N TYR A 62 38.55 8.16 84.36
CA TYR A 62 38.43 9.26 85.29
C TYR A 62 39.83 9.74 85.69
N ILE A 63 40.43 10.55 84.82
CA ILE A 63 41.85 10.89 84.93
C ILE A 63 42.12 11.93 86.03
N GLY A 64 41.07 12.59 86.50
CA GLY A 64 41.21 13.62 87.50
C GLY A 64 40.59 14.91 87.04
N ASN A 65 40.70 15.94 87.86
CA ASN A 65 40.18 17.24 87.52
C ASN A 65 41.27 18.32 87.58
N VAL A 66 41.18 19.32 86.72
CA VAL A 66 41.94 20.52 87.01
C VAL A 66 41.05 21.45 87.79
N ASN A 67 41.62 22.11 88.77
CA ASN A 67 40.85 23.06 89.53
C ASN A 67 41.30 24.43 89.11
N THR A 68 40.57 25.01 88.16
CA THR A 68 40.85 26.36 87.71
C THR A 68 39.51 27.04 87.63
N HIS A 69 39.55 28.33 87.40
CA HIS A 69 38.37 29.15 87.44
C HIS A 69 38.01 29.47 86.02
N VAL A 70 36.81 29.97 85.82
CA VAL A 70 36.36 30.35 84.52
C VAL A 70 37.17 31.58 84.09
N ASP A 71 38.19 31.36 83.28
CA ASP A 71 39.06 32.48 82.91
C ASP A 71 38.49 33.31 81.75
N GLU A 72 39.21 34.38 81.39
CA GLU A 72 38.73 35.37 80.44
C GLU A 72 38.54 34.79 79.04
N TYR A 73 39.30 33.74 78.74
CA TYR A 73 39.17 33.05 77.47
C TYR A 73 37.85 32.30 77.40
N MET A 74 37.53 31.56 78.45
CA MET A 74 36.25 30.88 78.52
C MET A 74 35.07 31.85 78.40
N LEU A 75 35.19 32.97 79.10
CA LEU A 75 34.14 33.99 79.12
C LEU A 75 33.85 34.52 77.72
N GLU A 76 34.90 34.90 77.00
CA GLU A 76 34.72 35.36 75.64
C GLU A 76 34.21 34.24 74.74
N ALA A 77 34.69 33.02 74.98
CA ALA A 77 34.25 31.85 74.22
C ALA A 77 32.75 31.66 74.39
N VAL A 78 32.31 31.76 75.64
CA VAL A 78 30.90 31.57 75.97
C VAL A 78 30.07 32.67 75.31
N ASP A 79 30.53 33.90 75.43
CA ASP A 79 29.82 35.01 74.81
C ASP A 79 29.68 34.85 73.32
N HIS A 80 30.73 34.37 72.66
CA HIS A 80 30.71 34.23 71.20
C HIS A 80 29.70 33.18 70.76
N TYR A 81 29.75 32.01 71.41
CA TYR A 81 28.89 30.89 71.06
C TYR A 81 27.45 31.22 71.45
N ALA A 82 27.28 31.88 72.60
CA ALA A 82 25.95 32.36 73.00
C ALA A 82 25.37 33.32 71.95
N GLY A 83 26.24 34.08 71.29
CA GLY A 83 25.81 35.03 70.28
C GLY A 83 25.20 34.34 69.08
N GLN A 84 25.78 33.20 68.69
CA GLN A 84 25.22 32.39 67.61
C GLN A 84 23.87 31.80 68.03
N LEU A 85 23.85 31.11 69.17
CA LEU A 85 22.62 30.44 69.61
C LEU A 85 21.43 31.39 69.78
N ALA A 86 21.70 32.67 69.97
CA ALA A 86 20.60 33.62 70.17
C ALA A 86 19.80 33.78 68.89
N THR A 87 20.45 33.64 67.73
CA THR A 87 19.74 33.68 66.44
C THR A 87 18.65 32.60 66.30
N LEU A 88 18.77 31.52 67.05
CA LEU A 88 17.89 30.35 66.88
C LEU A 88 16.57 30.45 67.63
N ASP A 89 16.52 31.33 68.62
CA ASP A 89 15.29 31.59 69.39
C ASP A 89 14.89 30.41 70.26
N ILE A 90 15.86 29.81 70.96
CA ILE A 90 15.58 28.72 71.87
C ILE A 90 14.62 29.17 72.97
N SER A 91 13.53 28.44 73.16
CA SER A 91 12.62 28.71 74.28
C SER A 91 13.07 28.01 75.55
N THR A 92 13.08 28.75 76.65
CA THR A 92 13.47 28.20 77.93
C THR A 92 12.24 27.73 78.72
N GLU A 93 11.06 27.91 78.11
CA GLU A 93 9.83 27.38 78.68
C GLU A 93 9.87 25.86 78.65
N PRO A 94 9.39 25.22 79.73
CA PRO A 94 9.34 23.77 79.84
C PRO A 94 8.58 23.17 78.67
N MET A 95 8.96 21.97 78.28
CA MET A 95 8.24 21.31 77.22
C MET A 95 7.01 20.65 77.82
N LYS A 96 5.89 20.71 77.09
CA LYS A 96 4.66 20.02 77.48
C LYS A 96 4.99 18.54 77.75
N LEU A 97 4.51 18.04 78.90
CA LEU A 97 4.87 16.71 79.35
C LEU A 97 4.57 15.60 78.32
N GLU A 98 3.52 15.79 77.53
CA GLU A 98 3.15 14.78 76.55
C GLU A 98 4.20 14.71 75.43
N ASP A 99 4.55 15.88 74.89
CA ASP A 99 5.63 16.02 73.90
C ASP A 99 6.98 15.51 74.41
N ALA A 100 7.31 15.86 75.65
CA ALA A 100 8.60 15.50 76.23
C ALA A 100 8.76 13.99 76.37
N VAL A 101 7.66 13.30 76.64
CA VAL A 101 7.71 11.85 76.79
C VAL A 101 7.43 11.11 75.49
N TYR A 102 6.41 11.54 74.75
CA TYR A 102 5.91 10.72 73.64
C TYR A 102 6.26 11.29 72.27
N GLY A 103 7.06 12.35 72.26
CA GLY A 103 7.61 12.86 71.02
C GLY A 103 6.89 14.04 70.42
N THR A 104 7.66 14.86 69.71
CA THR A 104 7.16 16.01 68.97
C THR A 104 8.18 16.29 67.89
N GLU A 105 7.86 17.18 66.96
CA GLU A 105 8.79 17.50 65.89
C GLU A 105 10.15 17.91 66.46
N GLY A 106 11.19 17.22 66.01
CA GLY A 106 12.55 17.56 66.44
C GLY A 106 13.01 16.85 67.70
N LEU A 107 12.15 15.99 68.25
CA LEU A 107 12.47 15.28 69.48
C LEU A 107 11.66 14.00 69.58
N GLU A 108 12.34 12.89 69.33
CA GLU A 108 11.71 11.58 69.33
C GLU A 108 11.35 11.14 70.74
N ALA A 109 10.32 10.31 70.84
CA ALA A 109 9.82 9.84 72.12
C ALA A 109 10.88 9.06 72.86
N LEU A 110 10.68 8.86 74.15
CA LEU A 110 11.62 8.04 74.92
C LEU A 110 11.72 6.66 74.28
N ASP A 111 12.81 5.96 74.56
CA ASP A 111 13.04 4.63 74.03
C ASP A 111 12.52 3.60 75.04
N LEU A 112 11.42 2.94 74.69
CA LEU A 112 10.73 2.02 75.60
C LEU A 112 11.35 0.64 75.52
N THR A 113 12.27 0.51 74.57
CA THR A 113 13.10 -0.65 74.38
C THR A 113 14.16 -0.79 75.49
N THR A 114 14.53 0.33 76.08
CA THR A 114 15.65 0.31 77.01
C THR A 114 15.17 0.32 78.45
N SER A 115 16.03 -0.19 79.33
CA SER A 115 15.82 -0.15 80.78
C SER A 115 15.36 1.23 81.30
N ALA A 116 14.53 1.19 82.33
CA ALA A 116 14.01 2.40 82.98
C ALA A 116 14.96 2.91 84.10
N GLY A 117 16.02 2.16 84.37
CA GLY A 117 17.01 2.60 85.35
C GLY A 117 16.53 2.44 86.79
N TYR A 118 17.25 3.07 87.73
CA TYR A 118 16.87 2.98 89.14
C TYR A 118 15.62 3.79 89.42
N PRO A 119 14.75 3.29 90.33
CA PRO A 119 14.81 2.03 91.08
C PRO A 119 14.24 0.84 90.31
N TYR A 120 13.57 1.15 89.21
CA TYR A 120 12.80 0.18 88.46
C TYR A 120 13.57 -1.09 88.11
N VAL A 121 14.83 -0.93 87.74
CA VAL A 121 15.66 -2.08 87.39
C VAL A 121 15.75 -3.14 88.52
N ALA A 122 15.60 -2.73 89.77
CA ALA A 122 15.67 -3.71 90.86
C ALA A 122 14.27 -4.02 91.40
N LEU A 123 13.26 -3.37 90.82
CA LEU A 123 11.87 -3.65 91.13
C LEU A 123 11.25 -4.57 90.07
N GLY A 124 12.01 -4.91 89.03
CA GLY A 124 11.49 -5.69 87.92
C GLY A 124 10.47 -4.97 87.07
N ILE A 125 10.56 -3.63 87.03
CA ILE A 125 9.65 -2.78 86.26
C ILE A 125 10.32 -2.23 84.97
N LYS A 126 9.63 -2.33 83.85
CA LYS A 126 10.12 -1.85 82.56
C LYS A 126 9.46 -0.54 82.12
N LYS A 127 10.12 0.20 81.22
CA LYS A 127 9.52 1.42 80.70
C LYS A 127 8.09 1.20 80.20
N ARG A 128 7.88 0.10 79.47
CA ARG A 128 6.56 -0.16 78.91
C ARG A 128 5.50 -0.55 79.95
N ASP A 129 5.92 -0.96 81.16
CA ASP A 129 4.98 -1.11 82.30
C ASP A 129 4.42 0.23 82.75
N ILE A 130 5.03 1.33 82.31
CA ILE A 130 4.71 2.65 82.83
C ILE A 130 4.19 3.62 81.76
N LEU A 131 4.68 3.44 80.54
CA LEU A 131 4.27 4.28 79.43
C LEU A 131 3.80 3.43 78.26
N SER A 132 2.97 4.03 77.41
CA SER A 132 2.50 3.36 76.20
C SER A 132 2.29 4.39 75.12
N LYS A 133 2.88 4.14 73.95
CA LYS A 133 2.75 5.04 72.82
C LYS A 133 1.35 5.01 72.20
N LYS A 134 0.69 3.85 72.27
CA LYS A 134 -0.66 3.70 71.68
C LYS A 134 -1.67 4.58 72.41
N THR A 135 -1.41 4.76 73.69
CA THR A 135 -2.36 5.39 74.58
C THR A 135 -1.92 6.79 75.04
N LYS A 136 -0.60 7.00 75.11
CA LYS A 136 -0.01 8.28 75.57
C LYS A 136 -0.44 8.64 76.98
N ASP A 137 -0.50 7.64 77.86
CA ASP A 137 -0.91 7.85 79.24
C ASP A 137 0.19 8.45 80.07
N LEU A 138 -0.13 9.52 80.76
CA LEU A 138 0.81 10.12 81.71
C LEU A 138 0.49 9.75 83.17
N THR A 139 -0.72 9.26 83.40
CA THR A 139 -1.21 8.82 84.71
C THR A 139 -0.14 8.08 85.53
N LYS A 140 0.24 6.91 85.04
CA LYS A 140 1.17 6.03 85.75
C LYS A 140 2.55 6.66 85.93
N LEU A 141 2.92 7.57 85.03
CA LEU A 141 4.25 8.15 85.05
C LEU A 141 4.38 9.16 86.20
N LYS A 142 3.48 10.14 86.23
CA LYS A 142 3.40 11.11 87.32
C LYS A 142 3.41 10.43 88.68
N GLU A 143 2.75 9.29 88.77
CA GLU A 143 2.68 8.54 90.02
C GLU A 143 4.04 7.96 90.42
N CYS A 144 4.80 7.50 89.42
CA CYS A 144 6.11 6.92 89.69
C CYS A 144 7.16 7.99 89.99
N MET A 145 6.97 9.18 89.43
CA MET A 145 7.85 10.31 89.69
C MET A 145 7.59 10.91 91.07
N ASP A 146 6.33 11.03 91.45
CA ASP A 146 5.97 11.45 92.79
C ASP A 146 6.46 10.42 93.81
N LYS A 147 6.28 9.14 93.49
CA LYS A 147 6.74 8.13 94.43
C LYS A 147 8.28 8.13 94.60
N TYR A 148 9.02 7.99 93.51
CA TYR A 148 10.47 7.81 93.64
C TYR A 148 11.31 9.09 93.50
N GLY A 149 10.71 10.16 92.98
CA GLY A 149 11.37 11.45 92.99
C GLY A 149 12.46 11.63 91.94
N LEU A 150 13.32 12.62 92.14
CA LEU A 150 14.36 12.95 91.17
C LEU A 150 15.77 12.74 91.68
N ASN A 151 16.74 12.88 90.78
CA ASN A 151 18.16 12.79 91.09
C ASN A 151 18.51 11.42 91.62
N LEU A 152 18.06 10.40 90.91
CA LEU A 152 18.34 9.03 91.30
C LEU A 152 19.74 8.62 90.82
N PRO A 153 20.36 7.64 91.51
CA PRO A 153 21.68 7.21 91.04
C PRO A 153 21.58 6.56 89.65
N MET A 154 22.59 6.78 88.83
CA MET A 154 22.64 6.20 87.50
C MET A 154 23.23 4.81 87.68
N VAL A 155 22.87 3.88 86.81
CA VAL A 155 23.35 2.51 86.92
C VAL A 155 24.41 2.27 85.85
N THR A 156 25.61 1.87 86.29
CA THR A 156 26.73 1.64 85.38
C THR A 156 26.71 0.24 84.77
N TYR A 157 26.63 0.16 83.44
CA TYR A 157 26.79 -1.11 82.75
C TYR A 157 27.99 -1.07 81.84
N VAL A 158 28.59 -2.22 81.58
CA VAL A 158 29.63 -2.30 80.58
C VAL A 158 28.98 -2.42 79.19
N LYS A 159 29.50 -1.70 78.22
CA LYS A 159 28.87 -1.68 76.88
C LYS A 159 29.28 -2.88 76.06
N ASP A 160 28.27 -3.60 75.57
CA ASP A 160 28.48 -4.81 74.78
C ASP A 160 28.65 -4.41 73.32
N GLU A 161 29.86 -4.50 72.81
CA GLU A 161 30.20 -3.96 71.47
C GLU A 161 31.54 -4.56 71.02
N LEU A 162 31.90 -4.37 69.76
CA LEU A 162 33.21 -4.81 69.32
C LEU A 162 34.29 -3.82 69.74
N ARG A 163 35.44 -4.35 70.11
CA ARG A 163 36.61 -3.56 70.45
C ARG A 163 37.82 -4.21 69.84
N SER A 164 38.87 -3.42 69.63
CA SER A 164 40.13 -3.94 69.10
C SER A 164 40.75 -4.95 70.04
N ILE A 165 41.56 -5.83 69.46
CA ILE A 165 42.27 -6.88 70.19
C ILE A 165 43.05 -6.32 71.37
N GLU A 166 43.74 -5.22 71.10
CA GLU A 166 44.53 -4.53 72.09
C GLU A 166 43.68 -4.13 73.29
N LYS A 167 42.52 -3.54 73.03
CA LYS A 167 41.66 -3.02 74.11
C LYS A 167 40.98 -4.16 74.88
N VAL A 168 40.94 -5.33 74.26
CA VAL A 168 40.38 -6.50 74.88
C VAL A 168 41.37 -6.98 75.91
N ALA A 169 42.63 -7.03 75.49
CA ALA A 169 43.70 -7.50 76.36
C ALA A 169 43.82 -6.55 77.53
N LYS A 170 43.83 -5.25 77.24
CA LYS A 170 43.94 -4.24 78.30
C LYS A 170 42.61 -4.00 79.04
N GLY A 171 41.58 -4.78 78.73
CA GLY A 171 40.28 -4.62 79.37
C GLY A 171 39.66 -3.24 79.26
N LYS A 172 40.01 -2.52 78.20
CA LYS A 172 39.51 -1.17 77.99
C LYS A 172 38.13 -1.20 77.33
N SER A 173 37.13 -1.55 78.12
CA SER A 173 35.76 -1.56 77.63
C SER A 173 35.12 -0.24 78.01
N ARG A 174 34.01 0.11 77.38
CA ARG A 174 33.39 1.39 77.66
C ARG A 174 32.24 1.17 78.61
N LEU A 175 31.92 2.21 79.37
CA LEU A 175 30.84 2.14 80.34
C LEU A 175 29.72 3.07 79.93
N ILE A 176 28.49 2.66 80.19
CA ILE A 176 27.37 3.56 80.02
C ILE A 176 26.67 3.81 81.36
N GLU A 177 26.03 4.96 81.46
CA GLU A 177 25.40 5.33 82.71
C GLU A 177 23.92 5.42 82.45
N ALA A 178 23.16 4.45 82.95
CA ALA A 178 21.73 4.43 82.73
C ALA A 178 21.05 5.53 83.54
N SER A 179 20.36 6.41 82.84
CA SER A 179 19.61 7.44 83.52
C SER A 179 18.24 6.90 83.92
N SER A 180 17.85 7.19 85.15
CA SER A 180 16.50 6.85 85.60
C SER A 180 15.46 7.53 84.71
N LEU A 181 14.41 6.78 84.39
CA LEU A 181 13.25 7.29 83.66
C LEU A 181 12.80 8.66 84.15
N ASN A 182 12.72 8.82 85.47
CA ASN A 182 12.28 10.07 86.09
C ASN A 182 13.16 11.24 85.67
N ASP A 183 14.47 11.06 85.79
CA ASP A 183 15.42 12.11 85.46
C ASP A 183 15.44 12.41 83.95
N SER A 184 15.33 11.38 83.12
CA SER A 184 15.21 11.59 81.68
C SER A 184 14.02 12.49 81.37
N VAL A 185 12.87 12.15 81.94
CA VAL A 185 11.67 12.95 81.75
C VAL A 185 11.89 14.37 82.26
N ALA A 186 12.37 14.49 83.49
CA ALA A 186 12.61 15.82 84.06
C ALA A 186 13.54 16.64 83.17
N MET A 187 14.66 16.05 82.76
CA MET A 187 15.57 16.67 81.82
C MET A 187 14.88 17.11 80.52
N ARG A 188 14.03 16.23 79.98
CA ARG A 188 13.39 16.53 78.69
C ARG A 188 12.36 17.64 78.86
N GLN A 189 11.68 17.62 79.99
CA GLN A 189 10.80 18.74 80.32
C GLN A 189 11.54 20.07 80.27
N THR A 190 12.64 20.12 81.02
CA THR A 190 13.40 21.37 81.18
C THR A 190 14.15 21.79 79.90
N PHE A 191 14.81 20.86 79.22
CA PHE A 191 15.68 21.25 78.10
C PHE A 191 15.17 20.79 76.75
N GLY A 192 13.98 20.20 76.70
CA GLY A 192 13.42 19.70 75.46
C GLY A 192 13.42 20.64 74.27
N ASN A 193 13.09 21.91 74.49
CA ASN A 193 13.06 22.87 73.39
C ASN A 193 14.44 23.17 72.84
N LEU A 194 15.43 23.17 73.71
CA LEU A 194 16.81 23.29 73.25
C LEU A 194 17.19 22.07 72.38
N TYR A 195 16.92 20.86 72.90
CA TYR A 195 17.13 19.61 72.16
C TYR A 195 16.57 19.65 70.74
N LYS A 196 15.31 20.09 70.68
CA LYS A 196 14.55 20.20 69.44
C LYS A 196 15.19 21.17 68.46
N THR A 197 15.56 22.34 68.96
CA THR A 197 16.16 23.39 68.14
C THR A 197 17.51 22.95 67.58
N PHE A 198 18.26 22.20 68.39
CA PHE A 198 19.54 21.67 67.92
C PHE A 198 19.29 20.63 66.81
N HIS A 199 18.41 19.66 67.09
CA HIS A 199 18.09 18.57 66.16
C HIS A 199 17.56 19.11 64.85
N LEU A 200 16.87 20.24 64.90
CA LEU A 200 16.36 20.86 63.68
C LEU A 200 17.41 21.68 62.96
N ASN A 201 18.51 22.00 63.62
CA ASN A 201 19.50 22.89 62.99
C ASN A 201 20.94 22.41 63.06
N PRO A 202 21.21 21.21 62.52
CA PRO A 202 22.64 20.85 62.45
C PRO A 202 23.36 21.80 61.50
N GLY A 203 24.62 22.10 61.80
CA GLY A 203 25.41 23.04 61.01
C GLY A 203 26.29 23.93 61.88
N VAL A 204 26.69 25.08 61.33
CA VAL A 204 27.71 25.90 62.00
C VAL A 204 27.12 26.98 62.91
N VAL A 205 25.80 27.08 62.96
CA VAL A 205 25.17 28.01 63.90
C VAL A 205 24.98 27.33 65.25
N THR A 206 24.46 26.09 65.27
CA THR A 206 24.47 25.29 66.50
C THR A 206 25.89 24.79 66.80
N GLY A 207 26.72 24.65 65.76
CA GLY A 207 28.04 24.09 65.95
C GLY A 207 27.93 22.60 66.18
N SER A 208 26.83 22.01 65.70
CA SER A 208 26.45 20.64 66.04
C SER A 208 25.96 19.82 64.84
N ALA A 209 26.32 18.54 64.79
CA ALA A 209 25.85 17.64 63.73
C ALA A 209 24.71 16.73 64.18
N VAL A 210 24.29 16.88 65.43
CA VAL A 210 23.23 16.03 65.97
C VAL A 210 21.94 16.28 65.19
N GLY A 211 21.39 15.21 64.60
CA GLY A 211 20.20 15.34 63.77
C GLY A 211 20.55 15.34 62.29
N CYS A 212 21.82 15.27 61.95
CA CYS A 212 22.16 15.24 60.51
C CYS A 212 22.02 13.83 59.91
N ASP A 213 21.83 13.81 58.61
CA ASP A 213 21.90 12.61 57.82
C ASP A 213 23.13 12.74 56.94
N PRO A 214 24.22 12.08 57.34
CA PRO A 214 25.49 12.14 56.60
C PRO A 214 25.34 11.99 55.08
N ASP A 215 24.40 11.17 54.57
CA ASP A 215 24.23 11.05 53.10
C ASP A 215 23.94 12.40 52.48
N LEU A 216 23.17 13.23 53.19
CA LEU A 216 22.81 14.55 52.69
C LEU A 216 23.75 15.64 53.20
N PHE A 217 24.11 15.55 54.48
CA PHE A 217 24.84 16.61 55.19
C PHE A 217 26.26 16.81 54.70
N TRP A 218 26.87 15.73 54.20
CA TRP A 218 28.26 15.78 53.79
C TRP A 218 28.47 16.78 52.65
N SER A 219 27.47 16.95 51.80
CA SER A 219 27.58 17.88 50.68
C SER A 219 27.58 19.32 51.17
N LYS A 220 26.92 19.58 52.30
CA LYS A 220 26.83 20.93 52.87
C LYS A 220 28.08 21.34 53.67
N ILE A 221 28.75 20.38 54.28
CA ILE A 221 29.90 20.65 55.16
C ILE A 221 31.04 21.50 54.51
N PRO A 222 31.56 21.13 53.32
CA PRO A 222 32.62 21.97 52.74
C PRO A 222 32.21 23.40 52.40
N VAL A 223 30.92 23.65 52.20
CA VAL A 223 30.42 24.98 51.94
C VAL A 223 30.45 25.78 53.24
N MET A 224 30.07 25.14 54.34
CA MET A 224 30.08 25.78 55.64
C MET A 224 31.50 25.91 56.18
N LEU A 225 32.34 24.93 55.91
CA LEU A 225 33.73 24.97 56.40
C LEU A 225 34.67 25.33 55.27
N ASP A 226 34.63 26.58 54.83
CA ASP A 226 35.38 26.95 53.63
C ASP A 226 36.83 27.42 53.87
N GLY A 227 37.26 27.43 55.13
CA GLY A 227 38.61 27.86 55.45
C GLY A 227 39.59 26.71 55.46
N HIS A 228 40.72 26.90 56.12
CA HIS A 228 41.67 25.81 56.37
C HIS A 228 41.16 24.91 57.50
N LEU A 229 41.20 23.60 57.29
CA LEU A 229 40.59 22.63 58.19
C LEU A 229 41.28 22.47 59.54
N ILE A 230 40.48 22.30 60.59
CA ILE A 230 41.00 21.95 61.92
C ILE A 230 40.33 20.68 62.41
N ALA A 231 41.14 19.70 62.83
CA ALA A 231 40.63 18.47 63.36
C ALA A 231 41.64 17.80 64.25
N PHE A 232 41.15 17.10 65.27
CA PHE A 232 41.97 16.33 66.19
C PHE A 232 41.07 15.39 66.97
N ASP A 233 41.68 14.45 67.69
CA ASP A 233 40.92 13.53 68.52
C ASP A 233 41.05 13.93 69.98
N TYR A 234 40.11 13.47 70.79
CA TYR A 234 40.21 13.49 72.25
C TYR A 234 40.33 12.06 72.76
N SER A 235 41.01 11.85 73.89
CA SER A 235 40.93 10.57 74.59
C SER A 235 40.06 10.74 75.82
N GLY A 236 39.11 9.84 75.99
CA GLY A 236 38.15 9.88 77.08
C GLY A 236 37.62 11.27 77.36
N TYR A 237 37.10 11.93 76.32
CA TYR A 237 36.56 13.29 76.44
C TYR A 237 35.59 13.44 77.58
N ASP A 238 34.48 12.71 77.48
CA ASP A 238 33.42 12.73 78.49
C ASP A 238 33.96 12.69 79.92
N ALA A 239 34.73 11.65 80.21
CA ALA A 239 35.23 11.44 81.56
C ALA A 239 36.32 12.45 81.93
N SER A 240 36.93 13.06 80.91
CA SER A 240 38.00 14.03 81.17
C SER A 240 37.51 15.44 81.55
N LEU A 241 36.25 15.76 81.29
CA LEU A 241 35.76 17.12 81.53
C LEU A 241 35.82 17.52 83.01
N SER A 242 36.54 18.60 83.31
CA SER A 242 36.60 19.11 84.68
C SER A 242 35.40 20.01 84.95
N PRO A 243 35.03 20.14 86.22
CA PRO A 243 33.86 20.94 86.63
C PRO A 243 33.81 22.33 86.01
N VAL A 244 34.96 22.93 85.73
CA VAL A 244 35.00 24.30 85.21
C VAL A 244 34.26 24.38 83.86
N TRP A 245 34.34 23.31 83.07
CA TRP A 245 33.62 23.29 81.79
C TRP A 245 32.11 23.28 82.02
N PHE A 246 31.68 22.58 83.07
CA PHE A 246 30.26 22.58 83.46
C PHE A 246 29.84 23.97 83.95
N ALA A 247 30.71 24.64 84.70
CA ALA A 247 30.44 26.05 85.02
C ALA A 247 30.27 26.88 83.75
N CYS A 248 31.08 26.61 82.74
CA CYS A 248 30.95 27.34 81.47
C CYS A 248 29.60 27.07 80.84
N LEU A 249 29.18 25.82 80.84
CA LEU A 249 27.91 25.43 80.23
C LEU A 249 26.76 26.15 80.97
N LYS A 250 26.77 26.07 82.31
CA LYS A 250 25.75 26.77 83.10
C LYS A 250 25.69 28.23 82.74
N MET A 251 26.84 28.85 82.58
CA MET A 251 26.87 30.25 82.15
C MET A 251 26.27 30.49 80.78
N ILE A 252 26.58 29.66 79.78
CA ILE A 252 25.97 29.90 78.48
C ILE A 252 24.47 29.63 78.51
N LEU A 253 24.04 28.60 79.24
CA LEU A 253 22.60 28.37 79.39
C LEU A 253 21.89 29.59 80.01
N GLU A 254 22.51 30.19 81.04
CA GLU A 254 21.98 31.41 81.64
C GLU A 254 21.84 32.53 80.61
N LYS A 255 22.86 32.74 79.79
CA LYS A 255 22.75 33.74 78.71
C LYS A 255 21.65 33.39 77.69
N LEU A 256 21.16 32.15 77.70
CA LEU A 256 20.09 31.80 76.78
C LEU A 256 18.74 32.12 77.39
N GLY A 257 18.73 32.35 78.71
CA GLY A 257 17.51 32.69 79.41
C GLY A 257 17.14 31.73 80.51
N TYR A 258 18.01 30.75 80.75
CA TYR A 258 17.72 29.75 81.76
C TYR A 258 17.98 30.29 83.15
N THR A 259 17.18 29.76 84.06
CA THR A 259 17.17 30.19 85.44
C THR A 259 18.05 29.24 86.27
N HIS A 260 18.57 29.72 87.39
CA HIS A 260 19.36 28.88 88.26
C HIS A 260 18.63 27.60 88.67
N LYS A 261 17.31 27.68 88.75
CA LYS A 261 16.53 26.47 88.98
C LYS A 261 16.85 25.44 87.92
N GLU A 262 16.88 25.87 86.65
CA GLU A 262 17.07 24.93 85.55
C GLU A 262 18.53 24.55 85.33
N THR A 263 19.45 25.51 85.39
CA THR A 263 20.88 25.15 85.28
C THR A 263 21.31 24.28 86.47
N ASN A 264 20.51 24.22 87.53
CA ASN A 264 20.81 23.29 88.61
C ASN A 264 20.88 21.85 88.14
N TYR A 265 20.14 21.51 87.08
CA TYR A 265 20.19 20.14 86.56
C TYR A 265 21.60 19.74 86.16
N ILE A 266 22.38 20.70 85.64
CA ILE A 266 23.75 20.41 85.23
C ILE A 266 24.60 19.93 86.41
N ASP A 267 24.33 20.45 87.61
CA ASP A 267 25.04 20.00 88.82
C ASP A 267 24.95 18.49 89.03
N TYR A 268 23.82 17.91 88.65
CA TYR A 268 23.61 16.47 88.78
C TYR A 268 24.24 15.70 87.62
N LEU A 269 24.63 16.41 86.56
CA LEU A 269 25.47 15.84 85.53
C LEU A 269 26.91 15.81 85.97
N CYS A 270 27.38 16.98 86.44
CA CYS A 270 28.78 17.17 86.79
C CYS A 270 29.13 16.42 88.05
N ASN A 271 28.25 16.51 89.03
CA ASN A 271 28.47 15.89 90.32
C ASN A 271 27.46 14.76 90.46
N SER A 272 27.84 13.58 90.01
CA SER A 272 26.89 12.53 89.76
C SER A 272 27.03 11.37 90.72
N HIS A 273 26.08 10.44 90.67
CA HIS A 273 25.93 9.36 91.66
C HIS A 273 25.62 8.10 90.90
N HIS A 274 26.37 7.05 91.16
CA HIS A 274 26.28 5.84 90.36
C HIS A 274 26.17 4.56 91.17
N LEU A 275 25.54 3.55 90.59
CA LEU A 275 25.55 2.19 91.13
C LEU A 275 26.29 1.28 90.16
N TYR A 276 27.29 0.59 90.66
CA TYR A 276 27.95 -0.45 89.89
C TYR A 276 28.04 -1.72 90.71
N ARG A 277 27.31 -2.73 90.23
CA ARG A 277 27.22 -4.01 90.89
C ARG A 277 26.73 -3.83 92.33
N ASP A 278 27.66 -3.90 93.29
CA ASP A 278 27.27 -3.75 94.68
C ASP A 278 27.91 -2.51 95.36
N LYS A 279 28.29 -1.52 94.55
CA LYS A 279 28.94 -0.32 95.07
C LYS A 279 28.19 0.92 94.64
N HIS A 280 28.20 1.92 95.52
CA HIS A 280 27.64 3.23 95.22
C HIS A 280 28.80 4.20 95.22
N TYR A 281 28.98 4.97 94.14
CA TYR A 281 30.11 5.88 94.07
C TYR A 281 29.70 7.19 93.47
N PHE A 282 30.48 8.24 93.77
CA PHE A 282 30.16 9.61 93.42
C PHE A 282 31.28 10.13 92.53
N VAL A 283 30.91 10.78 91.44
CA VAL A 283 31.90 11.31 90.54
C VAL A 283 31.77 12.80 90.46
N ARG A 284 32.91 13.47 90.53
CA ARG A 284 32.94 14.91 90.37
C ARG A 284 33.63 15.16 89.06
N GLY A 285 32.96 15.92 88.19
CA GLY A 285 33.43 16.15 86.84
C GLY A 285 33.03 14.97 85.97
N GLY A 286 33.12 15.16 84.66
CA GLY A 286 32.75 14.12 83.71
C GLY A 286 31.29 14.19 83.29
N MET A 287 31.07 14.05 82.00
CA MET A 287 29.72 13.93 81.48
C MET A 287 29.38 12.46 81.62
N PRO A 288 28.35 12.13 82.40
CA PRO A 288 27.95 10.72 82.59
C PRO A 288 27.20 10.23 81.39
N SER A 289 27.93 9.67 80.43
CA SER A 289 27.36 9.22 79.16
C SER A 289 26.20 8.26 79.33
N GLY A 290 25.03 8.70 78.89
CA GLY A 290 23.79 7.98 79.17
C GLY A 290 22.72 8.82 79.86
N CYS A 291 23.08 10.01 80.32
CA CYS A 291 22.11 10.89 80.97
C CYS A 291 21.35 11.54 79.82
N SER A 292 20.20 12.14 80.06
CA SER A 292 19.54 12.80 78.94
C SER A 292 20.42 13.98 78.52
N GLY A 293 20.47 14.25 77.22
CA GLY A 293 21.22 15.37 76.67
C GLY A 293 22.73 15.19 76.55
N THR A 294 23.27 13.98 76.73
CA THR A 294 24.73 13.84 76.68
C THR A 294 25.27 14.38 75.34
N SER A 295 24.68 14.00 74.21
CA SER A 295 25.16 14.46 72.89
C SER A 295 25.20 15.98 72.75
N ILE A 296 24.06 16.60 73.02
CA ILE A 296 23.92 18.01 72.86
C ILE A 296 24.79 18.83 73.84
N PHE A 297 24.82 18.43 75.11
CA PHE A 297 25.63 19.15 76.10
C PHE A 297 27.12 18.95 75.87
N ASN A 298 27.51 17.71 75.55
CA ASN A 298 28.88 17.45 75.06
C ASN A 298 29.25 18.30 73.86
N SER A 299 28.34 18.48 72.91
CA SER A 299 28.64 19.30 71.73
C SER A 299 28.74 20.78 72.09
N MET A 300 27.84 21.25 72.96
CA MET A 300 27.84 22.64 73.40
C MET A 300 29.15 22.96 74.11
N ILE A 301 29.58 22.02 74.94
CA ILE A 301 30.83 22.22 75.65
C ILE A 301 32.01 22.17 74.67
N ASN A 302 31.96 21.26 73.72
CA ASN A 302 33.02 21.21 72.72
C ASN A 302 33.16 22.58 72.05
N ASN A 303 32.03 23.24 71.85
CA ASN A 303 32.01 24.51 71.16
C ASN A 303 32.65 25.61 72.02
N ILE A 304 32.48 25.49 73.33
CA ILE A 304 33.12 26.39 74.26
C ILE A 304 34.61 26.11 74.29
N ILE A 305 34.95 24.84 74.42
CA ILE A 305 36.35 24.41 74.53
C ILE A 305 37.26 24.87 73.37
N ILE A 306 36.86 24.59 72.13
CA ILE A 306 37.70 24.95 71.00
C ILE A 306 37.92 26.47 70.94
N ARG A 307 36.86 27.26 71.16
CA ARG A 307 37.00 28.72 71.10
C ARG A 307 37.98 29.18 72.18
N THR A 308 37.84 28.58 73.35
CA THR A 308 38.68 28.91 74.50
C THR A 308 40.16 28.71 74.19
N LEU A 309 40.48 27.54 73.66
CA LEU A 309 41.84 27.20 73.30
C LEU A 309 42.39 28.11 72.20
N MET A 310 41.54 28.49 71.25
CA MET A 310 41.98 29.38 70.19
C MET A 310 42.37 30.72 70.74
N LEU A 311 41.52 31.24 71.62
CA LEU A 311 41.68 32.57 72.17
C LEU A 311 42.86 32.58 73.13
N LYS A 312 43.07 31.46 73.82
CA LYS A 312 44.16 31.39 74.77
C LYS A 312 45.48 31.38 74.05
N VAL A 313 45.55 30.56 73.00
CA VAL A 313 46.79 30.35 72.28
C VAL A 313 47.11 31.52 71.33
N TYR A 314 46.13 31.89 70.51
CA TYR A 314 46.29 33.01 69.59
C TYR A 314 45.56 34.20 70.17
N LYS A 315 46.25 34.93 71.04
CA LYS A 315 45.63 36.11 71.61
C LYS A 315 45.43 37.13 70.49
N GLY A 316 44.21 37.66 70.39
CA GLY A 316 43.90 38.58 69.30
C GLY A 316 42.94 38.07 68.23
N ILE A 317 42.80 36.76 68.13
CA ILE A 317 42.11 36.09 67.02
C ILE A 317 40.62 36.46 66.83
N ASP A 318 40.14 36.43 65.58
CA ASP A 318 38.76 36.80 65.26
C ASP A 318 37.91 35.56 65.09
N LEU A 319 36.98 35.33 66.02
CA LEU A 319 36.21 34.10 66.00
C LEU A 319 35.11 34.14 64.96
N ASP A 320 34.78 35.33 64.46
CA ASP A 320 33.68 35.46 63.50
C ASP A 320 33.98 34.77 62.19
N GLN A 321 35.24 34.42 62.01
CA GLN A 321 35.69 33.73 60.81
C GLN A 321 35.80 32.24 61.10
N PHE A 322 35.67 31.89 62.38
CA PHE A 322 35.78 30.50 62.82
C PHE A 322 34.47 29.74 62.56
N ARG A 323 34.63 28.48 62.16
CA ARG A 323 33.49 27.59 61.89
C ARG A 323 33.78 26.22 62.49
N MET A 324 32.81 25.64 63.17
CA MET A 324 32.99 24.27 63.66
C MET A 324 31.68 23.49 63.75
N ILE A 325 31.80 22.17 63.62
CA ILE A 325 30.68 21.25 63.72
C ILE A 325 31.12 20.12 64.63
N ALA A 326 30.46 19.99 65.78
CA ALA A 326 30.78 18.93 66.71
C ALA A 326 29.67 17.88 66.77
N TYR A 327 30.05 16.64 67.04
CA TYR A 327 29.09 15.62 67.48
C TYR A 327 29.65 15.02 68.76
N GLY A 328 29.19 15.51 69.91
CA GLY A 328 29.77 15.10 71.18
C GLY A 328 31.21 15.58 71.14
N ASP A 329 32.17 14.66 71.25
CA ASP A 329 33.58 15.07 71.19
C ASP A 329 34.12 15.14 69.76
N ASP A 330 33.44 14.48 68.83
CA ASP A 330 33.89 14.49 67.45
C ASP A 330 33.76 15.89 66.87
N VAL A 331 34.82 16.35 66.20
CA VAL A 331 34.81 17.70 65.67
C VAL A 331 35.55 17.86 64.36
N ILE A 332 35.00 18.74 63.55
CA ILE A 332 35.61 19.21 62.33
C ILE A 332 35.40 20.72 62.29
N ALA A 333 36.43 21.47 61.92
CA ALA A 333 36.36 22.92 61.95
C ALA A 333 37.20 23.57 60.86
N SER A 334 37.12 24.89 60.78
CA SER A 334 37.93 25.62 59.83
C SER A 334 38.14 27.07 60.26
N TYR A 335 39.30 27.60 59.91
CA TYR A 335 39.64 29.00 60.12
C TYR A 335 40.38 29.47 58.88
N PRO A 336 40.17 30.73 58.47
CA PRO A 336 40.76 31.20 57.20
C PRO A 336 42.29 31.16 57.22
N TRP A 337 42.87 31.32 58.39
CA TRP A 337 44.31 31.27 58.54
C TRP A 337 44.72 30.00 59.27
N PRO A 338 45.86 29.44 58.90
CA PRO A 338 46.36 28.19 59.48
C PRO A 338 46.40 28.20 60.99
N ILE A 339 46.17 27.05 61.59
CA ILE A 339 46.12 26.91 63.05
C ILE A 339 46.91 25.68 63.45
N ASP A 340 47.77 25.81 64.44
CA ASP A 340 48.58 24.66 64.85
C ASP A 340 47.86 23.91 65.97
N ALA A 341 47.29 22.77 65.59
CA ALA A 341 46.52 21.93 66.50
C ALA A 341 47.35 21.41 67.67
N SER A 342 48.66 21.28 67.47
CA SER A 342 49.50 20.73 68.51
C SER A 342 49.58 21.70 69.69
N LEU A 343 49.45 23.00 69.36
CA LEU A 343 49.47 24.08 70.36
C LEU A 343 48.15 24.15 71.07
N LEU A 344 47.08 23.89 70.33
CA LEU A 344 45.76 23.86 70.93
C LEU A 344 45.74 22.69 71.92
N ALA A 345 46.42 21.61 71.58
CA ALA A 345 46.44 20.44 72.45
C ALA A 345 47.24 20.71 73.73
N GLU A 346 48.29 21.50 73.60
CA GLU A 346 49.10 21.84 74.76
C GLU A 346 48.28 22.73 75.72
N ALA A 347 47.56 23.69 75.15
CA ALA A 347 46.61 24.46 75.95
C ALA A 347 45.52 23.51 76.51
N GLY A 348 45.03 22.61 75.66
CA GLY A 348 44.11 21.59 76.10
C GLY A 348 44.55 20.88 77.35
N LYS A 349 45.80 20.41 77.35
CA LYS A 349 46.37 19.66 78.48
C LYS A 349 46.25 20.42 79.80
N GLY A 350 46.45 21.74 79.74
CA GLY A 350 46.41 22.52 80.96
C GLY A 350 45.01 22.60 81.52
N TYR A 351 44.03 22.49 80.62
CA TYR A 351 42.65 22.50 81.06
C TYR A 351 42.15 21.10 81.40
N GLY A 352 43.06 20.13 81.47
CA GLY A 352 42.68 18.76 81.75
C GLY A 352 42.09 18.02 80.57
N LEU A 353 42.37 18.47 79.35
CA LEU A 353 41.87 17.78 78.18
C LEU A 353 42.99 17.04 77.43
N ILE A 354 42.70 15.84 76.95
CA ILE A 354 43.69 15.06 76.24
C ILE A 354 43.41 15.02 74.74
N MET A 355 44.17 15.81 73.98
CA MET A 355 43.96 15.97 72.55
C MET A 355 45.10 15.37 71.77
N THR A 356 44.77 14.51 70.81
CA THR A 356 45.74 13.82 69.97
C THR A 356 45.52 14.13 68.48
N PRO A 357 46.49 13.75 67.63
CA PRO A 357 46.27 13.99 66.19
C PRO A 357 45.06 13.23 65.66
N ALA A 358 44.34 13.84 64.72
CA ALA A 358 43.13 13.26 64.13
C ALA A 358 43.35 11.84 63.59
N ASP A 359 42.36 10.97 63.81
CA ASP A 359 42.36 9.61 63.29
C ASP A 359 43.61 8.83 63.71
N LYS A 360 43.97 8.97 64.98
CA LYS A 360 45.06 8.21 65.59
C LYS A 360 46.39 8.29 64.83
N GLY A 361 46.61 9.38 64.11
CA GLY A 361 47.92 9.69 63.56
C GLY A 361 48.90 9.97 64.70
N GLU A 362 50.20 10.05 64.39
CA GLU A 362 51.19 10.18 65.46
C GLU A 362 51.90 11.55 65.41
N CYS A 363 51.70 12.29 64.33
CA CYS A 363 52.06 13.70 64.29
C CYS A 363 50.84 14.55 63.94
N PHE A 364 50.75 15.76 64.49
CA PHE A 364 49.67 16.65 64.08
C PHE A 364 49.96 17.14 62.68
N ASN A 365 49.33 16.49 61.71
CA ASN A 365 49.57 16.81 60.31
C ASN A 365 48.59 17.83 59.76
N GLU A 366 48.89 18.35 58.60
CA GLU A 366 47.93 19.12 57.86
C GLU A 366 46.68 18.24 57.68
N VAL A 367 45.53 18.84 57.94
CA VAL A 367 44.28 18.16 57.75
C VAL A 367 43.71 18.63 56.42
N THR A 368 43.46 17.67 55.54
CA THR A 368 42.97 17.94 54.20
C THR A 368 41.59 17.32 54.01
N TRP A 369 40.86 17.81 53.02
CA TRP A 369 39.63 17.15 52.65
C TRP A 369 39.85 15.70 52.22
N THR A 370 41.09 15.36 51.89
CA THR A 370 41.42 14.00 51.49
C THR A 370 41.50 13.07 52.69
N ASN A 371 42.01 13.57 53.81
CA ASN A 371 42.25 12.70 54.97
C ASN A 371 41.40 12.99 56.21
N VAL A 372 40.57 14.04 56.16
CA VAL A 372 39.74 14.40 57.32
C VAL A 372 38.56 13.44 57.42
N THR A 373 38.23 13.02 58.63
CA THR A 373 37.05 12.19 58.85
C THR A 373 36.11 12.88 59.84
N PHE A 374 34.86 12.44 59.85
CA PHE A 374 33.86 12.94 60.80
C PHE A 374 32.83 11.84 60.87
N LEU A 375 32.39 11.49 62.08
CA LEU A 375 31.47 10.35 62.26
C LEU A 375 32.02 9.12 61.55
N LYS A 376 33.33 8.91 61.72
CA LYS A 376 34.10 7.83 61.08
C LYS A 376 34.08 7.85 59.55
N ARG A 377 33.65 8.96 58.96
CA ARG A 377 33.47 8.96 57.50
C ARG A 377 34.39 9.93 56.81
N TYR A 378 35.00 9.49 55.71
CA TYR A 378 35.76 10.39 54.85
C TYR A 378 34.81 11.21 53.98
N PHE A 379 35.39 12.20 53.31
CA PHE A 379 34.68 13.04 52.35
C PHE A 379 35.22 12.77 50.97
N ARG A 380 34.35 12.46 50.01
CA ARG A 380 34.78 12.30 48.59
C ARG A 380 33.79 12.94 47.63
N ALA A 381 34.29 13.83 46.78
CA ALA A 381 33.44 14.44 45.78
C ALA A 381 32.98 13.40 44.78
N ASP A 382 31.71 13.48 44.40
CA ASP A 382 31.23 12.65 43.32
C ASP A 382 32.02 12.94 42.04
N GLU A 383 32.32 11.90 41.27
CA GLU A 383 33.05 12.05 39.99
C GLU A 383 32.20 12.80 38.97
N GLN A 384 30.92 12.43 38.89
CA GLN A 384 29.96 13.10 38.02
C GLN A 384 29.61 14.50 38.54
N TYR A 385 28.90 14.57 39.67
CA TYR A 385 28.46 15.85 40.21
C TYR A 385 29.32 16.30 41.38
N PRO A 386 30.34 17.13 41.09
CA PRO A 386 31.37 17.40 42.08
C PRO A 386 30.88 18.26 43.24
N PHE A 387 29.68 18.81 43.15
CA PHE A 387 29.14 19.49 44.30
C PHE A 387 28.47 18.53 45.29
N LEU A 388 28.28 17.27 44.90
CA LEU A 388 27.77 16.25 45.83
C LEU A 388 28.94 15.46 46.41
N VAL A 389 28.90 15.26 47.72
CA VAL A 389 30.01 14.66 48.45
C VAL A 389 29.58 13.38 49.11
N HIS A 390 30.39 12.34 48.93
CA HIS A 390 30.10 11.02 49.49
C HIS A 390 30.66 10.93 50.89
N PRO A 391 29.80 10.53 51.85
CA PRO A 391 30.34 10.10 53.15
C PRO A 391 30.95 8.71 52.96
N VAL A 392 32.26 8.56 53.13
CA VAL A 392 32.86 7.25 52.85
C VAL A 392 33.37 6.55 54.10
N MET A 393 32.56 5.65 54.61
CA MET A 393 32.97 4.77 55.69
C MET A 393 33.92 3.69 55.21
N PRO A 394 35.09 3.56 55.86
CA PRO A 394 36.12 2.57 55.51
C PRO A 394 35.58 1.15 55.43
N MET A 395 35.84 0.47 54.32
CA MET A 395 35.38 -0.90 54.14
C MET A 395 35.81 -1.80 55.28
N LYS A 396 36.94 -1.48 55.91
CA LYS A 396 37.45 -2.32 56.98
C LYS A 396 36.54 -2.22 58.21
N ASP A 397 35.97 -1.06 58.46
CA ASP A 397 35.02 -0.95 59.57
C ASP A 397 33.71 -1.64 59.22
N ILE A 398 33.35 -1.59 57.95
CA ILE A 398 32.15 -2.30 57.52
C ILE A 398 32.39 -3.80 57.68
N HIS A 399 33.61 -4.23 57.32
CA HIS A 399 34.03 -5.61 57.49
C HIS A 399 33.94 -6.07 58.96
N GLU A 400 34.39 -5.23 59.89
CA GLU A 400 34.32 -5.63 61.29
C GLU A 400 32.88 -5.95 61.70
N SER A 401 31.92 -5.08 61.36
CA SER A 401 30.50 -5.30 61.69
C SER A 401 29.94 -6.64 61.16
N ILE A 402 30.24 -6.96 59.90
CA ILE A 402 29.63 -8.10 59.25
C ILE A 402 30.11 -9.42 59.84
N ARG A 403 31.27 -9.40 60.50
CA ARG A 403 31.85 -10.64 61.02
C ARG A 403 31.21 -11.13 62.32
N TRP A 404 30.18 -10.43 62.79
CA TRP A 404 29.54 -10.77 64.06
C TRP A 404 28.04 -10.57 63.97
N THR A 405 27.32 -11.17 64.91
CA THR A 405 25.86 -11.01 64.98
C THR A 405 25.38 -11.22 66.40
N LYS A 406 24.34 -10.50 66.79
CA LYS A 406 23.72 -10.70 68.09
C LYS A 406 22.53 -11.61 67.99
N ASP A 407 22.16 -11.91 66.75
CA ASP A 407 21.03 -12.75 66.41
C ASP A 407 20.98 -12.93 64.90
N PRO A 408 21.32 -14.13 64.43
CA PRO A 408 21.39 -14.44 62.99
C PRO A 408 20.05 -14.28 62.29
N LYS A 409 18.96 -14.19 63.04
CA LYS A 409 17.65 -13.85 62.48
C LYS A 409 17.68 -12.47 61.78
N ASN A 410 18.65 -11.63 62.14
CA ASN A 410 18.69 -10.27 61.62
C ASN A 410 19.63 -10.13 60.46
N THR A 411 20.10 -11.26 59.91
CA THR A 411 21.18 -11.21 58.92
C THR A 411 20.87 -10.33 57.71
N GLN A 412 19.66 -10.45 57.19
CA GLN A 412 19.19 -9.67 56.04
C GLN A 412 19.24 -8.16 56.31
N ASP A 413 18.61 -7.73 57.40
CA ASP A 413 18.64 -6.32 57.80
C ASP A 413 20.06 -5.80 58.06
N HIS A 414 20.84 -6.58 58.81
CA HIS A 414 22.24 -6.23 59.10
C HIS A 414 23.06 -5.97 57.82
N VAL A 415 23.11 -6.95 56.92
CA VAL A 415 23.92 -6.83 55.70
C VAL A 415 23.40 -5.72 54.74
N ARG A 416 22.09 -5.59 54.64
CA ARG A 416 21.50 -4.52 53.82
C ARG A 416 21.91 -3.14 54.34
N SER A 417 21.89 -2.97 55.67
CA SER A 417 22.33 -1.72 56.27
C SER A 417 23.78 -1.44 55.93
N LEU A 418 24.61 -2.48 55.93
CA LEU A 418 26.01 -2.28 55.62
C LEU A 418 26.19 -1.88 54.14
N CYS A 419 25.36 -2.45 53.25
CA CYS A 419 25.41 -2.10 51.83
C CYS A 419 25.21 -0.59 51.62
N LEU A 420 24.26 0.00 52.34
CA LEU A 420 24.00 1.43 52.28
C LEU A 420 25.17 2.26 52.80
N LEU A 421 26.04 1.62 53.57
CA LEU A 421 27.25 2.28 54.00
C LEU A 421 28.34 2.06 52.97
N ALA A 422 28.44 0.83 52.46
CA ALA A 422 29.55 0.42 51.60
C ALA A 422 29.60 1.10 50.24
N TRP A 423 28.44 1.35 49.64
CA TRP A 423 28.39 1.73 48.22
C TRP A 423 29.10 3.05 47.91
N HIS A 424 29.04 3.99 48.86
CA HIS A 424 29.82 5.22 48.81
C HIS A 424 31.32 5.01 48.59
N ASN A 425 31.80 3.79 48.75
CA ASN A 425 33.21 3.50 48.50
C ASN A 425 33.50 3.33 47.00
N GLY A 426 32.45 3.36 46.17
CA GLY A 426 32.63 3.08 44.76
C GLY A 426 32.03 1.80 44.21
N GLU A 427 31.75 1.78 42.91
CA GLU A 427 31.17 0.59 42.30
C GLU A 427 32.11 -0.61 42.44
N HIS A 428 33.40 -0.38 42.29
CA HIS A 428 34.35 -1.50 42.31
C HIS A 428 34.39 -2.16 43.68
N GLU A 429 34.54 -1.35 44.72
CA GLU A 429 34.58 -1.85 46.10
C GLU A 429 33.27 -2.51 46.47
N TYR A 430 32.18 -1.91 46.03
CA TYR A 430 30.88 -2.45 46.38
C TYR A 430 30.74 -3.85 45.83
N GLU A 431 31.06 -3.98 44.54
CA GLU A 431 30.93 -5.26 43.87
C GLU A 431 31.81 -6.30 44.52
N GLU A 432 33.04 -5.93 44.88
CA GLU A 432 33.88 -6.90 45.58
C GLU A 432 33.23 -7.37 46.89
N PHE A 433 32.62 -6.43 47.61
CA PHE A 433 31.93 -6.67 48.89
C PHE A 433 30.72 -7.58 48.67
N ILE A 434 29.94 -7.25 47.65
CA ILE A 434 28.81 -8.09 47.25
C ILE A 434 29.26 -9.51 46.87
N ARG A 435 30.37 -9.63 46.14
CA ARG A 435 30.88 -10.95 45.73
C ARG A 435 31.23 -11.83 46.94
N LYS A 436 32.01 -11.28 47.87
CA LYS A 436 32.42 -12.00 49.08
C LYS A 436 31.23 -12.42 49.92
N ILE A 437 30.21 -11.56 49.97
CA ILE A 437 28.97 -11.95 50.65
C ILE A 437 28.35 -13.15 49.95
N ARG A 438 28.34 -13.14 48.62
CA ARG A 438 27.75 -14.23 47.85
C ARG A 438 28.66 -15.45 47.81
N SER A 439 29.88 -15.33 48.33
CA SER A 439 30.84 -16.44 48.31
C SER A 439 30.55 -17.46 49.39
N VAL A 440 29.37 -17.37 49.98
CA VAL A 440 29.04 -18.18 51.12
C VAL A 440 27.55 -18.47 51.05
N PRO A 441 27.13 -19.67 51.47
CA PRO A 441 25.75 -20.11 51.21
C PRO A 441 24.67 -19.16 51.72
N VAL A 442 24.79 -18.64 52.93
CA VAL A 442 23.77 -17.71 53.43
C VAL A 442 23.72 -16.41 52.62
N GLY A 443 24.88 -15.96 52.15
CA GLY A 443 24.95 -14.77 51.31
C GLY A 443 24.05 -14.82 50.08
N ARG A 444 24.08 -15.95 49.38
CA ARG A 444 23.26 -16.18 48.20
C ARG A 444 21.75 -16.24 48.50
N CYS A 445 21.37 -16.17 49.78
CA CYS A 445 19.95 -16.17 50.14
C CYS A 445 19.45 -14.76 50.47
N LEU A 446 20.36 -13.80 50.41
CA LEU A 446 19.99 -12.46 50.83
C LEU A 446 19.60 -11.62 49.64
N THR A 447 18.65 -10.72 49.87
CA THR A 447 18.26 -9.72 48.88
C THR A 447 19.10 -8.47 49.10
N LEU A 448 20.00 -8.22 48.17
CA LEU A 448 20.98 -7.14 48.27
C LEU A 448 20.76 -6.05 47.21
N PRO A 449 20.65 -4.77 47.64
CA PRO A 449 20.40 -3.66 46.70
C PRO A 449 21.49 -3.53 45.64
N ALA A 450 21.09 -3.24 44.40
CA ALA A 450 22.10 -3.05 43.35
C ALA A 450 22.70 -1.66 43.47
N PHE A 451 23.97 -1.55 43.11
CA PHE A 451 24.70 -0.30 43.14
C PHE A 451 23.90 0.83 42.50
N SER A 452 23.49 0.60 41.25
CA SER A 452 22.79 1.60 40.43
C SER A 452 21.55 2.12 41.11
N THR A 453 20.87 1.23 41.83
CA THR A 453 19.68 1.62 42.57
C THR A 453 20.10 2.57 43.71
N LEU A 454 21.17 2.21 44.43
CA LEU A 454 21.63 3.01 45.55
C LEU A 454 22.04 4.40 45.04
N ARG A 455 22.82 4.42 43.98
CA ARG A 455 23.24 5.70 43.42
C ARG A 455 22.05 6.53 42.98
N ARG A 456 21.05 5.90 42.38
CA ARG A 456 19.91 6.66 41.89
C ARG A 456 19.15 7.28 43.03
N LYS A 457 18.96 6.50 44.09
CA LYS A 457 18.19 6.96 45.24
C LYS A 457 18.86 8.14 45.93
N TRP A 458 20.20 8.12 45.91
CA TRP A 458 20.99 9.14 46.56
C TRP A 458 20.87 10.46 45.78
N LEU A 459 21.18 10.40 44.48
CA LEU A 459 20.98 11.53 43.57
C LEU A 459 19.58 12.12 43.67
N ASP A 460 18.58 11.23 43.73
CA ASP A 460 17.20 11.69 43.91
C ASP A 460 17.01 12.45 45.21
N SER A 461 17.81 12.12 46.22
CA SER A 461 17.68 12.73 47.55
C SER A 461 17.91 14.22 47.51
N PHE A 462 18.66 14.68 46.50
CA PHE A 462 18.97 16.10 46.36
C PHE A 462 17.99 16.87 45.47
N GLY A 463 16.86 16.25 45.15
CA GLY A 463 15.83 16.91 44.36
C GLY A 463 14.58 17.21 45.17
N GLY E 1 -35.33 12.86 8.65
CA GLY E 1 -34.98 11.47 8.44
C GLY E 1 -36.08 10.66 7.79
N GLU E 2 -35.71 9.85 6.80
CA GLU E 2 -36.68 9.10 6.02
C GLU E 2 -36.14 7.77 5.50
N ILE E 3 -36.96 6.72 5.61
CA ILE E 3 -36.60 5.41 5.07
C ILE E 3 -36.91 5.36 3.59
N GLU E 4 -35.87 5.23 2.78
CA GLU E 4 -36.07 5.32 1.35
C GLU E 4 -36.45 3.95 0.78
N PHE E 5 -35.76 2.90 1.23
CA PHE E 5 -35.96 1.60 0.64
C PHE E 5 -35.78 0.48 1.64
N ILE E 6 -36.60 -0.55 1.51
CA ILE E 6 -36.50 -1.73 2.36
C ILE E 6 -36.44 -2.93 1.47
N GLU E 7 -35.48 -3.81 1.73
CA GLU E 7 -35.43 -5.07 1.05
C GLU E 7 -35.15 -6.16 2.09
N SER E 8 -35.40 -7.41 1.67
CA SER E 8 -35.02 -8.57 2.47
C SER E 8 -33.50 -8.64 2.55
N SER E 9 -32.98 -8.93 3.73
CA SER E 9 -31.52 -9.01 3.90
C SER E 9 -30.90 -10.11 3.05
N LYS E 10 -31.65 -11.20 2.83
CA LYS E 10 -31.22 -12.26 1.95
C LYS E 10 -30.85 -11.71 0.58
N ASP E 11 -31.77 -10.94 0.00
CA ASP E 11 -31.56 -10.30 -1.29
C ASP E 11 -30.28 -9.47 -1.36
N ALA E 12 -29.88 -8.88 -0.24
CA ALA E 12 -28.76 -7.95 -0.24
C ALA E 12 -27.49 -8.61 0.25
N GLY E 13 -27.55 -9.93 0.41
CA GLY E 13 -26.39 -10.69 0.85
C GLY E 13 -26.06 -10.50 2.31
N PHE E 14 -27.09 -10.46 3.15
CA PHE E 14 -26.92 -10.29 4.59
C PHE E 14 -27.73 -11.34 5.33
N PRO E 15 -27.20 -11.84 6.45
CA PRO E 15 -27.91 -12.81 7.30
C PRO E 15 -28.99 -12.15 8.13
N VAL E 16 -29.98 -12.92 8.55
CA VAL E 16 -30.97 -12.44 9.49
C VAL E 16 -30.25 -12.22 10.83
N ILE E 17 -30.64 -11.18 11.56
CA ILE E 17 -29.97 -10.93 12.84
C ILE E 17 -30.83 -11.37 14.01
N ASN E 18 -30.21 -12.08 14.94
CA ASN E 18 -30.87 -12.45 16.18
C ASN E 18 -30.92 -11.24 17.09
N THR E 19 -32.13 -10.73 17.32
CA THR E 19 -32.31 -9.54 18.13
C THR E 19 -33.10 -9.92 19.39
N PRO E 20 -32.53 -9.61 20.57
CA PRO E 20 -33.08 -9.98 21.88
C PRO E 20 -34.53 -9.55 22.04
N SER E 21 -35.37 -10.42 22.59
CA SER E 21 -36.81 -10.15 22.63
C SER E 21 -37.35 -9.96 24.05
N LYS E 22 -36.51 -10.19 25.06
CA LYS E 22 -36.95 -10.14 26.46
C LYS E 22 -36.10 -9.20 27.33
N THR E 23 -36.76 -8.40 28.17
CA THR E 23 -36.08 -7.41 29.01
C THR E 23 -35.17 -8.06 30.06
N LYS E 24 -34.16 -7.34 30.52
CA LYS E 24 -33.40 -7.76 31.69
C LYS E 24 -34.03 -7.17 32.96
N LEU E 25 -34.89 -6.17 32.80
CA LEU E 25 -35.48 -5.47 33.94
C LEU E 25 -36.55 -6.30 34.64
N GLU E 26 -36.42 -6.43 35.96
CA GLU E 26 -37.39 -7.12 36.82
C GLU E 26 -37.74 -6.21 37.98
N PRO E 27 -38.96 -6.34 38.54
CA PRO E 27 -39.29 -5.55 39.74
C PRO E 27 -38.28 -5.81 40.85
N SER E 28 -37.89 -4.75 41.57
CA SER E 28 -36.95 -4.86 42.66
C SER E 28 -37.68 -5.07 43.97
N VAL E 29 -36.92 -5.36 45.02
CA VAL E 29 -37.46 -5.41 46.39
C VAL E 29 -38.08 -4.08 46.82
N PHE E 30 -37.82 -3.03 46.05
CA PHE E 30 -38.34 -1.71 46.38
C PHE E 30 -39.52 -1.34 45.51
N HIS E 31 -39.96 -2.26 44.64
CA HIS E 31 -41.04 -1.98 43.71
C HIS E 31 -42.32 -1.48 44.40
N GLN E 32 -42.60 -1.98 45.60
CA GLN E 32 -43.84 -1.63 46.30
C GLN E 32 -43.60 -0.55 47.33
N VAL E 33 -42.34 -0.28 47.64
CA VAL E 33 -42.01 0.79 48.59
C VAL E 33 -42.26 2.18 48.00
N PHE E 34 -41.94 2.36 46.73
CA PHE E 34 -42.12 3.64 46.04
C PHE E 34 -43.17 3.56 44.93
N GLU E 35 -43.76 4.69 44.59
CA GLU E 35 -44.64 4.78 43.43
C GLU E 35 -43.83 5.01 42.16
N GLY E 36 -44.39 4.66 41.01
CA GLY E 36 -43.72 4.85 39.73
C GLY E 36 -44.68 4.63 38.59
N ASN E 37 -44.39 5.20 37.43
CA ASN E 37 -45.31 5.17 36.31
C ASN E 37 -44.70 4.42 35.13
N LYS E 38 -43.52 3.85 35.33
CA LYS E 38 -42.79 3.28 34.22
C LYS E 38 -42.60 1.79 34.31
N GLU E 39 -42.60 1.14 33.15
CA GLU E 39 -42.33 -0.28 32.99
C GLU E 39 -41.30 -0.48 31.87
N PRO E 40 -40.74 -1.70 31.79
CA PRO E 40 -39.82 -1.96 30.67
C PRO E 40 -40.49 -1.75 29.33
N ALA E 41 -39.75 -1.16 28.39
CA ALA E 41 -40.26 -0.87 27.05
C ALA E 41 -40.60 -2.14 26.28
N VAL E 42 -41.64 -2.05 25.44
CA VAL E 42 -42.00 -3.17 24.58
C VAL E 42 -40.82 -3.49 23.67
N LEU E 43 -40.50 -4.77 23.53
CA LEU E 43 -39.35 -5.21 22.74
C LEU E 43 -39.75 -6.10 21.55
N ARG E 44 -41.03 -6.43 21.44
CA ARG E 44 -41.50 -7.41 20.44
C ARG E 44 -43.00 -7.23 20.16
N SER E 45 -43.45 -7.69 18.99
CA SER E 45 -44.79 -7.40 18.48
C SER E 45 -45.89 -8.10 19.25
N GLY E 46 -45.53 -9.16 19.97
CA GLY E 46 -46.51 -9.90 20.75
C GLY E 46 -46.47 -9.56 22.22
N ASP E 47 -46.35 -8.27 22.52
CA ASP E 47 -46.43 -7.81 23.89
C ASP E 47 -47.89 -7.61 24.28
N PRO E 48 -48.31 -8.24 25.39
CA PRO E 48 -49.65 -8.14 25.94
C PRO E 48 -50.08 -6.71 26.22
N ARG E 49 -49.12 -5.81 26.35
CA ARG E 49 -49.40 -4.46 26.79
C ARG E 49 -49.68 -3.52 25.60
N LEU E 50 -49.42 -3.98 24.38
CA LEU E 50 -49.63 -3.14 23.19
C LEU E 50 -51.10 -2.81 22.89
N LYS E 51 -51.32 -1.55 22.50
CA LYS E 51 -52.62 -1.06 22.07
C LYS E 51 -52.45 -0.47 20.67
N ALA E 52 -51.26 -0.66 20.12
CA ALA E 52 -50.91 -0.10 18.83
C ALA E 52 -49.97 -1.04 18.10
N ASN E 53 -49.70 -0.77 16.82
CA ASN E 53 -48.79 -1.62 16.09
C ASN E 53 -47.36 -1.28 16.45
N PHE E 54 -46.59 -2.28 16.83
CA PHE E 54 -45.27 -2.06 17.42
C PHE E 54 -44.25 -1.55 16.39
N GLU E 55 -44.07 -2.28 15.30
CA GLU E 55 -43.09 -1.88 14.30
C GLU E 55 -43.42 -0.56 13.65
N GLU E 56 -44.72 -0.28 13.53
CA GLU E 56 -45.18 1.03 13.08
C GLU E 56 -44.72 2.08 14.09
N ALA E 57 -44.80 1.75 15.36
CA ALA E 57 -44.51 2.70 16.42
C ALA E 57 -43.03 3.07 16.45
N ILE E 58 -42.15 2.07 16.46
CA ILE E 58 -40.72 2.33 16.63
C ILE E 58 -40.09 3.03 15.43
N PHE E 59 -40.71 2.93 14.26
CA PHE E 59 -40.13 3.58 13.11
C PHE E 59 -40.83 4.91 12.80
N SER E 60 -41.89 5.26 13.54
CA SER E 60 -42.64 6.47 13.22
C SER E 60 -41.79 7.74 13.34
N LYS E 61 -40.66 7.66 14.04
CA LYS E 61 -39.78 8.83 14.23
C LYS E 61 -39.22 9.36 12.91
N TYR E 62 -39.08 8.49 11.93
CA TYR E 62 -38.63 8.95 10.61
C TYR E 62 -39.77 9.71 9.94
N ILE E 63 -39.90 10.98 10.31
CA ILE E 63 -41.05 11.80 9.94
C ILE E 63 -40.97 12.33 8.51
N GLY E 64 -39.80 12.24 7.91
CA GLY E 64 -39.60 12.74 6.57
C GLY E 64 -38.45 13.72 6.49
N ASN E 65 -38.24 14.26 5.31
CA ASN E 65 -37.21 15.27 5.14
C ASN E 65 -37.83 16.53 4.53
N VAL E 66 -37.31 17.69 4.90
CA VAL E 66 -37.59 18.84 4.07
C VAL E 66 -36.48 18.95 3.05
N ASN E 67 -36.84 19.35 1.86
CA ASN E 67 -35.86 19.54 0.83
C ASN E 67 -35.64 21.00 0.63
N THR E 68 -34.63 21.54 1.30
CA THR E 68 -34.28 22.94 1.15
C THR E 68 -32.78 23.00 1.04
N HIS E 69 -32.28 24.19 0.71
CA HIS E 69 -30.89 24.39 0.42
C HIS E 69 -30.31 25.10 1.62
N VAL E 70 -28.99 25.11 1.70
CA VAL E 70 -28.33 25.80 2.77
C VAL E 70 -28.53 27.29 2.56
N ASP E 71 -29.49 27.87 3.29
CA ASP E 71 -29.82 29.28 3.08
C ASP E 71 -28.86 30.22 3.82
N GLU E 72 -29.08 31.52 3.66
CA GLU E 72 -28.16 32.56 4.17
C GLU E 72 -28.08 32.56 5.69
N TYR E 73 -29.16 32.13 6.33
CA TYR E 73 -29.20 32.01 7.77
C TYR E 73 -28.29 30.91 8.26
N MET E 74 -28.38 29.74 7.64
CA MET E 74 -27.49 28.65 7.98
C MET E 74 -26.03 29.04 7.80
N LEU E 75 -25.74 29.71 6.70
CA LEU E 75 -24.39 30.14 6.34
C LEU E 75 -23.80 31.05 7.42
N GLU E 76 -24.55 32.07 7.83
CA GLU E 76 -24.09 32.94 8.91
C GLU E 76 -23.99 32.15 10.21
N ALA E 77 -24.94 31.24 10.45
CA ALA E 77 -24.93 30.42 11.66
C ALA E 77 -23.65 29.61 11.72
N VAL E 78 -23.31 29.02 10.58
CA VAL E 78 -22.12 28.19 10.51
C VAL E 78 -20.84 29.02 10.71
N ASP E 79 -20.78 30.17 10.05
CA ASP E 79 -19.63 31.06 10.22
C ASP E 79 -19.47 31.50 11.68
N HIS E 80 -20.58 31.78 12.36
CA HIS E 80 -20.48 32.25 13.74
C HIS E 80 -19.93 31.16 14.64
N TYR E 81 -20.45 29.94 14.50
CA TYR E 81 -20.04 28.82 15.35
C TYR E 81 -18.62 28.37 15.02
N ALA E 82 -18.28 28.37 13.72
CA ALA E 82 -16.90 28.06 13.31
C ALA E 82 -15.90 29.05 13.94
N GLY E 83 -16.33 30.30 14.14
CA GLY E 83 -15.47 31.31 14.73
C GLY E 83 -15.10 30.99 16.18
N GLN E 84 -16.07 30.47 16.94
CA GLN E 84 -15.79 30.00 18.30
C GLN E 84 -14.86 28.80 18.25
N LEU E 85 -15.23 27.77 17.48
CA LEU E 85 -14.43 26.54 17.46
C LEU E 85 -12.99 26.82 17.00
N ALA E 86 -12.77 27.91 16.26
CA ALA E 86 -11.44 28.21 15.77
C ALA E 86 -10.49 28.59 16.92
N THR E 87 -11.03 29.20 17.99
CA THR E 87 -10.22 29.47 19.19
C THR E 87 -9.63 28.22 19.84
N LEU E 88 -10.25 27.06 19.63
CA LEU E 88 -9.88 25.85 20.38
C LEU E 88 -8.70 25.09 19.81
N ASP E 89 -8.36 25.37 18.55
CA ASP E 89 -7.21 24.77 17.87
C ASP E 89 -7.38 23.29 17.58
N ILE E 90 -8.56 22.91 17.11
CA ILE E 90 -8.83 21.52 16.77
C ILE E 90 -7.88 21.05 15.67
N SER E 91 -7.18 19.94 15.92
CA SER E 91 -6.34 19.35 14.89
C SER E 91 -7.14 18.42 13.97
N THR E 92 -6.93 18.59 12.68
CA THR E 92 -7.60 17.78 11.68
C THR E 92 -6.74 16.59 11.26
N GLU E 93 -5.54 16.50 11.83
CA GLU E 93 -4.68 15.35 11.65
C GLU E 93 -5.29 14.12 12.29
N PRO E 94 -5.20 12.97 11.62
CA PRO E 94 -5.74 11.72 12.14
C PRO E 94 -5.20 11.41 13.53
N MET E 95 -5.99 10.73 14.34
CA MET E 95 -5.50 10.32 15.65
C MET E 95 -4.69 9.05 15.52
N LYS E 96 -3.58 8.98 16.28
CA LYS E 96 -2.77 7.77 16.32
C LYS E 96 -3.67 6.55 16.61
N LEU E 97 -3.50 5.49 15.84
CA LEU E 97 -4.40 4.35 15.90
C LEU E 97 -4.49 3.77 17.31
N GLU E 98 -3.41 3.83 18.06
CA GLU E 98 -3.41 3.27 19.40
C GLU E 98 -4.28 4.10 20.36
N ASP E 99 -4.09 5.43 20.32
CA ASP E 99 -4.92 6.37 21.08
C ASP E 99 -6.41 6.26 20.72
N ALA E 100 -6.68 6.16 19.42
CA ALA E 100 -8.04 6.12 18.91
C ALA E 100 -8.78 4.88 19.39
N VAL E 101 -8.07 3.78 19.55
CA VAL E 101 -8.71 2.54 19.99
C VAL E 101 -8.65 2.33 21.50
N TYR E 102 -7.49 2.58 22.10
CA TYR E 102 -7.24 2.16 23.47
C TYR E 102 -7.23 3.35 24.43
N GLY E 103 -7.58 4.52 23.91
CA GLY E 103 -7.80 5.67 24.77
C GLY E 103 -6.61 6.58 24.91
N THR E 104 -6.90 7.87 25.10
CA THR E 104 -5.92 8.90 25.35
C THR E 104 -6.64 10.00 26.13
N GLU E 105 -5.88 10.97 26.63
CA GLU E 105 -6.46 12.07 27.39
C GLU E 105 -7.58 12.74 26.59
N GLY E 106 -8.78 12.79 27.17
CA GLY E 106 -9.91 13.43 26.53
C GLY E 106 -10.75 12.50 25.66
N LEU E 107 -10.38 11.22 25.63
CA LEU E 107 -11.08 10.24 24.81
C LEU E 107 -10.87 8.81 25.30
N GLU E 108 -11.90 8.27 25.94
CA GLU E 108 -11.80 6.94 26.52
C GLU E 108 -11.75 5.85 25.47
N ALA E 109 -11.17 4.70 25.83
CA ALA E 109 -11.02 3.59 24.89
C ALA E 109 -12.36 3.09 24.43
N LEU E 110 -12.37 2.33 23.33
CA LEU E 110 -13.61 1.73 22.86
C LEU E 110 -14.21 0.90 24.00
N ASP E 111 -15.50 0.63 23.94
CA ASP E 111 -16.17 -0.16 24.96
C ASP E 111 -16.16 -1.62 24.53
N LEU E 112 -15.38 -2.44 25.24
CA LEU E 112 -15.23 -3.84 24.89
C LEU E 112 -16.35 -4.67 25.49
N THR E 113 -17.16 -4.01 26.32
CA THR E 113 -18.36 -4.59 26.90
C THR E 113 -19.49 -4.76 25.87
N THR E 114 -19.45 -3.95 24.82
CA THR E 114 -20.56 -3.90 23.87
C THR E 114 -20.25 -4.67 22.59
N SER E 115 -21.32 -5.11 21.93
CA SER E 115 -21.23 -5.73 20.60
C SER E 115 -20.30 -5.00 19.61
N ALA E 116 -19.65 -5.79 18.75
CA ALA E 116 -18.75 -5.28 17.72
C ALA E 116 -19.49 -4.95 16.41
N GLY E 117 -20.78 -5.26 16.37
CA GLY E 117 -21.59 -4.92 15.21
C GLY E 117 -21.37 -5.86 14.04
N TYR E 118 -21.86 -5.46 12.87
CA TYR E 118 -21.69 -6.26 11.68
C TYR E 118 -20.24 -6.17 11.20
N PRO E 119 -19.71 -7.29 10.66
CA PRO E 119 -20.32 -8.62 10.50
C PRO E 119 -20.23 -9.50 11.75
N TYR E 120 -19.38 -9.08 12.67
CA TYR E 120 -19.01 -9.87 13.83
C TYR E 120 -20.18 -10.44 14.62
N VAL E 121 -21.24 -9.67 14.78
CA VAL E 121 -22.42 -10.16 15.48
C VAL E 121 -22.97 -11.48 14.90
N ALA E 122 -22.80 -11.71 13.60
CA ALA E 122 -23.32 -12.95 12.99
C ALA E 122 -22.21 -13.96 12.74
N LEU E 123 -20.99 -13.58 13.08
CA LEU E 123 -19.87 -14.50 13.04
C LEU E 123 -19.58 -15.07 14.44
N GLY E 124 -20.32 -14.60 15.44
CA GLY E 124 -20.09 -14.97 16.83
C GLY E 124 -18.78 -14.42 17.41
N ILE E 125 -18.33 -13.30 16.86
CA ILE E 125 -17.08 -12.65 17.29
C ILE E 125 -17.33 -11.40 18.14
N LYS E 126 -16.66 -11.28 19.28
CA LYS E 126 -16.81 -10.15 20.18
C LYS E 126 -15.64 -9.17 20.10
N LYS E 127 -15.87 -7.92 20.53
CA LYS E 127 -14.82 -6.93 20.57
C LYS E 127 -13.57 -7.47 21.29
N ARG E 128 -13.76 -8.18 22.39
CA ARG E 128 -12.61 -8.69 23.16
C ARG E 128 -11.88 -9.86 22.46
N ASP E 129 -12.52 -10.51 21.48
CA ASP E 129 -11.79 -11.45 20.61
C ASP E 129 -10.76 -10.77 19.70
N ILE E 130 -10.85 -9.44 19.59
CA ILE E 130 -10.07 -8.71 18.60
C ILE E 130 -9.14 -7.69 19.24
N LEU E 131 -9.57 -7.16 20.39
CA LEU E 131 -8.76 -6.18 21.09
C LEU E 131 -8.57 -6.57 22.54
N SER E 132 -7.50 -6.04 23.14
CA SER E 132 -7.21 -6.25 24.54
C SER E 132 -6.49 -5.03 25.12
N LYS E 133 -7.04 -4.52 26.21
CA LYS E 133 -6.48 -3.37 26.91
C LYS E 133 -5.17 -3.72 27.62
N LYS E 134 -5.03 -4.96 28.05
CA LYS E 134 -3.81 -5.37 28.75
C LYS E 134 -2.62 -5.35 27.80
N THR E 135 -2.90 -5.62 26.53
CA THR E 135 -1.86 -5.84 25.55
C THR E 135 -1.73 -4.70 24.52
N LYS E 136 -2.85 -4.03 24.24
CA LYS E 136 -2.93 -2.94 23.25
C LYS E 136 -2.52 -3.39 21.84
N ASP E 137 -2.95 -4.60 21.48
CA ASP E 137 -2.62 -5.18 20.18
C ASP E 137 -3.49 -4.61 19.09
N LEU E 138 -2.84 -4.14 18.02
CA LEU E 138 -3.54 -3.69 16.84
C LEU E 138 -3.52 -4.72 15.70
N THR E 139 -2.61 -5.69 15.82
CA THR E 139 -2.44 -6.80 14.89
C THR E 139 -3.77 -7.33 14.35
N LYS E 140 -4.55 -7.94 15.24
CA LYS E 140 -5.80 -8.59 14.88
C LYS E 140 -6.84 -7.62 14.32
N LEU E 141 -6.74 -6.35 14.71
CA LEU E 141 -7.72 -5.35 14.33
C LEU E 141 -7.54 -4.94 12.86
N LYS E 142 -6.33 -4.48 12.52
CA LYS E 142 -5.98 -4.14 11.14
C LYS E 142 -6.37 -5.25 10.17
N GLU E 143 -6.25 -6.48 10.63
CA GLU E 143 -6.60 -7.64 9.83
C GLU E 143 -8.11 -7.75 9.59
N CYS E 144 -8.89 -7.42 10.62
CA CYS E 144 -10.36 -7.48 10.52
C CYS E 144 -10.94 -6.34 9.71
N MET E 145 -10.25 -5.20 9.74
CA MET E 145 -10.64 -4.03 8.96
C MET E 145 -10.31 -4.20 7.48
N ASP E 146 -9.13 -4.74 7.19
CA ASP E 146 -8.76 -5.06 5.83
C ASP E 146 -9.68 -6.13 5.29
N LYS E 147 -10.00 -7.12 6.12
CA LYS E 147 -10.88 -8.16 5.64
C LYS E 147 -12.29 -7.64 5.32
N TYR E 148 -12.95 -7.03 6.31
CA TYR E 148 -14.35 -6.66 6.13
C TYR E 148 -14.59 -5.22 5.66
N GLY E 149 -13.57 -4.36 5.76
CA GLY E 149 -13.68 -3.04 5.17
C GLY E 149 -14.52 -2.05 5.97
N LEU E 150 -14.96 -0.97 5.30
CA LEU E 150 -15.69 0.10 5.96
C LEU E 150 -17.12 0.26 5.47
N ASN E 151 -17.88 1.12 6.15
CA ASN E 151 -19.24 1.44 5.77
C ASN E 151 -20.14 0.22 5.85
N LEU E 152 -20.02 -0.49 6.96
CA LEU E 152 -20.85 -1.67 7.12
C LEU E 152 -22.24 -1.23 7.59
N PRO E 153 -23.28 -2.03 7.31
CA PRO E 153 -24.61 -1.67 7.79
C PRO E 153 -24.65 -1.67 9.31
N MET E 154 -25.40 -0.75 9.90
CA MET E 154 -25.53 -0.68 11.34
C MET E 154 -26.65 -1.64 11.73
N VAL E 155 -26.59 -2.20 12.92
CA VAL E 155 -27.59 -3.18 13.32
C VAL E 155 -28.55 -2.53 14.28
N THR E 156 -29.83 -2.57 13.93
CA THR E 156 -30.88 -1.96 14.74
C THR E 156 -31.35 -2.88 15.88
N TYR E 157 -31.22 -2.42 17.12
CA TYR E 157 -31.82 -3.10 18.26
C TYR E 157 -32.81 -2.22 18.97
N VAL E 158 -33.80 -2.83 19.63
CA VAL E 158 -34.69 -2.05 20.50
C VAL E 158 -33.98 -1.84 21.84
N LYS E 159 -34.07 -0.63 22.37
CA LYS E 159 -33.37 -0.30 23.63
C LYS E 159 -34.15 -0.78 24.84
N ASP E 160 -33.49 -1.57 25.69
CA ASP E 160 -34.08 -2.14 26.90
C ASP E 160 -33.96 -1.16 28.06
N GLU E 161 -35.07 -0.54 28.44
CA GLU E 161 -35.04 0.56 29.40
C GLU E 161 -36.45 0.78 29.92
N LEU E 162 -36.60 1.60 30.94
CA LEU E 162 -37.94 1.91 31.40
C LEU E 162 -38.60 2.97 30.52
N ARG E 163 -39.90 2.84 30.30
CA ARG E 163 -40.68 3.83 29.58
C ARG E 163 -41.99 4.03 30.29
N SER E 164 -42.60 5.19 30.03
CA SER E 164 -43.90 5.51 30.59
C SER E 164 -44.97 4.55 30.09
N ILE E 165 -45.99 4.38 30.91
CA ILE E 165 -47.10 3.47 30.64
C ILE E 165 -47.71 3.74 29.27
N GLU E 166 -47.90 5.02 28.98
CA GLU E 166 -48.46 5.46 27.74
C GLU E 166 -47.63 4.95 26.56
N LYS E 167 -46.31 5.12 26.65
CA LYS E 167 -45.41 4.73 25.55
C LYS E 167 -45.29 3.22 25.42
N VAL E 168 -45.66 2.52 26.48
CA VAL E 168 -45.64 1.08 26.48
C VAL E 168 -46.82 0.63 25.64
N ALA E 169 -47.95 1.25 25.90
CA ALA E 169 -49.19 0.95 25.22
C ALA E 169 -49.07 1.30 23.75
N LYS E 170 -48.54 2.48 23.47
CA LYS E 170 -48.34 2.93 22.09
C LYS E 170 -47.11 2.31 21.42
N GLY E 171 -46.44 1.38 22.10
CA GLY E 171 -45.24 0.75 21.55
C GLY E 171 -44.11 1.69 21.16
N LYS E 172 -44.04 2.84 21.82
CA LYS E 172 -43.04 3.84 21.50
C LYS E 172 -41.74 3.52 22.24
N SER E 173 -41.03 2.52 21.73
CA SER E 173 -39.75 2.14 22.29
C SER E 173 -38.67 2.81 21.46
N ARG E 174 -37.45 2.88 21.97
CA ARG E 174 -36.39 3.58 21.26
C ARG E 174 -35.51 2.56 20.59
N LEU E 175 -34.85 2.99 19.52
CA LEU E 175 -33.97 2.13 18.75
C LEU E 175 -32.54 2.63 18.89
N ILE E 176 -31.59 1.70 18.91
CA ILE E 176 -30.19 2.08 18.80
C ILE E 176 -29.58 1.47 17.54
N GLU E 177 -28.58 2.13 16.99
CA GLU E 177 -27.97 1.68 15.76
C GLU E 177 -26.55 1.29 16.08
N ALA E 178 -26.30 -0.01 16.12
CA ALA E 178 -24.98 -0.50 16.48
C ALA E 178 -24.02 -0.21 15.35
N SER E 179 -22.97 0.52 15.66
CA SER E 179 -21.95 0.79 14.68
C SER E 179 -20.93 -0.35 14.61
N SER E 180 -20.56 -0.75 13.41
CA SER E 180 -19.48 -1.72 13.26
C SER E 180 -18.18 -1.20 13.90
N LEU E 181 -17.51 -2.11 14.59
CA LEU E 181 -16.18 -1.86 15.15
C LEU E 181 -15.27 -1.14 14.16
N ASN E 182 -15.28 -1.61 12.93
CA ASN E 182 -14.46 -1.04 11.87
C ASN E 182 -14.74 0.45 11.70
N ASP E 183 -16.02 0.79 11.56
CA ASP E 183 -16.43 2.17 11.34
C ASP E 183 -16.20 3.04 12.58
N SER E 184 -16.45 2.48 13.77
CA SER E 184 -16.11 3.19 15.00
C SER E 184 -14.64 3.57 15.02
N VAL E 185 -13.79 2.60 14.75
CA VAL E 185 -12.35 2.85 14.73
C VAL E 185 -12.00 3.93 13.71
N ALA E 186 -12.48 3.76 12.47
CA ALA E 186 -12.23 4.71 11.39
C ALA E 186 -12.71 6.12 11.74
N MET E 187 -13.94 6.23 12.23
CA MET E 187 -14.46 7.51 12.73
C MET E 187 -13.53 8.13 13.78
N ARG E 188 -13.07 7.30 14.72
CA ARG E 188 -12.26 7.81 15.83
C ARG E 188 -10.88 8.23 15.35
N GLN E 189 -10.32 7.52 14.39
CA GLN E 189 -9.08 7.98 13.78
C GLN E 189 -9.24 9.38 13.19
N THR E 190 -10.30 9.50 12.39
CA THR E 190 -10.55 10.72 11.64
C THR E 190 -10.95 11.93 12.51
N PHE E 191 -11.84 11.72 13.49
CA PHE E 191 -12.40 12.85 14.27
C PHE E 191 -12.00 12.85 15.75
N GLY E 192 -11.14 11.92 16.15
CA GLY E 192 -10.68 11.81 17.53
C GLY E 192 -10.19 13.09 18.18
N ASN E 193 -9.43 13.89 17.43
CA ASN E 193 -8.93 15.13 18.00
C ASN E 193 -10.05 16.12 18.26
N LEU E 194 -11.06 16.15 17.39
CA LEU E 194 -12.22 16.98 17.67
C LEU E 194 -12.96 16.49 18.94
N TYR E 195 -13.25 15.17 18.99
CA TYR E 195 -13.85 14.51 20.15
C TYR E 195 -13.19 14.89 21.46
N LYS E 196 -11.87 14.79 21.47
CA LYS E 196 -11.02 15.09 22.63
C LYS E 196 -11.11 16.55 23.04
N THR E 197 -11.04 17.44 22.05
CA THR E 197 -11.08 18.88 22.31
C THR E 197 -12.45 19.28 22.88
N PHE E 198 -13.50 18.62 22.39
CA PHE E 198 -14.84 18.90 22.90
C PHE E 198 -14.93 18.39 24.35
N HIS E 199 -14.53 17.13 24.56
CA HIS E 199 -14.62 16.51 25.88
C HIS E 199 -13.84 17.28 26.92
N LEU E 200 -12.73 17.89 26.51
CA LEU E 200 -11.91 18.70 27.43
C LEU E 200 -12.49 20.09 27.64
N ASN E 201 -13.42 20.50 26.80
CA ASN E 201 -13.90 21.88 26.88
C ASN E 201 -15.41 22.04 26.88
N PRO E 202 -16.10 21.40 27.85
CA PRO E 202 -17.53 21.67 27.92
C PRO E 202 -17.76 23.12 28.33
N GLY E 203 -18.81 23.74 27.81
CA GLY E 203 -19.09 25.14 28.05
C GLY E 203 -19.60 25.87 26.81
N VAL E 204 -19.48 27.20 26.79
CA VAL E 204 -20.14 28.01 25.75
C VAL E 204 -19.25 28.33 24.54
N VAL E 205 -18.00 27.90 24.59
CA VAL E 205 -17.16 28.01 23.43
C VAL E 205 -17.39 26.80 22.51
N THR E 206 -17.42 25.58 23.06
CA THR E 206 -17.84 24.42 22.27
C THR E 206 -19.35 24.41 22.07
N GLY E 207 -20.09 25.02 22.99
CA GLY E 207 -21.55 24.99 22.93
C GLY E 207 -22.05 23.64 23.36
N SER E 208 -21.21 22.94 24.13
CA SER E 208 -21.42 21.52 24.43
C SER E 208 -21.20 21.19 25.92
N ALA E 209 -22.05 20.33 26.45
CA ALA E 209 -21.91 19.84 27.83
C ALA E 209 -21.28 18.45 27.91
N VAL E 210 -20.93 17.89 26.75
CA VAL E 210 -20.33 16.56 26.74
C VAL E 210 -18.96 16.57 27.45
N GLY E 211 -18.84 15.73 28.48
CA GLY E 211 -17.62 15.69 29.26
C GLY E 211 -17.77 16.43 30.58
N CYS E 212 -18.94 17.02 30.81
CA CYS E 212 -19.15 17.75 32.06
C CYS E 212 -19.51 16.79 33.20
N ASP E 213 -19.29 17.27 34.41
CA ASP E 213 -19.76 16.63 35.61
C ASP E 213 -20.76 17.56 36.27
N PRO E 214 -22.05 17.27 36.08
CA PRO E 214 -23.12 18.10 36.62
C PRO E 214 -22.91 18.56 38.07
N ASP E 215 -22.31 17.74 38.95
CA ASP E 215 -22.07 18.18 40.33
C ASP E 215 -21.22 19.44 40.35
N LEU E 216 -20.24 19.51 39.46
CA LEU E 216 -19.33 20.64 39.41
C LEU E 216 -19.78 21.71 38.41
N PHE E 217 -20.26 21.26 37.26
CA PHE E 217 -20.57 22.11 36.09
C PHE E 217 -21.76 23.02 36.32
N TRP E 218 -22.70 22.58 37.17
CA TRP E 218 -23.93 23.35 37.39
C TRP E 218 -23.64 24.73 37.99
N SER E 219 -22.55 24.83 38.76
CA SER E 219 -22.17 26.12 39.34
C SER E 219 -21.64 27.08 38.27
N LYS E 220 -21.04 26.55 37.20
CA LYS E 220 -20.53 27.40 36.11
C LYS E 220 -21.59 27.87 35.13
N ILE E 221 -22.63 27.07 34.95
CA ILE E 221 -23.66 27.40 33.95
C ILE E 221 -24.30 28.80 34.09
N PRO E 222 -24.79 29.19 35.28
CA PRO E 222 -25.38 30.54 35.37
C PRO E 222 -24.41 31.70 35.10
N VAL E 223 -23.11 31.46 35.29
CA VAL E 223 -22.10 32.48 35.01
C VAL E 223 -21.91 32.62 33.50
N MET E 224 -21.90 31.49 32.81
CA MET E 224 -21.76 31.49 31.35
C MET E 224 -23.04 31.94 30.67
N LEU E 225 -24.18 31.59 31.26
CA LEU E 225 -25.48 31.96 30.69
C LEU E 225 -26.10 33.08 31.51
N ASP E 226 -25.56 34.29 31.39
CA ASP E 226 -26.01 35.40 32.24
C ASP E 226 -27.18 36.21 31.69
N GLY E 227 -27.67 35.85 30.51
CA GLY E 227 -28.76 36.60 29.90
C GLY E 227 -30.11 36.06 30.31
N HIS E 228 -31.14 36.39 29.53
CA HIS E 228 -32.45 35.79 29.65
C HIS E 228 -32.43 34.38 29.03
N LEU E 229 -32.97 33.41 29.77
CA LEU E 229 -32.85 32.00 29.41
C LEU E 229 -33.67 31.59 28.18
N ILE E 230 -33.12 30.68 27.37
CA ILE E 230 -33.85 30.06 26.27
C ILE E 230 -33.81 28.54 26.40
N ALA E 231 -34.98 27.90 26.35
CA ALA E 231 -35.03 26.44 26.40
C ALA E 231 -36.32 25.90 25.80
N PHE E 232 -36.22 24.70 25.22
CA PHE E 232 -37.38 24.03 24.65
C PHE E 232 -37.01 22.57 24.40
N ASP E 233 -38.01 21.76 24.08
CA ASP E 233 -37.74 20.37 23.78
C ASP E 233 -37.80 20.16 22.28
N TYR E 234 -37.18 19.08 21.83
CA TYR E 234 -37.38 18.53 20.50
C TYR E 234 -38.10 17.21 20.65
N SER E 235 -38.89 16.83 19.65
CA SER E 235 -39.40 15.46 19.56
C SER E 235 -38.64 14.77 18.44
N GLY E 236 -38.11 13.59 18.72
CA GLY E 236 -37.32 12.80 17.79
C GLY E 236 -36.31 13.63 17.03
N TYR E 237 -35.48 14.38 17.75
CA TYR E 237 -34.47 15.22 17.14
C TYR E 237 -33.64 14.48 16.12
N ASP E 238 -32.89 13.50 16.61
CA ASP E 238 -32.02 12.67 15.78
C ASP E 238 -32.67 12.23 14.47
N ALA E 239 -33.81 11.56 14.57
CA ALA E 239 -34.46 11.04 13.38
C ALA E 239 -35.08 12.16 12.54
N SER E 240 -35.34 13.32 13.15
CA SER E 240 -35.95 14.44 12.43
C SER E 240 -34.98 15.26 11.53
N LEU E 241 -33.68 15.13 11.74
CA LEU E 241 -32.72 15.94 10.98
C LEU E 241 -32.76 15.65 9.48
N SER E 242 -33.01 16.68 8.67
CA SER E 242 -32.99 16.57 7.22
C SER E 242 -31.57 16.73 6.71
N PRO E 243 -31.29 16.16 5.52
CA PRO E 243 -29.95 16.22 4.95
C PRO E 243 -29.30 17.60 4.97
N VAL E 244 -30.09 18.67 4.85
CA VAL E 244 -29.51 20.01 4.78
C VAL E 244 -28.70 20.35 6.04
N TRP E 245 -29.13 19.83 7.20
CA TRP E 245 -28.37 20.04 8.44
C TRP E 245 -27.01 19.37 8.35
N PHE E 246 -26.99 18.18 7.73
CA PHE E 246 -25.74 17.46 7.49
C PHE E 246 -24.86 18.19 6.49
N ALA E 247 -25.46 18.79 5.47
CA ALA E 247 -24.71 19.68 4.60
C ALA E 247 -24.09 20.83 5.44
N CYS E 248 -24.85 21.33 6.40
CA CYS E 248 -24.31 22.44 7.24
C CYS E 248 -23.12 21.95 8.03
N LEU E 249 -23.25 20.74 8.58
CA LEU E 249 -22.19 20.18 9.41
C LEU E 249 -20.92 20.00 8.57
N LYS E 250 -21.07 19.39 7.40
CA LYS E 250 -19.94 19.23 6.49
C LYS E 250 -19.26 20.56 6.21
N MET E 251 -20.06 21.61 6.01
CA MET E 251 -19.48 22.94 5.79
C MET E 251 -18.70 23.49 7.00
N ILE E 252 -19.23 23.33 8.21
CA ILE E 252 -18.48 23.85 9.36
C ILE E 252 -17.19 23.06 9.58
N LEU E 253 -17.26 21.74 9.39
CA LEU E 253 -16.05 20.91 9.48
C LEU E 253 -14.98 21.36 8.47
N GLU E 254 -15.42 21.68 7.26
CA GLU E 254 -14.52 22.22 6.23
C GLU E 254 -13.86 23.50 6.74
N LYS E 255 -14.63 24.42 7.33
CA LYS E 255 -14.03 25.64 7.88
C LYS E 255 -13.05 25.34 9.01
N LEU E 256 -13.08 24.13 9.55
CA LEU E 256 -12.14 23.78 10.62
C LEU E 256 -10.84 23.23 10.03
N GLY E 257 -10.86 22.88 8.74
CA GLY E 257 -9.68 22.39 8.07
C GLY E 257 -9.86 20.99 7.53
N TYR E 258 -11.05 20.46 7.68
CA TYR E 258 -11.28 19.12 7.22
C TYR E 258 -11.45 19.08 5.71
N THR E 259 -11.02 17.97 5.15
CA THR E 259 -10.97 17.74 3.71
C THR E 259 -12.20 16.96 3.26
N HIS E 260 -12.55 17.09 1.98
CA HIS E 260 -13.68 16.37 1.43
C HIS E 260 -13.55 14.87 1.66
N LYS E 261 -12.33 14.37 1.70
CA LYS E 261 -12.09 12.99 2.09
C LYS E 261 -12.70 12.70 3.46
N GLU E 262 -12.44 13.57 4.43
CA GLU E 262 -12.88 13.31 5.79
C GLU E 262 -14.34 13.62 6.04
N THR E 263 -14.82 14.75 5.53
CA THR E 263 -16.25 15.07 5.65
C THR E 263 -17.12 14.05 4.91
N ASN E 264 -16.51 13.26 4.02
CA ASN E 264 -17.26 12.20 3.35
C ASN E 264 -17.85 11.23 4.36
N TYR E 265 -17.21 11.08 5.52
CA TYR E 265 -17.74 10.19 6.56
C TYR E 265 -19.15 10.59 6.99
N ILE E 266 -19.44 11.90 6.98
CA ILE E 266 -20.78 12.37 7.36
C ILE E 266 -21.86 11.82 6.42
N ASP E 267 -21.51 11.65 5.14
CA ASP E 267 -22.46 11.06 4.17
C ASP E 267 -22.97 9.70 4.62
N TYR E 268 -22.13 8.92 5.29
CA TYR E 268 -22.51 7.60 5.78
C TYR E 268 -23.28 7.69 7.10
N LEU E 269 -23.23 8.86 7.73
CA LEU E 269 -24.11 9.14 8.85
C LEU E 269 -25.49 9.52 8.33
N CYS E 270 -25.51 10.46 7.38
CA CYS E 270 -26.76 11.01 6.87
C CYS E 270 -27.51 10.02 6.00
N ASN E 271 -26.77 9.34 5.15
CA ASN E 271 -27.38 8.43 4.19
C ASN E 271 -26.95 7.03 4.63
N SER E 272 -27.75 6.46 5.51
CA SER E 272 -27.28 5.34 6.29
C SER E 272 -27.96 4.05 5.90
N HIS E 273 -27.46 3.00 6.52
CA HIS E 273 -27.47 1.67 5.98
C HIS E 273 -27.67 0.73 7.18
N HIS E 274 -28.79 0.00 7.20
CA HIS E 274 -29.19 -0.71 8.43
C HIS E 274 -29.66 -2.14 8.23
N LEU E 275 -29.51 -2.95 9.27
CA LEU E 275 -30.15 -4.28 9.36
C LEU E 275 -31.13 -4.37 10.55
N TYR E 276 -32.37 -4.74 10.29
CA TYR E 276 -33.29 -5.05 11.38
C TYR E 276 -33.97 -6.39 11.13
N ARG E 277 -33.66 -7.34 12.00
CA ARG E 277 -34.19 -8.70 11.93
C ARG E 277 -33.90 -9.37 10.59
N ASP E 278 -34.89 -9.41 9.69
CA ASP E 278 -34.66 -10.06 8.41
C ASP E 278 -34.70 -9.03 7.26
N LYS E 279 -34.51 -7.77 7.60
CA LYS E 279 -34.63 -6.69 6.62
C LYS E 279 -33.39 -5.79 6.59
N HIS E 280 -33.08 -5.36 5.38
CA HIS E 280 -32.02 -4.38 5.13
C HIS E 280 -32.68 -3.11 4.62
N TYR E 281 -32.41 -1.97 5.26
CA TYR E 281 -33.06 -0.73 4.82
C TYR E 281 -32.14 0.47 4.85
N PHE E 282 -32.50 1.48 4.07
CA PHE E 282 -31.66 2.65 3.87
C PHE E 282 -32.40 3.88 4.37
N VAL E 283 -31.71 4.70 5.13
CA VAL E 283 -32.33 5.91 5.63
C VAL E 283 -31.59 7.10 5.09
N ARG E 284 -32.37 8.10 4.67
CA ARG E 284 -31.81 9.34 4.20
C ARG E 284 -32.19 10.37 5.22
N GLY E 285 -31.19 11.08 5.73
CA GLY E 285 -31.38 12.01 6.82
C GLY E 285 -31.42 11.25 8.13
N GLY E 286 -31.34 11.99 9.23
CA GLY E 286 -31.35 11.39 10.56
C GLY E 286 -29.95 11.09 11.06
N MET E 287 -29.71 11.43 12.31
CA MET E 287 -28.46 11.02 12.94
C MET E 287 -28.73 9.62 13.46
N PRO E 288 -27.97 8.63 12.97
CA PRO E 288 -28.19 7.24 13.43
C PRO E 288 -27.59 6.99 14.79
N SER E 289 -28.38 7.23 15.82
CA SER E 289 -27.95 7.13 17.20
C SER E 289 -27.30 5.80 17.54
N GLY E 290 -26.01 5.86 17.88
CA GLY E 290 -25.17 4.68 18.01
C GLY E 290 -23.92 4.69 17.12
N CYS E 291 -23.83 5.65 16.20
CA CYS E 291 -22.65 5.74 15.32
C CYS E 291 -21.56 6.41 16.14
N SER E 292 -20.30 6.36 15.74
CA SER E 292 -19.32 7.08 16.55
C SER E 292 -19.62 8.56 16.40
N GLY E 293 -19.45 9.32 17.48
CA GLY E 293 -19.66 10.76 17.47
C GLY E 293 -21.11 11.24 17.53
N THR E 294 -22.09 10.37 17.80
CA THR E 294 -23.48 10.86 17.79
C THR E 294 -23.66 12.05 18.74
N SER E 295 -23.14 11.96 19.96
CA SER E 295 -23.28 13.08 20.92
C SER E 295 -22.71 14.39 20.38
N ILE E 296 -21.46 14.34 19.97
CA ILE E 296 -20.77 15.53 19.54
C ILE E 296 -21.33 16.14 18.25
N PHE E 297 -21.63 15.31 17.25
CA PHE E 297 -22.18 15.81 15.99
C PHE E 297 -23.61 16.32 16.16
N ASN E 298 -24.43 15.60 16.93
CA ASN E 298 -25.74 16.12 17.36
C ASN E 298 -25.64 17.47 18.07
N SER E 299 -24.62 17.65 18.91
CA SER E 299 -24.48 18.94 19.62
C SER E 299 -24.03 20.06 18.66
N MET E 300 -23.10 19.72 17.75
CA MET E 300 -22.59 20.70 16.79
C MET E 300 -23.72 21.19 15.89
N ILE E 301 -24.55 20.25 15.47
CA ILE E 301 -25.69 20.60 14.63
C ILE E 301 -26.71 21.42 15.44
N ASN E 302 -26.95 21.05 16.69
CA ASN E 302 -27.85 21.85 17.51
C ASN E 302 -27.37 23.29 17.55
N ASN E 303 -26.06 23.47 17.58
CA ASN E 303 -25.49 24.79 17.67
C ASN E 303 -25.71 25.61 16.40
N ILE E 304 -25.73 24.91 15.27
CA ILE E 304 -26.04 25.52 13.99
C ILE E 304 -27.52 25.85 13.96
N ILE E 305 -28.35 24.88 14.33
CA ILE E 305 -29.79 25.04 14.29
C ILE E 305 -30.32 26.26 15.10
N ILE E 306 -29.94 26.38 16.37
CA ILE E 306 -30.48 27.48 17.18
C ILE E 306 -30.10 28.84 16.59
N ARG E 307 -28.84 29.01 16.18
CA ARG E 307 -28.38 30.27 15.59
C ARG E 307 -29.19 30.61 14.33
N THR E 308 -29.39 29.60 13.52
CA THR E 308 -30.11 29.72 12.27
C THR E 308 -31.51 30.26 12.47
N LEU E 309 -32.23 29.63 13.40
CA LEU E 309 -33.60 30.02 13.73
C LEU E 309 -33.63 31.43 14.35
N MET E 310 -32.61 31.77 15.13
CA MET E 310 -32.55 33.11 15.68
C MET E 310 -32.40 34.13 14.56
N LEU E 311 -31.50 33.85 13.64
CA LEU E 311 -31.22 34.77 12.56
C LEU E 311 -32.37 34.85 11.58
N LYS E 312 -33.10 33.75 11.42
CA LYS E 312 -34.23 33.76 10.49
C LYS E 312 -35.38 34.57 11.06
N VAL E 313 -35.67 34.33 12.33
CA VAL E 313 -36.82 34.94 12.97
C VAL E 313 -36.55 36.40 13.29
N TYR E 314 -35.43 36.67 13.96
CA TYR E 314 -35.06 38.03 14.31
C TYR E 314 -33.97 38.52 13.37
N LYS E 315 -34.38 39.02 12.22
CA LYS E 315 -33.41 39.53 11.26
C LYS E 315 -32.72 40.74 11.89
N GLY E 316 -31.39 40.74 11.87
CA GLY E 316 -30.63 41.80 12.51
C GLY E 316 -29.84 41.42 13.76
N ILE E 317 -30.23 40.34 14.40
CA ILE E 317 -29.77 39.97 15.75
C ILE E 317 -28.25 39.78 15.88
N ASP E 318 -27.71 40.08 17.08
CA ASP E 318 -26.27 39.96 17.35
C ASP E 318 -25.97 38.69 18.10
N LEU E 319 -25.30 37.75 17.42
CA LEU E 319 -25.05 36.44 17.99
C LEU E 319 -23.93 36.46 19.00
N ASP E 320 -23.14 37.54 18.99
CA ASP E 320 -21.99 37.63 19.90
C ASP E 320 -22.41 37.73 21.35
N GLN E 321 -23.69 37.98 21.58
CA GLN E 321 -24.25 38.10 22.90
C GLN E 321 -24.97 36.82 23.25
N PHE E 322 -25.12 35.95 22.26
CA PHE E 322 -25.82 34.67 22.43
C PHE E 322 -24.92 33.65 23.09
N ARG E 323 -25.51 32.82 23.94
CA ARG E 323 -24.80 31.74 24.64
C ARG E 323 -25.63 30.48 24.63
N MET E 324 -25.02 29.35 24.35
CA MET E 324 -25.76 28.09 24.46
C MET E 324 -24.85 26.91 24.83
N ILE E 325 -25.47 25.93 25.46
CA ILE E 325 -24.83 24.69 25.87
C ILE E 325 -25.77 23.56 25.50
N ALA E 326 -25.34 22.70 24.57
CA ALA E 326 -26.16 21.58 24.17
C ALA E 326 -25.57 20.24 24.64
N TYR E 327 -26.44 19.25 24.86
CA TYR E 327 -25.99 17.85 24.94
C TYR E 327 -26.85 17.01 23.97
N GLY E 328 -26.33 16.75 22.78
CA GLY E 328 -27.13 16.10 21.76
C GLY E 328 -28.24 17.09 21.49
N ASP E 329 -29.49 16.69 21.71
CA ASP E 329 -30.61 17.62 21.48
C ASP E 329 -30.95 18.46 22.69
N ASP E 330 -30.50 18.06 23.88
CA ASP E 330 -30.79 18.81 25.08
C ASP E 330 -30.08 20.17 25.03
N VAL E 331 -30.80 21.25 25.35
CA VAL E 331 -30.21 22.57 25.25
C VAL E 331 -30.69 23.55 26.31
N ILE E 332 -29.75 24.38 26.74
CA ILE E 332 -30.05 25.51 27.59
C ILE E 332 -29.25 26.68 27.00
N ALA E 333 -29.88 27.85 26.91
CA ALA E 333 -29.24 28.99 26.28
C ALA E 333 -29.66 30.29 26.93
N SER E 334 -29.07 31.39 26.46
CA SER E 334 -29.43 32.70 26.95
C SER E 334 -29.08 33.79 25.92
N TYR E 335 -29.88 34.85 25.92
CA TYR E 335 -29.68 36.06 25.11
C TYR E 335 -30.04 37.25 25.99
N PRO E 336 -29.32 38.38 25.83
CA PRO E 336 -29.57 39.51 26.76
C PRO E 336 -30.99 40.06 26.66
N TRP E 337 -31.58 39.96 25.48
CA TRP E 337 -32.94 40.43 25.26
C TRP E 337 -33.88 39.24 25.06
N PRO E 338 -35.13 39.37 25.50
CA PRO E 338 -36.13 38.30 25.45
C PRO E 338 -36.26 37.68 24.06
N ILE E 339 -36.56 36.39 24.03
CA ILE E 339 -36.69 35.65 22.78
C ILE E 339 -37.92 34.80 22.86
N ASP E 340 -38.75 34.83 21.83
CA ASP E 340 -39.98 34.04 21.84
C ASP E 340 -39.72 32.65 21.22
N ALA E 341 -39.64 31.64 22.08
CA ALA E 341 -39.36 30.27 21.66
C ALA E 341 -40.41 29.70 20.72
N SER E 342 -41.64 30.18 20.82
CA SER E 342 -42.72 29.64 20.00
C SER E 342 -42.50 30.00 18.53
N LEU E 343 -41.84 31.14 18.33
CA LEU E 343 -41.52 31.63 17.00
C LEU E 343 -40.33 30.88 16.45
N LEU E 344 -39.40 30.53 17.33
CA LEU E 344 -38.27 29.73 16.94
C LEU E 344 -38.78 28.36 16.51
N ALA E 345 -39.81 27.89 17.21
CA ALA E 345 -40.38 26.58 16.91
C ALA E 345 -41.10 26.59 15.56
N GLU E 346 -41.72 27.72 15.24
CA GLU E 346 -42.43 27.85 13.97
C GLU E 346 -41.42 27.88 12.81
N ALA E 347 -40.33 28.62 12.99
CA ALA E 347 -39.22 28.54 12.05
C ALA E 347 -38.66 27.11 12.03
N GLY E 348 -38.49 26.52 13.20
CA GLY E 348 -38.09 25.12 13.29
C GLY E 348 -38.91 24.19 12.42
N LYS E 349 -40.24 24.31 12.50
CA LYS E 349 -41.15 23.45 11.75
C LYS E 349 -40.86 23.46 10.24
N GLY E 350 -40.56 24.63 9.71
CA GLY E 350 -40.34 24.77 8.28
C GLY E 350 -39.08 24.06 7.87
N TYR E 351 -38.15 23.94 8.81
CA TYR E 351 -36.92 23.22 8.55
C TYR E 351 -37.03 21.73 8.87
N GLY E 352 -38.24 21.26 9.14
CA GLY E 352 -38.44 19.87 9.51
C GLY E 352 -38.11 19.52 10.96
N LEU E 353 -38.08 20.50 11.85
CA LEU E 353 -37.80 20.25 13.26
C LEU E 353 -39.05 20.39 14.14
N ILE E 354 -39.20 19.50 15.12
CA ILE E 354 -40.36 19.55 15.99
C ILE E 354 -40.00 20.05 17.39
N MET E 355 -40.30 21.31 17.67
CA MET E 355 -39.92 21.92 18.94
C MET E 355 -41.15 22.19 19.79
N THR E 356 -41.11 21.72 21.03
CA THR E 356 -42.20 21.88 21.98
C THR E 356 -41.74 22.67 23.21
N PRO E 357 -42.69 23.10 24.05
CA PRO E 357 -42.26 23.82 25.27
C PRO E 357 -41.40 22.94 26.17
N ALA E 358 -40.43 23.56 26.86
CA ALA E 358 -39.51 22.85 27.75
C ALA E 358 -40.24 21.98 28.78
N ASP E 359 -39.67 20.79 29.02
CA ASP E 359 -40.18 19.89 30.04
C ASP E 359 -41.66 19.59 29.87
N LYS E 360 -42.04 19.33 28.63
CA LYS E 360 -43.39 18.90 28.28
C LYS E 360 -44.49 19.82 28.81
N GLY E 361 -44.18 21.10 28.99
CA GLY E 361 -45.21 22.09 29.25
C GLY E 361 -46.07 22.22 28.01
N GLU E 362 -47.21 22.92 28.13
CA GLU E 362 -48.15 22.97 27.00
C GLU E 362 -48.26 24.39 26.43
N CYS E 363 -47.68 25.37 27.12
CA CYS E 363 -47.47 26.69 26.56
C CYS E 363 -45.98 27.05 26.65
N PHE E 364 -45.47 27.77 25.65
CA PHE E 364 -44.09 28.25 25.75
C PHE E 364 -44.04 29.33 26.80
N ASN E 365 -43.64 28.95 28.00
CA ASN E 365 -43.61 29.86 29.14
C ASN E 365 -42.26 30.54 29.28
N GLU E 366 -42.24 31.55 30.12
CA GLU E 366 -40.99 32.10 30.57
C GLU E 366 -40.17 30.97 31.21
N VAL E 367 -38.90 30.91 30.82
CA VAL E 367 -38.01 29.93 31.38
C VAL E 367 -37.19 30.64 32.44
N THR E 368 -37.26 30.11 33.65
CA THR E 368 -36.60 30.71 34.79
C THR E 368 -35.55 29.76 35.34
N TRP E 369 -34.60 30.30 36.10
CA TRP E 369 -33.68 29.43 36.82
C TRP E 369 -34.44 28.50 37.77
N THR E 370 -35.67 28.84 38.13
CA THR E 370 -36.45 27.99 39.02
C THR E 370 -37.02 26.78 38.30
N ASN E 371 -37.40 26.95 37.03
CA ASN E 371 -38.08 25.87 36.33
C ASN E 371 -37.28 25.26 35.16
N VAL E 372 -36.10 25.79 34.86
CA VAL E 372 -35.30 25.28 33.75
C VAL E 372 -34.62 23.95 34.14
N THR E 373 -34.58 23.00 33.21
CA THR E 373 -33.85 21.75 33.43
C THR E 373 -32.78 21.54 32.34
N PHE E 374 -31.83 20.67 32.64
CA PHE E 374 -30.80 20.28 31.69
C PHE E 374 -30.29 18.95 32.17
N LEU E 375 -30.14 17.98 31.26
CA LEU E 375 -29.77 16.62 31.67
C LEU E 375 -30.71 16.12 32.76
N LYS E 376 -31.99 16.42 32.57
CA LYS E 376 -33.06 16.08 33.53
C LYS E 376 -32.87 16.70 34.91
N ARG E 377 -31.99 17.68 35.03
CA ARG E 377 -31.68 18.22 36.36
C ARG E 377 -32.06 19.66 36.49
N TYR E 378 -32.73 19.99 37.60
CA TYR E 378 -33.01 21.37 37.95
C TYR E 378 -31.75 22.03 38.50
N PHE E 379 -31.81 23.35 38.63
CA PHE E 379 -30.75 24.15 39.22
C PHE E 379 -31.25 24.74 40.54
N ARG E 380 -30.50 24.55 41.64
CA ARG E 380 -30.84 25.19 42.92
C ARG E 380 -29.58 25.71 43.60
N ALA E 381 -29.58 27.00 43.94
CA ALA E 381 -28.45 27.56 44.69
C ALA E 381 -28.38 26.95 46.07
N ASP E 382 -27.16 26.65 46.51
CA ASP E 382 -26.94 26.23 47.89
C ASP E 382 -27.43 27.29 48.88
N GLU E 383 -28.04 26.86 49.99
CA GLU E 383 -28.52 27.77 51.03
C GLU E 383 -27.35 28.48 51.73
N GLN E 384 -26.32 27.71 52.06
CA GLN E 384 -25.09 28.27 52.64
C GLN E 384 -24.30 29.08 51.61
N TYR E 385 -23.70 28.42 50.62
CA TYR E 385 -22.85 29.10 49.64
C TYR E 385 -23.57 29.31 48.31
N PRO E 386 -24.16 30.50 48.14
CA PRO E 386 -25.10 30.69 47.03
C PRO E 386 -24.40 30.73 45.68
N PHE E 387 -23.08 30.78 45.63
CA PHE E 387 -22.42 30.67 44.35
C PHE E 387 -22.27 29.22 43.90
N LEU E 388 -22.56 28.29 44.80
CA LEU E 388 -22.58 26.87 44.43
C LEU E 388 -24.00 26.46 44.12
N VAL E 389 -24.17 25.75 43.01
CA VAL E 389 -25.48 25.38 42.51
C VAL E 389 -25.64 23.85 42.50
N HIS E 390 -26.77 23.39 43.01
CA HIS E 390 -27.07 21.95 43.07
C HIS E 390 -27.73 21.50 41.79
N PRO E 391 -27.21 20.43 41.16
CA PRO E 391 -28.00 19.73 40.13
C PRO E 391 -29.09 18.92 40.81
N VAL E 392 -30.36 19.23 40.58
CA VAL E 392 -31.41 18.50 41.30
C VAL E 392 -32.27 17.60 40.40
N MET E 393 -31.93 16.33 40.37
CA MET E 393 -32.76 15.33 39.71
C MET E 393 -34.01 15.04 40.53
N PRO E 394 -35.18 15.12 39.90
CA PRO E 394 -36.47 14.84 40.56
C PRO E 394 -36.52 13.50 41.27
N MET E 395 -36.91 13.52 42.54
CA MET E 395 -37.02 12.29 43.32
C MET E 395 -37.91 11.24 42.64
N LYS E 396 -38.87 11.70 41.85
CA LYS E 396 -39.77 10.76 41.18
C LYS E 396 -39.00 9.98 40.12
N ASP E 397 -38.04 10.62 39.47
CA ASP E 397 -37.21 9.88 38.52
C ASP E 397 -36.25 8.94 39.21
N ILE E 398 -35.78 9.32 40.39
CA ILE E 398 -34.95 8.43 41.17
C ILE E 398 -35.79 7.24 41.64
N HIS E 399 -37.03 7.52 42.01
CA HIS E 399 -37.99 6.48 42.39
C HIS E 399 -38.22 5.47 41.24
N GLU E 400 -38.38 5.97 40.01
CA GLU E 400 -38.58 5.04 38.89
C GLU E 400 -37.42 4.04 38.77
N SER E 401 -36.18 4.52 38.83
CA SER E 401 -35.00 3.65 38.77
C SER E 401 -34.96 2.56 39.85
N ILE E 402 -35.25 2.95 41.10
CA ILE E 402 -35.06 2.03 42.21
C ILE E 402 -36.07 0.90 42.18
N ARG E 403 -37.18 1.08 41.47
CA ARG E 403 -38.26 0.07 41.47
C ARG E 403 -37.99 -1.13 40.56
N TRP E 404 -36.82 -1.15 39.91
CA TRP E 404 -36.48 -2.22 38.98
C TRP E 404 -35.02 -2.58 39.09
N THR E 405 -34.65 -3.75 38.55
CA THR E 405 -33.26 -4.19 38.54
C THR E 405 -33.01 -5.14 37.36
N LYS E 406 -31.80 -5.09 36.81
CA LYS E 406 -31.42 -6.02 35.75
C LYS E 406 -30.68 -7.22 36.31
N ASP E 407 -30.37 -7.13 37.60
CA ASP E 407 -29.66 -8.14 38.36
C ASP E 407 -29.55 -7.68 39.83
N PRO E 408 -30.30 -8.32 40.73
CA PRO E 408 -30.41 -7.94 42.15
C PRO E 408 -29.08 -8.04 42.90
N LYS E 409 -28.12 -8.73 42.29
CA LYS E 409 -26.73 -8.77 42.74
C LYS E 409 -26.13 -7.36 42.81
N ASN E 410 -26.70 -6.43 42.03
CA ASN E 410 -26.13 -5.10 41.90
C ASN E 410 -26.80 -4.11 42.82
N THR E 411 -27.63 -4.61 43.73
CA THR E 411 -28.50 -3.73 44.51
C THR E 411 -27.73 -2.64 45.28
N GLN E 412 -26.63 -3.02 45.88
CA GLN E 412 -25.81 -2.09 46.65
C GLN E 412 -25.29 -0.93 45.77
N ASP E 413 -24.63 -1.27 44.67
CA ASP E 413 -24.14 -0.26 43.74
C ASP E 413 -25.26 0.61 43.17
N HIS E 414 -26.34 -0.04 42.73
CA HIS E 414 -27.52 0.66 42.21
C HIS E 414 -28.06 1.72 43.18
N VAL E 415 -28.39 1.32 44.41
CA VAL E 415 -28.99 2.26 45.36
C VAL E 415 -28.02 3.39 45.80
N ARG E 416 -26.76 3.06 45.99
CA ARG E 416 -25.73 4.04 46.32
C ARG E 416 -25.60 5.11 45.24
N SER E 417 -25.64 4.68 43.97
CA SER E 417 -25.61 5.61 42.85
C SER E 417 -26.77 6.57 42.91
N LEU E 418 -27.93 6.05 43.28
CA LEU E 418 -29.13 6.88 43.36
C LEU E 418 -29.02 7.87 44.51
N CYS E 419 -28.37 7.47 45.61
CA CYS E 419 -28.17 8.37 46.77
C CYS E 419 -27.41 9.62 46.36
N LEU E 420 -26.37 9.42 45.53
CA LEU E 420 -25.53 10.50 45.02
C LEU E 420 -26.31 11.45 44.13
N LEU E 421 -27.42 10.98 43.59
CA LEU E 421 -28.30 11.82 42.82
C LEU E 421 -29.27 12.50 43.75
N ALA E 422 -29.79 11.73 44.71
CA ALA E 422 -30.89 12.16 45.57
C ALA E 422 -30.57 13.28 46.55
N TRP E 423 -29.36 13.26 47.11
CA TRP E 423 -29.05 14.12 48.25
C TRP E 423 -29.17 15.61 47.92
N HIS E 424 -28.80 15.97 46.69
CA HIS E 424 -29.02 17.29 46.10
C HIS E 424 -30.44 17.81 46.23
N ASN E 425 -31.39 16.95 46.58
CA ASN E 425 -32.76 17.42 46.81
C ASN E 425 -32.94 18.04 48.20
N GLY E 426 -31.92 17.98 49.03
CA GLY E 426 -32.08 18.43 50.41
C GLY E 426 -32.01 17.35 51.48
N GLU E 427 -31.66 17.74 52.70
CA GLU E 427 -31.53 16.78 53.79
C GLU E 427 -32.86 16.09 54.10
N HIS E 428 -33.95 16.82 54.03
CA HIS E 428 -35.24 16.27 54.41
C HIS E 428 -35.68 15.19 53.45
N GLU E 429 -35.60 15.49 52.16
CA GLU E 429 -35.97 14.53 51.11
C GLU E 429 -35.04 13.34 51.17
N TYR E 430 -33.76 13.61 51.41
CA TYR E 430 -32.78 12.52 51.43
C TYR E 430 -33.15 11.53 52.50
N GLU E 431 -33.38 12.06 53.70
CA GLU E 431 -33.71 11.21 54.83
C GLU E 431 -34.97 10.44 54.61
N GLU E 432 -35.99 11.08 54.03
CA GLU E 432 -37.20 10.33 53.71
C GLU E 432 -36.92 9.14 52.76
N PHE E 433 -36.06 9.37 51.78
CA PHE E 433 -35.64 8.38 50.78
C PHE E 433 -34.90 7.24 51.48
N ILE E 434 -33.97 7.63 52.34
CA ILE E 434 -33.23 6.65 53.15
C ILE E 434 -34.17 5.82 54.02
N ARG E 435 -35.17 6.47 54.61
CA ARG E 435 -36.13 5.77 55.48
C ARG E 435 -36.93 4.71 54.69
N LYS E 436 -37.49 5.10 53.54
CA LYS E 436 -38.25 4.16 52.72
C LYS E 436 -37.39 2.99 52.24
N ILE E 437 -36.13 3.25 51.95
CA ILE E 437 -35.20 2.16 51.64
C ILE E 437 -35.05 1.22 52.83
N ARG E 438 -34.93 1.78 54.03
CA ARG E 438 -34.76 0.98 55.25
C ARG E 438 -36.08 0.34 55.69
N SER E 439 -37.17 0.69 55.03
CA SER E 439 -38.48 0.16 55.42
C SER E 439 -38.71 -1.25 54.92
N VAL E 440 -37.64 -1.88 54.44
CA VAL E 440 -37.75 -3.18 53.79
C VAL E 440 -36.46 -3.95 54.08
N PRO E 441 -36.57 -5.26 54.26
CA PRO E 441 -35.43 -6.03 54.79
C PRO E 441 -34.11 -5.88 54.01
N VAL E 442 -34.11 -5.95 52.68
CA VAL E 442 -32.86 -5.80 51.94
C VAL E 442 -32.26 -4.41 52.17
N GLY E 443 -33.13 -3.41 52.30
CA GLY E 443 -32.68 -2.05 52.57
C GLY E 443 -31.79 -1.94 53.79
N ARG E 444 -32.21 -2.58 54.89
CA ARG E 444 -31.43 -2.59 56.14
C ARG E 444 -30.08 -3.34 56.04
N CYS E 445 -29.82 -3.97 54.89
CA CYS E 445 -28.56 -4.68 54.65
C CYS E 445 -27.58 -3.87 53.81
N LEU E 446 -28.03 -2.70 53.37
CA LEU E 446 -27.21 -1.90 52.47
C LEU E 446 -26.41 -0.85 53.25
N THR E 447 -25.21 -0.59 52.75
CA THR E 447 -24.37 0.49 53.26
C THR E 447 -24.64 1.76 52.45
N LEU E 448 -25.27 2.73 53.12
CA LEU E 448 -25.75 3.96 52.50
C LEU E 448 -25.01 5.19 53.03
N PRO E 449 -24.46 6.02 52.12
CA PRO E 449 -23.69 7.20 52.52
C PRO E 449 -24.53 8.18 53.33
N ALA E 450 -23.95 8.76 54.38
CA ALA E 450 -24.69 9.75 55.17
C ALA E 450 -24.70 11.09 54.43
N PHE E 451 -25.80 11.82 54.59
CA PHE E 451 -25.98 13.13 53.97
C PHE E 451 -24.76 14.03 54.18
N SER E 452 -24.37 14.20 55.44
CA SER E 452 -23.27 15.08 55.83
C SER E 452 -21.99 14.73 55.10
N THR E 453 -21.79 13.44 54.90
CA THR E 453 -20.62 12.98 54.17
C THR E 453 -20.73 13.42 52.70
N LEU E 454 -21.92 13.25 52.12
CA LEU E 454 -22.10 13.63 50.71
C LEU E 454 -21.88 15.12 50.55
N ARG E 455 -22.50 15.91 51.43
CA ARG E 455 -22.34 17.35 51.38
C ARG E 455 -20.88 17.74 51.53
N ARG E 456 -20.16 17.08 52.43
CA ARG E 456 -18.78 17.45 52.67
C ARG E 456 -17.95 17.19 51.43
N LYS E 457 -18.17 16.05 50.80
CA LYS E 457 -17.39 15.66 49.62
C LYS E 457 -17.62 16.65 48.49
N TRP E 458 -18.84 17.16 48.41
CA TRP E 458 -19.24 18.05 47.34
C TRP E 458 -18.54 19.39 47.50
N LEU E 459 -18.72 20.02 48.66
CA LEU E 459 -18.00 21.24 49.03
C LEU E 459 -16.50 21.09 48.81
N ASP E 460 -15.95 19.94 49.20
CA ASP E 460 -14.54 19.68 48.96
C ASP E 460 -14.16 19.72 47.48
N SER E 461 -15.12 19.36 46.64
CA SER E 461 -14.88 19.25 45.21
C SER E 461 -14.48 20.59 44.59
N PHE E 462 -14.87 21.67 45.24
CA PHE E 462 -14.59 23.01 44.76
C PHE E 462 -13.30 23.64 45.32
N GLY E 463 -12.45 22.84 45.96
CA GLY E 463 -11.21 23.35 46.50
C GLY E 463 -9.99 22.88 45.73
N GLY I 1 -36.84 2.01 -11.53
CA GLY I 1 -35.97 3.15 -11.27
C GLY I 1 -36.71 4.36 -10.75
N GLU I 2 -36.14 4.99 -9.72
CA GLU I 2 -36.78 6.10 -9.03
C GLU I 2 -35.78 7.12 -8.45
N ILE I 3 -36.11 8.41 -8.61
CA ILE I 3 -35.27 9.48 -8.04
C ILE I 3 -35.62 9.64 -6.56
N GLU I 4 -34.66 9.38 -5.69
CA GLU I 4 -34.99 9.37 -4.27
C GLU I 4 -34.85 10.77 -3.70
N PHE I 5 -33.79 11.47 -4.07
CA PHE I 5 -33.51 12.77 -3.47
C PHE I 5 -32.84 13.72 -4.45
N ILE I 6 -33.21 14.99 -4.36
CA ILE I 6 -32.57 16.02 -5.16
C ILE I 6 -32.10 17.13 -4.25
N GLU I 7 -30.84 17.52 -4.42
CA GLU I 7 -30.31 18.66 -3.70
C GLU I 7 -29.57 19.54 -4.68
N SER I 8 -29.31 20.76 -4.23
CA SER I 8 -28.45 21.68 -4.97
C SER I 8 -27.02 21.16 -4.99
N SER I 9 -26.36 21.22 -6.14
CA SER I 9 -24.98 20.72 -6.23
C SER I 9 -24.04 21.50 -5.33
N LYS I 10 -24.32 22.80 -5.17
CA LYS I 10 -23.58 23.63 -4.22
C LYS I 10 -23.59 23.00 -2.82
N ASP I 11 -24.79 22.70 -2.32
CA ASP I 11 -24.94 22.08 -1.00
C ASP I 11 -24.08 20.82 -0.85
N ALA I 12 -23.88 20.10 -1.95
CA ALA I 12 -23.23 18.79 -1.89
C ALA I 12 -21.76 18.86 -2.24
N GLY I 13 -21.23 20.08 -2.36
CA GLY I 13 -19.83 20.27 -2.67
C GLY I 13 -19.48 19.92 -4.12
N PHE I 14 -20.37 20.27 -5.05
CA PHE I 14 -20.16 20.03 -6.48
C PHE I 14 -20.43 21.31 -7.27
N PRO I 15 -19.65 21.54 -8.34
CA PRO I 15 -19.85 22.70 -9.22
C PRO I 15 -21.03 22.50 -10.16
N VAL I 16 -21.61 23.59 -10.65
CA VAL I 16 -22.63 23.52 -11.68
C VAL I 16 -21.96 23.02 -12.96
N ILE I 17 -22.65 22.19 -13.75
CA ILE I 17 -22.03 21.67 -14.97
C ILE I 17 -22.57 22.40 -16.19
N ASN I 18 -21.65 22.81 -17.07
CA ASN I 18 -22.03 23.42 -18.33
C ASN I 18 -22.49 22.33 -19.28
N THR I 19 -23.78 22.34 -19.60
CA THR I 19 -24.36 21.30 -20.44
C THR I 19 -24.86 21.91 -21.74
N PRO I 20 -24.38 21.37 -22.87
CA PRO I 20 -24.64 21.89 -24.23
C PRO I 20 -26.13 22.09 -24.52
N SER I 21 -26.48 23.21 -25.13
CA SER I 21 -27.89 23.56 -25.31
C SER I 21 -28.34 23.57 -26.77
N LYS I 22 -27.40 23.40 -27.70
CA LYS I 22 -27.71 23.51 -29.12
C LYS I 22 -27.26 22.27 -29.93
N THR I 23 -28.13 21.82 -30.83
CA THR I 23 -27.85 20.62 -31.63
C THR I 23 -26.68 20.81 -32.59
N LYS I 24 -26.02 19.74 -32.98
CA LYS I 24 -25.06 19.81 -34.08
C LYS I 24 -25.76 19.53 -35.40
N LEU I 25 -26.95 18.94 -35.33
CA LEU I 25 -27.68 18.51 -36.52
C LEU I 25 -28.29 19.69 -37.27
N GLU I 26 -28.00 19.74 -38.57
CA GLU I 26 -28.53 20.75 -39.49
C GLU I 26 -29.09 20.03 -40.72
N PRO I 27 -30.10 20.61 -41.37
CA PRO I 27 -30.61 20.02 -42.61
C PRO I 27 -29.52 19.85 -43.64
N SER I 28 -29.51 18.71 -44.35
CA SER I 28 -28.52 18.42 -45.36
C SER I 28 -29.00 18.87 -46.73
N VAL I 29 -28.09 18.82 -47.70
CA VAL I 29 -28.45 19.03 -49.10
C VAL I 29 -29.52 18.05 -49.58
N PHE I 30 -29.75 17.00 -48.81
CA PHE I 30 -30.74 16.01 -49.19
C PHE I 30 -32.06 16.15 -48.44
N HIS I 31 -32.17 17.16 -47.59
CA HIS I 31 -33.35 17.36 -46.74
C HIS I 31 -34.67 17.40 -47.54
N GLN I 32 -34.63 17.97 -48.74
CA GLN I 32 -35.84 18.13 -49.53
C GLN I 32 -35.97 17.01 -50.54
N VAL I 33 -34.89 16.26 -50.75
CA VAL I 33 -34.95 15.15 -51.70
C VAL I 33 -35.79 13.98 -51.19
N PHE I 34 -35.65 13.69 -49.91
CA PHE I 34 -36.37 12.60 -49.27
C PHE I 34 -37.36 13.09 -48.23
N GLU I 35 -38.37 12.28 -47.93
CA GLU I 35 -39.29 12.56 -46.84
C GLU I 35 -38.75 12.07 -45.50
N GLY I 36 -39.20 12.65 -44.41
CA GLY I 36 -38.77 12.23 -43.09
C GLY I 36 -39.64 12.83 -42.02
N ASN I 37 -39.71 12.19 -40.85
CA ASN I 37 -40.63 12.63 -39.81
C ASN I 37 -39.87 13.10 -38.57
N LYS I 38 -38.55 13.12 -38.65
CA LYS I 38 -37.75 13.39 -37.46
C LYS I 38 -36.97 14.68 -37.54
N GLU I 39 -36.79 15.30 -36.38
CA GLU I 39 -35.99 16.50 -36.18
C GLU I 39 -35.06 16.31 -34.98
N PRO I 40 -34.08 17.20 -34.81
CA PRO I 40 -33.21 17.11 -33.63
C PRO I 40 -34.01 17.19 -32.34
N ALA I 41 -33.63 16.37 -31.35
CA ALA I 41 -34.32 16.29 -30.07
C ALA I 41 -34.21 17.60 -29.31
N VAL I 42 -35.26 17.94 -28.56
CA VAL I 42 -35.24 19.13 -27.72
C VAL I 42 -34.11 18.99 -26.72
N LEU I 43 -33.32 20.05 -26.53
CA LEU I 43 -32.17 20.00 -25.65
C LEU I 43 -32.27 20.98 -24.49
N ARG I 44 -33.32 21.80 -24.48
CA ARG I 44 -33.46 22.89 -23.53
C ARG I 44 -34.92 23.33 -23.41
N SER I 45 -35.25 23.96 -22.28
CA SER I 45 -36.63 24.23 -21.88
C SER I 45 -37.29 25.31 -22.74
N GLY I 46 -36.48 26.14 -23.38
CA GLY I 46 -37.01 27.19 -24.22
C GLY I 46 -37.01 26.83 -25.69
N ASP I 47 -37.38 25.59 -25.99
CA ASP I 47 -37.53 25.16 -27.38
C ASP I 47 -38.93 25.52 -27.85
N PRO I 48 -39.01 26.24 -28.97
CA PRO I 48 -40.26 26.66 -29.62
C PRO I 48 -41.20 25.49 -29.94
N ARG I 49 -40.64 24.29 -30.02
CA ARG I 49 -41.40 23.16 -30.52
C ARG I 49 -42.12 22.42 -29.37
N LEU I 50 -41.80 22.77 -28.13
CA LEU I 50 -42.42 22.11 -26.98
C LEU I 50 -43.91 22.40 -26.81
N LYS I 51 -44.64 21.35 -26.45
CA LYS I 51 -46.05 21.44 -26.11
C LYS I 51 -46.23 20.87 -24.70
N ALA I 52 -45.09 20.57 -24.08
CA ALA I 52 -45.08 19.95 -22.76
C ALA I 52 -43.90 20.47 -21.98
N ASN I 53 -43.83 20.11 -20.70
CA ASN I 53 -42.71 20.55 -19.89
C ASN I 53 -41.50 19.68 -20.16
N PHE I 54 -40.37 20.31 -20.45
CA PHE I 54 -39.20 19.58 -20.90
C PHE I 54 -38.59 18.71 -19.80
N GLU I 55 -38.22 19.32 -18.67
CA GLU I 55 -37.58 18.57 -17.59
C GLU I 55 -38.47 17.49 -17.00
N GLU I 56 -39.77 17.74 -17.02
CA GLU I 56 -40.75 16.74 -16.62
C GLU I 56 -40.67 15.56 -17.58
N ALA I 57 -40.50 15.87 -18.87
CA ALA I 57 -40.52 14.83 -19.88
C ALA I 57 -39.32 13.93 -19.78
N ILE I 58 -38.13 14.51 -19.73
CA ILE I 58 -36.91 13.72 -19.80
C ILE I 58 -36.68 12.86 -18.58
N PHE I 59 -37.28 13.22 -17.45
CA PHE I 59 -37.09 12.41 -16.26
C PHE I 59 -38.26 11.47 -15.98
N SER I 60 -39.33 11.55 -16.78
CA SER I 60 -40.51 10.72 -16.52
C SER I 60 -40.22 9.23 -16.64
N LYS I 61 -39.10 8.86 -17.26
CA LYS I 61 -38.76 7.45 -17.43
C LYS I 61 -38.56 6.72 -16.10
N TYR I 62 -38.16 7.46 -15.08
CA TYR I 62 -38.04 6.85 -13.76
C TYR I 62 -39.43 6.60 -13.19
N ILE I 63 -40.03 5.49 -13.63
CA ILE I 63 -41.44 5.23 -13.37
C ILE I 63 -41.70 4.76 -11.93
N GLY I 64 -40.64 4.36 -11.24
CA GLY I 64 -40.77 3.86 -9.89
C GLY I 64 -40.16 2.49 -9.75
N ASN I 65 -40.26 1.94 -8.54
CA ASN I 65 -39.74 0.62 -8.28
C ASN I 65 -40.83 -0.29 -7.75
N VAL I 66 -40.77 -1.58 -8.08
CA VAL I 66 -41.55 -2.53 -7.32
C VAL I 66 -40.66 -3.01 -6.21
N ASN I 67 -41.25 -3.20 -5.05
CA ASN I 67 -40.49 -3.75 -3.95
C ASN I 67 -40.90 -5.18 -3.76
N THR I 68 -40.13 -6.08 -4.35
CA THR I 68 -40.36 -7.50 -4.18
C THR I 68 -39.00 -8.13 -3.96
N HIS I 69 -39.04 -9.40 -3.59
CA HIS I 69 -37.88 -10.13 -3.19
C HIS I 69 -37.54 -11.02 -4.36
N VAL I 70 -36.33 -11.56 -4.34
CA VAL I 70 -35.91 -12.47 -5.38
C VAL I 70 -36.72 -13.76 -5.22
N ASP I 71 -37.76 -13.92 -6.05
CA ASP I 71 -38.61 -15.09 -5.89
C ASP I 71 -38.06 -16.34 -6.56
N GLU I 72 -38.78 -17.45 -6.42
CA GLU I 72 -38.31 -18.76 -6.84
C GLU I 72 -38.13 -18.83 -8.37
N TYR I 73 -38.90 -18.03 -9.08
CA TYR I 73 -38.80 -17.95 -10.52
C TYR I 73 -37.49 -17.31 -10.96
N MET I 74 -37.14 -16.18 -10.35
CA MET I 74 -35.86 -15.53 -10.61
C MET I 74 -34.69 -16.46 -10.30
N LEU I 75 -34.82 -17.17 -9.17
CA LEU I 75 -33.78 -18.10 -8.71
C LEU I 75 -33.51 -19.18 -9.75
N GLU I 76 -34.56 -19.82 -10.25
CA GLU I 76 -34.39 -20.82 -11.30
C GLU I 76 -33.88 -20.18 -12.59
N ALA I 77 -34.36 -18.97 -12.90
CA ALA I 77 -33.92 -18.26 -14.10
C ALA I 77 -32.41 -18.02 -14.04
N VAL I 78 -31.95 -17.55 -12.87
CA VAL I 78 -30.54 -17.25 -12.67
C VAL I 78 -29.70 -18.53 -12.78
N ASP I 79 -30.16 -19.59 -12.14
CA ASP I 79 -29.45 -20.86 -12.23
C ASP I 79 -29.35 -21.36 -13.67
N HIS I 80 -30.42 -21.21 -14.44
CA HIS I 80 -30.42 -21.71 -15.82
C HIS I 80 -29.43 -20.93 -16.68
N TYR I 81 -29.47 -19.60 -16.57
CA TYR I 81 -28.60 -18.75 -17.37
C TYR I 81 -27.14 -18.89 -16.91
N ALA I 82 -26.93 -19.01 -15.59
CA ALA I 82 -25.58 -19.29 -15.07
C ALA I 82 -25.01 -20.61 -15.61
N GLY I 83 -25.88 -21.58 -15.85
CA GLY I 83 -25.46 -22.87 -16.38
C GLY I 83 -24.88 -22.75 -17.79
N GLN I 84 -25.48 -21.88 -18.60
CA GLN I 84 -24.93 -21.60 -19.93
C GLN I 84 -23.59 -20.87 -19.80
N LEU I 85 -23.57 -19.75 -19.08
CA LEU I 85 -22.35 -18.94 -18.99
C LEU I 85 -21.16 -19.72 -18.42
N ALA I 86 -21.44 -20.80 -17.70
CA ALA I 86 -20.36 -21.58 -17.09
C ALA I 86 -19.56 -22.31 -18.16
N THR I 87 -20.21 -22.68 -19.28
CA THR I 87 -19.51 -23.27 -20.43
C THR I 87 -18.42 -22.37 -21.03
N LEU I 88 -18.52 -21.06 -20.82
CA LEU I 88 -17.64 -20.10 -21.51
C LEU I 88 -16.30 -19.88 -20.82
N ASP I 89 -16.22 -20.25 -19.54
CA ASP I 89 -14.98 -20.17 -18.76
C ASP I 89 -14.57 -18.74 -18.47
N ILE I 90 -15.52 -17.91 -18.08
CA ILE I 90 -15.23 -16.52 -17.75
C ILE I 90 -14.25 -16.43 -16.57
N SER I 91 -13.16 -15.69 -16.77
CA SER I 91 -12.24 -15.45 -15.66
C SER I 91 -12.69 -14.29 -14.80
N THR I 92 -12.69 -14.49 -13.50
CA THR I 92 -13.08 -13.46 -12.56
C THR I 92 -11.84 -12.71 -12.05
N GLU I 93 -10.68 -13.16 -12.51
CA GLU I 93 -9.44 -12.44 -12.23
C GLU I 93 -9.46 -11.10 -12.94
N PRO I 94 -8.97 -10.05 -12.26
CA PRO I 94 -8.91 -8.69 -12.80
C PRO I 94 -8.19 -8.63 -14.13
N MET I 95 -8.59 -7.71 -14.97
CA MET I 95 -7.90 -7.54 -16.24
C MET I 95 -6.67 -6.70 -15.97
N LYS I 96 -5.56 -7.06 -16.61
CA LYS I 96 -4.34 -6.26 -16.56
C LYS I 96 -4.66 -4.81 -16.92
N LEU I 97 -4.16 -3.88 -16.11
CA LEU I 97 -4.53 -2.47 -16.27
C LEU I 97 -4.25 -1.95 -17.67
N GLU I 98 -3.21 -2.45 -18.31
CA GLU I 98 -2.86 -1.96 -19.63
C GLU I 98 -3.91 -2.37 -20.66
N ASP I 99 -4.26 -3.66 -20.63
CA ASP I 99 -5.35 -4.20 -21.46
C ASP I 99 -6.70 -3.54 -21.21
N ALA I 100 -7.00 -3.30 -19.94
CA ALA I 100 -8.28 -2.71 -19.54
C ALA I 100 -8.43 -1.29 -20.09
N VAL I 101 -7.32 -0.57 -20.18
CA VAL I 101 -7.37 0.81 -20.65
C VAL I 101 -7.09 0.92 -22.15
N TYR I 102 -6.07 0.23 -22.64
CA TYR I 102 -5.59 0.50 -23.99
C TYR I 102 -5.98 -0.62 -24.96
N GLY I 103 -6.79 -1.56 -24.50
CA GLY I 103 -7.39 -2.54 -25.39
C GLY I 103 -6.69 -3.87 -25.47
N THR I 104 -7.48 -4.92 -25.72
CA THR I 104 -6.95 -6.27 -25.93
C THR I 104 -7.97 -7.02 -26.77
N GLU I 105 -7.62 -8.21 -27.23
CA GLU I 105 -8.53 -8.99 -28.04
C GLU I 105 -9.87 -9.12 -27.33
N GLY I 106 -10.93 -8.70 -28.00
CA GLY I 106 -12.27 -8.79 -27.43
C GLY I 106 -12.69 -7.60 -26.59
N LEU I 107 -11.85 -6.58 -26.51
CA LEU I 107 -12.18 -5.42 -25.70
C LEU I 107 -11.41 -4.19 -26.16
N GLU I 108 -12.11 -3.29 -26.85
CA GLU I 108 -11.49 -2.12 -27.43
C GLU I 108 -11.08 -1.13 -26.36
N ALA I 109 -10.05 -0.32 -26.66
CA ALA I 109 -9.51 0.64 -25.71
C ALA I 109 -10.57 1.66 -25.34
N LEU I 110 -10.34 2.39 -24.25
CA LEU I 110 -11.27 3.45 -23.91
C LEU I 110 -11.40 4.43 -25.08
N ASP I 111 -12.51 5.16 -25.11
CA ASP I 111 -12.74 6.13 -26.16
C ASP I 111 -12.23 7.49 -25.69
N LEU I 112 -11.14 7.95 -26.32
CA LEU I 112 -10.46 9.19 -25.91
C LEU I 112 -11.10 10.40 -26.57
N THR I 113 -12.02 10.11 -27.49
CA THR I 113 -12.87 11.09 -28.16
C THR I 113 -13.90 11.70 -27.22
N THR I 114 -14.27 10.95 -26.18
CA THR I 114 -15.39 11.36 -25.34
C THR I 114 -14.90 11.98 -24.05
N SER I 115 -15.76 12.82 -23.48
CA SER I 115 -15.55 13.41 -22.16
C SER I 115 -15.07 12.40 -21.10
N ALA I 116 -14.22 12.88 -20.20
CA ALA I 116 -13.67 12.07 -19.12
C ALA I 116 -14.58 12.11 -17.86
N GLY I 117 -15.63 12.92 -17.90
CA GLY I 117 -16.59 12.95 -16.81
C GLY I 117 -16.12 13.71 -15.59
N TYR I 118 -16.84 13.55 -14.48
CA TYR I 118 -16.46 14.21 -13.24
C TYR I 118 -15.21 13.56 -12.65
N PRO I 119 -14.31 14.38 -12.05
CA PRO I 119 -14.35 15.84 -11.89
C PRO I 119 -13.80 16.59 -13.09
N TYR I 120 -13.16 15.84 -13.98
CA TYR I 120 -12.41 16.41 -15.10
C TYR I 120 -13.19 17.40 -15.96
N VAL I 121 -14.45 17.09 -16.24
CA VAL I 121 -15.30 17.98 -17.03
C VAL I 121 -15.35 19.41 -16.46
N ALA I 122 -15.19 19.57 -15.15
CA ALA I 122 -15.26 20.92 -14.57
C ALA I 122 -13.87 21.46 -14.23
N LEU I 123 -12.87 20.63 -14.47
CA LEU I 123 -11.47 21.02 -14.33
C LEU I 123 -10.85 21.40 -15.70
N GLY I 124 -11.62 21.26 -16.77
CA GLY I 124 -11.10 21.48 -18.10
C GLY I 124 -10.07 20.45 -18.55
N ILE I 125 -10.16 19.24 -18.01
CA ILE I 125 -9.25 18.15 -18.35
C ILE I 125 -9.92 17.09 -19.27
N LYS I 126 -9.23 16.70 -20.34
CA LYS I 126 -9.75 15.71 -21.30
C LYS I 126 -9.09 14.33 -21.14
N LYS I 127 -9.74 13.28 -21.63
CA LYS I 127 -9.16 11.93 -21.55
C LYS I 127 -7.74 11.89 -22.09
N ARG I 128 -7.54 12.56 -23.23
CA ARG I 128 -6.23 12.56 -23.88
C ARG I 128 -5.18 13.39 -23.12
N ASP I 129 -5.61 14.25 -22.20
CA ASP I 129 -4.64 14.88 -21.27
C ASP I 129 -4.03 13.86 -20.29
N ILE I 130 -4.65 12.69 -20.22
CA ILE I 130 -4.34 11.70 -19.19
C ILE I 130 -3.83 10.39 -19.76
N LEU I 131 -4.31 10.05 -20.97
CA LEU I 131 -3.90 8.80 -21.61
C LEU I 131 -3.45 9.06 -23.03
N SER I 132 -2.63 8.16 -23.55
CA SER I 132 -2.17 8.24 -24.93
C SER I 132 -1.98 6.83 -25.48
N LYS I 133 -2.58 6.56 -26.63
CA LYS I 133 -2.47 5.26 -27.25
C LYS I 133 -1.08 4.99 -27.82
N LYS I 134 -0.40 6.04 -28.25
CA LYS I 134 0.93 5.91 -28.87
C LYS I 134 1.95 5.43 -27.84
N THR I 135 1.71 5.81 -26.59
CA THR I 135 2.66 5.63 -25.52
C THR I 135 2.23 4.57 -24.49
N LYS I 136 0.92 4.40 -24.30
CA LYS I 136 0.35 3.46 -23.33
C LYS I 136 0.79 3.73 -21.88
N ASP I 137 0.87 5.02 -21.54
CA ASP I 137 1.31 5.44 -20.20
C ASP I 137 0.21 5.26 -19.18
N LEU I 138 0.53 4.58 -18.09
CA LEU I 138 -0.42 4.47 -17.00
C LEU I 138 -0.11 5.44 -15.84
N THR I 139 1.11 5.96 -15.86
CA THR I 139 1.61 6.94 -14.88
C THR I 139 0.55 7.96 -14.46
N LYS I 140 0.16 8.82 -15.39
CA LYS I 140 -0.75 9.92 -15.11
C LYS I 140 -2.14 9.45 -14.67
N LEU I 141 -2.51 8.23 -15.07
CA LEU I 141 -3.85 7.72 -14.79
C LEU I 141 -3.97 7.30 -13.33
N LYS I 142 -3.07 6.41 -12.89
CA LYS I 142 -2.98 6.00 -11.47
C LYS I 142 -2.99 7.19 -10.52
N GLU I 143 -2.33 8.26 -10.93
CA GLU I 143 -2.25 9.47 -10.14
C GLU I 143 -3.60 10.18 -10.03
N CYS I 144 -4.37 10.16 -11.12
CA CYS I 144 -5.68 10.82 -11.15
C CYS I 144 -6.72 10.00 -10.40
N MET I 145 -6.54 8.69 -10.42
CA MET I 145 -7.43 7.78 -9.71
C MET I 145 -7.19 7.82 -8.20
N ASP I 146 -5.92 7.85 -7.83
CA ASP I 146 -5.55 8.04 -6.44
C ASP I 146 -6.01 9.40 -5.94
N LYS I 147 -5.85 10.43 -6.76
CA LYS I 147 -6.30 11.75 -6.34
C LYS I 147 -7.83 11.82 -6.15
N TYR I 148 -8.58 11.49 -7.20
CA TYR I 148 -10.02 11.70 -7.14
C TYR I 148 -10.85 10.50 -6.70
N GLY I 149 -10.25 9.31 -6.71
CA GLY I 149 -10.92 8.15 -6.15
C GLY I 149 -12.00 7.55 -7.03
N LEU I 150 -12.87 6.74 -6.43
CA LEU I 150 -13.92 6.03 -7.16
C LEU I 150 -15.34 6.44 -6.79
N ASN I 151 -16.30 5.93 -7.56
CA ASN I 151 -17.72 6.16 -7.29
C ASN I 151 -18.06 7.63 -7.38
N LEU I 152 -17.59 8.25 -8.45
CA LEU I 152 -17.87 9.64 -8.67
C LEU I 152 -19.27 9.79 -9.26
N PRO I 153 -19.90 10.96 -9.05
CA PRO I 153 -21.22 11.13 -9.66
C PRO I 153 -21.11 11.10 -11.20
N MET I 154 -22.13 10.56 -11.85
CA MET I 154 -22.16 10.53 -13.28
C MET I 154 -22.76 11.86 -13.70
N VAL I 155 -22.41 12.33 -14.90
CA VAL I 155 -22.93 13.61 -15.36
C VAL I 155 -24.01 13.39 -16.39
N THR I 156 -25.20 13.92 -16.12
CA THR I 156 -26.33 13.76 -17.04
C THR I 156 -26.33 14.75 -18.21
N TYR I 157 -26.29 14.25 -19.44
CA TYR I 157 -26.48 15.10 -20.63
C TYR I 157 -27.70 14.68 -21.43
N VAL I 158 -28.30 15.62 -22.14
CA VAL I 158 -29.35 15.27 -23.09
C VAL I 158 -28.68 14.78 -24.38
N LYS I 159 -29.21 13.71 -24.96
CA LYS I 159 -28.60 13.11 -26.15
C LYS I 159 -29.02 13.84 -27.41
N ASP I 160 -28.02 14.30 -28.17
CA ASP I 160 -28.22 15.03 -29.42
C ASP I 160 -28.40 14.05 -30.55
N GLU I 161 -29.62 13.91 -31.04
CA GLU I 161 -29.95 12.85 -32.02
C GLU I 161 -31.29 13.21 -32.64
N LEU I 162 -31.66 12.54 -33.72
CA LEU I 162 -32.98 12.78 -34.31
C LEU I 162 -34.05 12.06 -33.48
N ARG I 163 -35.21 12.69 -33.37
CA ARG I 163 -36.36 12.10 -32.71
C ARG I 163 -37.59 12.41 -33.52
N SER I 164 -38.63 11.60 -33.34
CA SER I 164 -39.90 11.79 -34.02
C SER I 164 -40.52 13.11 -33.62
N ILE I 165 -41.33 13.66 -34.53
CA ILE I 165 -42.01 14.94 -34.32
C ILE I 165 -42.79 14.97 -33.00
N GLU I 166 -43.49 13.88 -32.75
CA GLU I 166 -44.29 13.74 -31.56
C GLU I 166 -43.44 13.91 -30.30
N LYS I 167 -42.30 13.21 -30.26
CA LYS I 167 -41.43 13.21 -29.09
C LYS I 167 -40.74 14.56 -28.92
N VAL I 168 -40.73 15.32 -30.01
CA VAL I 168 -40.13 16.63 -29.96
C VAL I 168 -41.09 17.52 -29.20
N ALA I 169 -42.37 17.42 -29.56
CA ALA I 169 -43.41 18.23 -28.95
C ALA I 169 -43.52 17.87 -27.49
N LYS I 170 -43.55 16.57 -27.20
CA LYS I 170 -43.64 16.12 -25.80
C LYS I 170 -42.33 16.21 -25.04
N GLY I 171 -41.29 16.79 -25.66
CA GLY I 171 -39.99 16.92 -25.04
C GLY I 171 -39.36 15.61 -24.58
N LYS I 172 -39.71 14.51 -25.24
CA LYS I 172 -39.20 13.20 -24.86
C LYS I 172 -37.84 12.95 -25.48
N SER I 173 -36.83 13.58 -24.91
CA SER I 173 -35.46 13.41 -25.38
C SER I 173 -34.81 12.36 -24.51
N ARG I 174 -33.67 11.82 -24.94
CA ARG I 174 -33.03 10.77 -24.15
C ARG I 174 -31.87 11.38 -23.40
N LEU I 175 -31.55 10.76 -22.26
CA LEU I 175 -30.46 11.20 -21.39
C LEU I 175 -29.36 10.16 -21.38
N ILE I 176 -28.12 10.63 -21.31
CA ILE I 176 -26.99 9.73 -21.10
C ILE I 176 -26.28 10.07 -19.80
N GLU I 177 -25.64 9.08 -19.20
CA GLU I 177 -25.00 9.28 -17.91
C GLU I 177 -23.51 9.09 -18.11
N ALA I 178 -22.78 10.19 -18.11
CA ALA I 178 -21.35 10.11 -18.35
C ALA I 178 -20.66 9.48 -17.15
N SER I 179 -19.96 8.38 -17.41
CA SER I 179 -19.19 7.73 -16.36
C SER I 179 -17.82 8.38 -16.19
N SER I 180 -17.41 8.58 -14.95
CA SER I 180 -16.06 9.07 -14.70
C SER I 180 -15.01 8.11 -15.27
N LEU I 181 -13.98 8.70 -15.87
CA LEU I 181 -12.81 7.95 -16.35
C LEU I 181 -12.36 6.92 -15.33
N ASN I 182 -12.28 7.34 -14.07
CA ASN I 182 -11.86 6.49 -12.97
C ASN I 182 -12.76 5.25 -12.85
N ASP I 183 -14.07 5.48 -12.84
CA ASP I 183 -15.01 4.38 -12.68
C ASP I 183 -15.04 3.46 -13.90
N SER I 184 -14.94 4.03 -15.09
CA SER I 184 -14.82 3.21 -16.30
C SER I 184 -13.64 2.25 -16.18
N VAL I 185 -12.47 2.81 -15.84
CA VAL I 185 -11.27 2.00 -15.67
C VAL I 185 -11.47 0.92 -14.62
N ALA I 186 -11.95 1.29 -13.44
CA ALA I 186 -12.18 0.31 -12.38
C ALA I 186 -13.13 -0.81 -12.82
N MET I 187 -14.26 -0.42 -13.41
CA MET I 187 -15.20 -1.39 -13.96
C MET I 187 -14.51 -2.34 -14.93
N ARG I 188 -13.69 -1.80 -15.82
CA ARG I 188 -13.07 -2.60 -16.86
C ARG I 188 -12.03 -3.52 -16.26
N GLN I 189 -11.31 -3.05 -15.25
CA GLN I 189 -10.41 -3.95 -14.53
C GLN I 189 -11.15 -5.16 -13.97
N THR I 190 -12.24 -4.86 -13.25
CA THR I 190 -13.02 -5.87 -12.54
C THR I 190 -13.77 -6.82 -13.49
N PHE I 191 -14.43 -6.25 -14.52
CA PHE I 191 -15.32 -7.06 -15.38
C PHE I 191 -14.85 -7.24 -16.82
N GLY I 192 -13.64 -6.76 -17.14
CA GLY I 192 -13.09 -6.86 -18.48
C GLY I 192 -13.11 -8.23 -19.13
N ASN I 193 -12.77 -9.27 -18.38
CA ASN I 193 -12.74 -10.62 -18.93
C ASN I 193 -14.14 -11.12 -19.29
N LEU I 194 -15.12 -10.72 -18.49
CA LEU I 194 -16.51 -11.00 -18.85
C LEU I 194 -16.90 -10.27 -20.14
N TYR I 195 -16.62 -8.95 -20.18
CA TYR I 195 -16.83 -8.13 -21.39
C TYR I 195 -16.27 -8.79 -22.65
N LYS I 196 -15.01 -9.19 -22.53
CA LYS I 196 -14.25 -9.82 -23.61
C LYS I 196 -14.90 -11.12 -24.06
N THR I 197 -15.26 -11.96 -23.10
CA THR I 197 -15.87 -13.26 -23.39
C THR I 197 -17.24 -13.10 -24.06
N PHE I 198 -18.00 -12.09 -23.64
CA PHE I 198 -19.28 -11.83 -24.26
C PHE I 198 -19.04 -11.36 -25.70
N HIS I 199 -18.18 -10.36 -25.86
CA HIS I 199 -17.88 -9.78 -27.18
C HIS I 199 -17.37 -10.79 -28.16
N LEU I 200 -16.63 -11.78 -27.67
CA LEU I 200 -16.12 -12.83 -28.53
C LEU I 200 -17.16 -13.90 -28.85
N ASN I 201 -18.25 -13.93 -28.09
CA ASN I 201 -19.23 -15.00 -28.25
C ASN I 201 -20.67 -14.57 -28.35
N PRO I 202 -20.99 -13.71 -29.33
CA PRO I 202 -22.40 -13.37 -29.51
C PRO I 202 -23.18 -14.61 -29.96
N GLY I 203 -24.43 -14.76 -29.54
CA GLY I 203 -25.20 -15.95 -29.88
C GLY I 203 -26.08 -16.42 -28.72
N VAL I 204 -26.48 -17.69 -28.72
CA VAL I 204 -27.49 -18.15 -27.74
C VAL I 204 -26.93 -18.76 -26.45
N VAL I 205 -25.60 -18.83 -26.36
CA VAL I 205 -24.97 -19.27 -25.14
C VAL I 205 -24.78 -18.07 -24.21
N THR I 206 -24.25 -16.97 -24.75
CA THR I 206 -24.22 -15.71 -23.99
C THR I 206 -25.60 -15.07 -23.88
N GLY I 207 -26.48 -15.39 -24.84
CA GLY I 207 -27.80 -14.79 -24.90
C GLY I 207 -27.70 -13.38 -25.39
N SER I 208 -26.60 -13.07 -26.08
CA SER I 208 -26.25 -11.68 -26.39
C SER I 208 -25.76 -11.47 -27.81
N ALA I 209 -26.13 -10.34 -28.42
CA ALA I 209 -25.65 -9.98 -29.77
C ALA I 209 -24.52 -8.97 -29.76
N VAL I 210 -24.08 -8.54 -28.58
CA VAL I 210 -23.01 -7.57 -28.51
C VAL I 210 -21.73 -8.14 -29.09
N GLY I 211 -21.19 -7.45 -30.08
CA GLY I 211 -20.01 -7.92 -30.77
C GLY I 211 -20.35 -8.53 -32.13
N CYS I 212 -21.63 -8.59 -32.46
CA CYS I 212 -22.03 -9.19 -33.74
C CYS I 212 -21.88 -8.20 -34.88
N ASP I 213 -21.75 -8.76 -36.07
CA ASP I 213 -21.82 -8.03 -37.31
C ASP I 213 -23.05 -8.52 -38.05
N PRO I 214 -24.13 -7.75 -37.96
CA PRO I 214 -25.42 -8.06 -38.59
C PRO I 214 -25.31 -8.56 -40.04
N ASP I 215 -24.35 -8.05 -40.83
CA ASP I 215 -24.19 -8.55 -42.21
C ASP I 215 -23.92 -10.04 -42.18
N LEU I 216 -23.14 -10.48 -41.21
CA LEU I 216 -22.78 -11.89 -41.10
C LEU I 216 -23.70 -12.69 -40.17
N PHE I 217 -24.04 -12.07 -39.04
CA PHE I 217 -24.76 -12.72 -37.93
C PHE I 217 -26.19 -13.10 -38.30
N TRP I 218 -26.79 -12.33 -39.21
CA TRP I 218 -28.18 -12.55 -39.56
C TRP I 218 -28.39 -13.95 -40.16
N SER I 219 -27.37 -14.47 -40.83
CA SER I 219 -27.50 -15.82 -41.40
C SER I 219 -27.49 -16.90 -40.30
N LYS I 220 -26.83 -16.63 -39.19
CA LYS I 220 -26.75 -17.59 -38.08
C LYS I 220 -27.99 -17.60 -37.19
N ILE I 221 -28.64 -16.44 -37.05
CA ILE I 221 -29.78 -16.32 -36.13
C ILE I 221 -30.91 -17.36 -36.34
N PRO I 222 -31.43 -17.54 -37.58
CA PRO I 222 -32.51 -18.55 -37.71
C PRO I 222 -32.08 -19.99 -37.41
N VAL I 223 -30.80 -20.30 -37.53
CA VAL I 223 -30.31 -21.62 -37.21
C VAL I 223 -30.32 -21.78 -35.69
N MET I 224 -29.90 -20.72 -34.98
CA MET I 224 -29.87 -20.77 -33.53
C MET I 224 -31.28 -20.68 -32.94
N LEU I 225 -32.15 -19.92 -33.58
CA LEU I 225 -33.51 -19.77 -33.10
C LEU I 225 -34.48 -20.59 -33.96
N ASP I 226 -34.44 -21.91 -33.82
CA ASP I 226 -35.21 -22.77 -34.73
C ASP I 226 -36.66 -23.02 -34.32
N GLY I 227 -37.10 -22.46 -33.20
CA GLY I 227 -38.47 -22.67 -32.75
C GLY I 227 -39.47 -21.64 -33.23
N HIS I 228 -40.58 -21.56 -32.52
CA HIS I 228 -41.54 -20.48 -32.70
C HIS I 228 -41.00 -19.20 -32.05
N LEU I 229 -41.06 -18.10 -32.80
CA LEU I 229 -40.41 -16.84 -32.40
C LEU I 229 -41.11 -16.12 -31.23
N ILE I 230 -40.30 -15.51 -30.37
CA ILE I 230 -40.82 -14.62 -29.32
C ILE I 230 -40.13 -13.25 -29.43
N ALA I 231 -40.93 -12.20 -29.48
CA ALA I 231 -40.40 -10.84 -29.53
C ALA I 231 -41.42 -9.84 -29.01
N PHE I 232 -40.92 -8.77 -28.41
CA PHE I 232 -41.74 -7.66 -27.92
C PHE I 232 -40.83 -6.46 -27.63
N ASP I 233 -41.44 -5.32 -27.38
CA ASP I 233 -40.69 -4.13 -27.04
C ASP I 233 -40.79 -3.92 -25.54
N TYR I 234 -39.83 -3.17 -25.00
CA TYR I 234 -39.93 -2.57 -23.66
C TYR I 234 -40.06 -1.06 -23.85
N SER I 235 -40.73 -0.37 -22.92
CA SER I 235 -40.65 1.09 -22.84
C SER I 235 -39.77 1.43 -21.67
N GLY I 236 -38.81 2.32 -21.90
CA GLY I 236 -37.85 2.75 -20.89
C GLY I 236 -37.31 1.63 -20.04
N TYR I 237 -36.80 0.59 -20.68
CA TYR I 237 -36.25 -0.58 -19.98
C TYR I 237 -35.26 -0.23 -18.90
N ASP I 238 -34.15 0.39 -19.32
CA ASP I 238 -33.08 0.79 -18.43
C ASP I 238 -33.59 1.45 -17.14
N ALA I 239 -34.37 2.50 -17.31
CA ALA I 239 -34.87 3.27 -16.18
C ALA I 239 -35.96 2.50 -15.41
N SER I 240 -36.57 1.51 -16.06
CA SER I 240 -37.63 0.74 -15.41
C SER I 240 -37.13 -0.37 -14.46
N LEU I 241 -35.87 -0.76 -14.57
CA LEU I 241 -35.38 -1.88 -13.76
C LEU I 241 -35.43 -1.56 -12.27
N SER I 242 -36.14 -2.38 -11.52
CA SER I 242 -36.20 -2.23 -10.05
C SER I 242 -35.01 -2.94 -9.44
N PRO I 243 -34.61 -2.52 -8.24
CA PRO I 243 -33.44 -3.09 -7.57
C PRO I 243 -33.39 -4.61 -7.56
N VAL I 244 -34.55 -5.25 -7.54
CA VAL I 244 -34.59 -6.72 -7.42
C VAL I 244 -33.85 -7.39 -8.59
N TRP I 245 -33.94 -6.78 -9.78
CA TRP I 245 -33.21 -7.30 -10.95
C TRP I 245 -31.70 -7.21 -10.78
N PHE I 246 -31.25 -6.12 -10.13
CA PHE I 246 -29.84 -5.96 -9.77
C PHE I 246 -29.40 -6.98 -8.72
N ALA I 247 -30.27 -7.27 -7.77
CA ALA I 247 -30.02 -8.39 -6.86
C ALA I 247 -29.85 -9.70 -7.66
N CYS I 248 -30.67 -9.89 -8.68
CA CYS I 248 -30.55 -11.10 -9.50
C CYS I 248 -29.21 -11.13 -10.19
N LEU I 249 -28.80 -9.98 -10.74
CA LEU I 249 -27.54 -9.86 -11.48
C LEU I 249 -26.37 -10.20 -10.57
N LYS I 250 -26.35 -9.59 -9.38
CA LYS I 250 -25.30 -9.88 -8.40
C LYS I 250 -25.22 -11.35 -8.06
N MET I 251 -26.37 -12.00 -7.91
CA MET I 251 -26.40 -13.45 -7.67
C MET I 251 -25.83 -14.27 -8.83
N ILE I 252 -26.15 -13.93 -10.08
CA ILE I 252 -25.55 -14.70 -11.17
C ILE I 252 -24.04 -14.44 -11.27
N LEU I 253 -23.62 -13.19 -11.06
CA LEU I 253 -22.18 -12.91 -11.04
C LEU I 253 -21.48 -13.74 -9.94
N GLU I 254 -22.10 -13.84 -8.77
CA GLU I 254 -21.57 -14.69 -7.70
C GLU I 254 -21.45 -16.14 -8.18
N LYS I 255 -22.47 -16.69 -8.82
CA LYS I 255 -22.35 -18.07 -9.34
C LYS I 255 -21.25 -18.21 -10.40
N LEU I 256 -20.76 -17.09 -10.93
CA LEU I 256 -19.71 -17.16 -11.95
C LEU I 256 -18.32 -17.21 -11.31
N GLY I 257 -18.29 -16.89 -10.02
CA GLY I 257 -17.04 -16.90 -9.26
C GLY I 257 -16.72 -15.55 -8.68
N TYR I 258 -17.58 -14.57 -8.90
CA TYR I 258 -17.31 -13.23 -8.40
C TYR I 258 -17.57 -13.13 -6.91
N THR I 259 -16.79 -12.26 -6.29
CA THR I 259 -16.76 -12.05 -4.86
C THR I 259 -17.63 -10.83 -4.50
N HIS I 260 -18.10 -10.78 -3.26
CA HIS I 260 -18.91 -9.66 -2.81
C HIS I 260 -18.18 -8.32 -3.00
N LYS I 261 -16.85 -8.35 -2.92
CA LYS I 261 -16.06 -7.17 -3.23
C LYS I 261 -16.41 -6.66 -4.63
N GLU I 262 -16.42 -7.57 -5.59
CA GLU I 262 -16.62 -7.19 -6.98
C GLU I 262 -18.09 -6.93 -7.34
N THR I 263 -19.00 -7.79 -6.87
CA THR I 263 -20.42 -7.52 -7.09
C THR I 263 -20.87 -6.22 -6.40
N ASN I 264 -20.04 -5.69 -5.49
CA ASN I 264 -20.34 -4.39 -4.90
C ASN I 264 -20.44 -3.28 -5.92
N TYR I 265 -19.70 -3.41 -7.02
CA TYR I 265 -19.78 -2.41 -8.09
C TYR I 265 -21.20 -2.25 -8.63
N ILE I 266 -21.94 -3.36 -8.67
CA ILE I 266 -23.31 -3.31 -9.18
C ILE I 266 -24.16 -2.36 -8.33
N ASP I 267 -23.89 -2.30 -7.01
CA ASP I 267 -24.57 -1.36 -6.10
C ASP I 267 -24.48 0.09 -6.56
N TYR I 268 -23.35 0.46 -7.16
CA TYR I 268 -23.17 1.81 -7.65
C TYR I 268 -23.81 2.03 -9.03
N LEU I 269 -24.17 0.93 -9.68
CA LEU I 269 -25.01 0.99 -10.86
C LEU I 269 -26.44 1.17 -10.44
N CYS I 270 -26.87 0.33 -9.51
CA CYS I 270 -28.28 0.32 -9.11
C CYS I 270 -28.63 1.56 -8.31
N ASN I 271 -27.76 1.89 -7.39
CA ASN I 271 -28.01 3.00 -6.49
C ASN I 271 -27.04 4.11 -6.87
N SER I 272 -27.50 4.97 -7.77
CA SER I 272 -26.60 5.85 -8.47
C SER I 272 -26.80 7.32 -8.13
N HIS I 273 -25.88 8.08 -8.69
CA HIS I 273 -25.36 9.28 -8.10
C HIS I 273 -25.07 10.17 -9.31
N HIS I 274 -25.78 11.29 -9.43
CA HIS I 274 -25.75 12.07 -10.69
C HIS I 274 -25.63 13.59 -10.53
N LEU I 275 -25.09 14.24 -11.55
CA LEU I 275 -25.13 15.71 -11.68
C LEU I 275 -25.87 16.15 -12.94
N TYR I 276 -26.91 16.98 -12.78
CA TYR I 276 -27.56 17.61 -13.91
C TYR I 276 -27.68 19.10 -13.67
N ARG I 277 -26.96 19.86 -14.51
CA ARG I 277 -26.91 21.31 -14.46
C ARG I 277 -26.49 21.83 -13.08
N ASP I 278 -27.43 22.29 -12.26
CA ASP I 278 -27.07 22.80 -10.94
C ASP I 278 -27.61 21.90 -9.82
N LYS I 279 -27.89 20.66 -10.17
CA LYS I 279 -28.49 19.72 -9.24
C LYS I 279 -27.69 18.44 -9.11
N HIS I 280 -27.70 17.92 -7.90
CA HIS I 280 -27.14 16.62 -7.59
C HIS I 280 -28.28 15.72 -7.13
N TYR I 281 -28.45 14.56 -7.76
CA TYR I 281 -29.57 13.69 -7.37
C TYR I 281 -29.21 12.22 -7.34
N PHE I 282 -30.00 11.45 -6.60
CA PHE I 282 -29.71 10.06 -6.34
C PHE I 282 -30.84 9.22 -6.94
N VAL I 283 -30.46 8.17 -7.66
CA VAL I 283 -31.47 7.29 -8.23
C VAL I 283 -31.30 5.92 -7.65
N ARG I 284 -32.43 5.32 -7.31
CA ARG I 284 -32.44 3.96 -6.81
C ARG I 284 -33.11 3.14 -7.87
N GLY I 285 -32.42 2.09 -8.32
CA GLY I 285 -32.89 1.28 -9.43
C GLY I 285 -32.54 1.97 -10.73
N GLY I 286 -32.67 1.25 -11.84
CA GLY I 286 -32.35 1.79 -13.14
C GLY I 286 -30.91 1.52 -13.54
N MET I 287 -30.74 1.10 -14.79
CA MET I 287 -29.39 0.98 -15.32
C MET I 287 -29.02 2.36 -15.84
N PRO I 288 -27.98 2.98 -15.27
CA PRO I 288 -27.59 4.33 -15.72
C PRO I 288 -26.84 4.28 -17.03
N SER I 289 -27.58 4.37 -18.12
CA SER I 289 -27.04 4.27 -19.46
C SER I 289 -25.89 5.22 -19.71
N GLY I 290 -24.70 4.64 -19.94
CA GLY I 290 -23.46 5.40 -19.99
C GLY I 290 -22.41 4.90 -19.00
N CYS I 291 -22.79 4.00 -18.10
CA CYS I 291 -21.84 3.48 -17.12
C CYS I 291 -21.05 2.42 -17.87
N SER I 292 -19.90 1.96 -17.37
CA SER I 292 -19.24 0.91 -18.11
C SER I 292 -20.12 -0.34 -18.01
N GLY I 293 -20.14 -1.13 -19.07
CA GLY I 293 -20.89 -2.38 -19.10
C GLY I 293 -22.40 -2.27 -19.28
N THR I 294 -22.92 -1.08 -19.60
CA THR I 294 -24.37 -0.97 -19.72
C THR I 294 -24.92 -2.00 -20.72
N SER I 295 -24.32 -2.14 -21.90
CA SER I 295 -24.85 -3.13 -22.89
C SER I 295 -24.91 -4.57 -22.35
N ILE I 296 -23.77 -5.04 -21.87
CA ILE I 296 -23.65 -6.39 -21.38
C ILE I 296 -24.51 -6.69 -20.15
N PHE I 297 -24.52 -5.79 -19.17
CA PHE I 297 -25.30 -6.01 -17.96
C PHE I 297 -26.80 -5.93 -18.22
N ASN I 298 -27.21 -4.97 -19.05
CA ASN I 298 -28.57 -4.93 -19.58
C ASN I 298 -28.96 -6.22 -20.30
N SER I 299 -28.05 -6.81 -21.05
CA SER I 299 -28.37 -8.06 -21.76
C SER I 299 -28.50 -9.24 -20.80
N MET I 300 -27.57 -9.30 -19.82
CA MET I 300 -27.57 -10.35 -18.82
C MET I 300 -28.86 -10.32 -18.03
N ILE I 301 -29.27 -9.11 -17.69
CA ILE I 301 -30.52 -8.96 -16.96
C ILE I 301 -31.70 -9.32 -17.86
N ASN I 302 -31.65 -8.91 -19.12
CA ASN I 302 -32.72 -9.29 -20.02
C ASN I 302 -32.86 -10.80 -20.05
N ASN I 303 -31.73 -11.50 -19.96
CA ASN I 303 -31.70 -12.96 -20.03
C ASN I 303 -32.34 -13.63 -18.81
N ILE I 304 -32.18 -12.98 -17.65
CA ILE I 304 -32.81 -13.40 -16.41
C ILE I 304 -34.30 -13.12 -16.49
N ILE I 305 -34.64 -11.91 -16.91
CA ILE I 305 -36.02 -11.45 -16.97
C ILE I 305 -36.94 -12.38 -17.80
N ILE I 306 -36.56 -12.66 -19.04
CA ILE I 306 -37.42 -13.46 -19.90
C ILE I 306 -37.64 -14.85 -19.32
N ARG I 307 -36.57 -15.48 -18.82
CA ARG I 307 -36.67 -16.81 -18.24
C ARG I 307 -37.64 -16.77 -17.06
N THR I 308 -37.51 -15.72 -16.26
CA THR I 308 -38.32 -15.52 -15.08
C THR I 308 -39.79 -15.46 -15.44
N LEU I 309 -40.11 -14.63 -16.43
CA LEU I 309 -41.49 -14.46 -16.88
C LEU I 309 -42.06 -15.76 -17.48
N MET I 310 -41.22 -16.52 -18.18
CA MET I 310 -41.67 -17.79 -18.75
C MET I 310 -42.01 -18.75 -17.62
N LEU I 311 -41.17 -18.80 -16.60
CA LEU I 311 -41.33 -19.73 -15.52
C LEU I 311 -42.52 -19.37 -14.63
N LYS I 312 -42.77 -18.06 -14.48
CA LYS I 312 -43.86 -17.61 -13.63
C LYS I 312 -45.19 -17.90 -14.30
N VAL I 313 -45.26 -17.59 -15.58
CA VAL I 313 -46.50 -17.70 -16.34
C VAL I 313 -46.80 -19.16 -16.67
N TYR I 314 -45.83 -19.85 -17.26
CA TYR I 314 -45.99 -21.25 -17.61
C TYR I 314 -45.25 -22.10 -16.58
N LYS I 315 -45.90 -22.39 -15.47
CA LYS I 315 -45.27 -23.23 -14.47
C LYS I 315 -45.09 -24.62 -15.04
N GLY I 316 -43.87 -25.17 -14.94
CA GLY I 316 -43.58 -26.46 -15.53
C GLY I 316 -42.62 -26.46 -16.72
N ILE I 317 -42.47 -25.31 -17.37
CA ILE I 317 -41.79 -25.18 -18.68
C ILE I 317 -40.30 -25.62 -18.70
N ASP I 318 -39.85 -26.11 -19.86
CA ASP I 318 -38.47 -26.58 -20.03
C ASP I 318 -37.63 -25.51 -20.72
N LEU I 319 -36.71 -24.92 -19.97
CA LEU I 319 -35.92 -23.82 -20.50
C LEU I 319 -34.82 -24.30 -21.44
N ASP I 320 -34.51 -25.60 -21.38
CA ASP I 320 -33.43 -26.15 -22.20
C ASP I 320 -33.76 -26.09 -23.68
N GLN I 321 -35.03 -25.86 -23.98
CA GLN I 321 -35.50 -25.74 -25.34
C GLN I 321 -35.63 -24.27 -25.72
N PHE I 322 -35.48 -23.40 -24.73
CA PHE I 322 -35.58 -21.97 -24.93
C PHE I 322 -34.27 -21.41 -25.49
N ARG I 323 -34.40 -20.42 -26.37
CA ARG I 323 -33.27 -19.73 -27.00
C ARG I 323 -33.54 -18.25 -27.04
N MET I 324 -32.56 -17.43 -26.69
CA MET I 324 -32.75 -15.99 -26.83
C MET I 324 -31.45 -15.26 -27.11
N ILE I 325 -31.60 -14.13 -27.79
CA ILE I 325 -30.49 -13.24 -28.11
C ILE I 325 -30.94 -11.82 -27.81
N ALA I 326 -30.27 -11.19 -26.86
CA ALA I 326 -30.60 -9.83 -26.48
C ALA I 326 -29.50 -8.85 -26.91
N TYR I 327 -29.86 -7.60 -27.19
CA TYR I 327 -28.88 -6.50 -27.23
C TYR I 327 -29.41 -5.39 -26.33
N GLY I 328 -28.92 -5.33 -25.09
CA GLY I 328 -29.52 -4.45 -24.11
C GLY I 328 -30.94 -4.91 -23.92
N ASP I 329 -31.89 -4.04 -24.21
CA ASP I 329 -33.29 -4.40 -24.05
C ASP I 329 -33.85 -5.06 -25.29
N ASP I 330 -33.18 -4.90 -26.43
CA ASP I 330 -33.64 -5.52 -27.67
C ASP I 330 -33.54 -7.04 -27.60
N VAL I 331 -34.61 -7.72 -28.03
CA VAL I 331 -34.62 -9.18 -27.91
C VAL I 331 -35.37 -9.89 -29.01
N ILE I 332 -34.82 -11.03 -29.38
CA ILE I 332 -35.45 -11.96 -30.27
C ILE I 332 -35.23 -13.35 -29.63
N ALA I 333 -36.27 -14.17 -29.60
CA ALA I 333 -36.15 -15.46 -28.93
C ALA I 333 -37.00 -16.51 -29.63
N SER I 334 -36.92 -17.74 -29.12
CA SER I 334 -37.74 -18.81 -29.67
C SER I 334 -37.97 -19.94 -28.67
N TYR I 335 -39.14 -20.57 -28.79
CA TYR I 335 -39.50 -21.75 -27.99
C TYR I 335 -40.25 -22.71 -28.89
N PRO I 336 -40.04 -24.03 -28.72
CA PRO I 336 -40.64 -25.00 -29.66
C PRO I 336 -42.16 -24.97 -29.65
N TRP I 337 -42.74 -24.61 -28.52
CA TRP I 337 -44.19 -24.49 -28.42
C TRP I 337 -44.56 -23.03 -28.30
N PRO I 338 -45.71 -22.65 -28.86
CA PRO I 338 -46.19 -21.27 -28.89
C PRO I 338 -46.20 -20.62 -27.52
N ILE I 339 -45.96 -19.30 -27.49
CA ILE I 339 -45.88 -18.54 -26.25
C ILE I 339 -46.66 -17.27 -26.39
N ASP I 340 -47.48 -16.95 -25.40
CA ASP I 340 -48.30 -15.74 -25.48
C ASP I 340 -47.58 -14.57 -24.82
N ALA I 341 -47.04 -13.68 -25.65
CA ALA I 341 -46.28 -12.53 -25.18
C ALA I 341 -47.11 -11.60 -24.31
N SER I 342 -48.42 -11.55 -24.54
CA SER I 342 -49.26 -10.62 -23.80
C SER I 342 -49.32 -11.05 -22.33
N LEU I 343 -49.17 -12.35 -22.11
CA LEU I 343 -49.19 -12.91 -20.76
C LEU I 343 -47.86 -12.66 -20.09
N LEU I 344 -46.79 -12.74 -20.87
CA LEU I 344 -45.46 -12.46 -20.35
C LEU I 344 -45.41 -10.99 -19.96
N ALA I 345 -46.09 -10.14 -20.73
CA ALA I 345 -46.10 -8.71 -20.43
C ALA I 345 -46.86 -8.42 -19.16
N GLU I 346 -47.92 -9.19 -18.92
CA GLU I 346 -48.72 -9.01 -17.72
C GLU I 346 -47.91 -9.41 -16.49
N ALA I 347 -47.22 -10.54 -16.58
CA ALA I 347 -46.28 -10.90 -15.53
C ALA I 347 -45.18 -9.84 -15.44
N GLY I 348 -44.71 -9.39 -16.60
CA GLY I 348 -43.78 -8.27 -16.65
C GLY I 348 -44.21 -7.06 -15.85
N LYS I 349 -45.46 -6.64 -16.04
CA LYS I 349 -46.01 -5.46 -15.35
C LYS I 349 -45.88 -5.57 -13.82
N GLY I 350 -46.06 -6.77 -13.30
CA GLY I 350 -46.02 -6.96 -11.86
C GLY I 350 -44.63 -6.79 -11.32
N TYR I 351 -43.65 -7.06 -12.18
CA TYR I 351 -42.26 -6.88 -11.82
C TYR I 351 -41.76 -5.48 -12.14
N GLY I 352 -42.68 -4.57 -12.48
CA GLY I 352 -42.32 -3.21 -12.81
C GLY I 352 -41.73 -3.01 -14.22
N LEU I 353 -41.99 -3.94 -15.12
CA LEU I 353 -41.49 -3.82 -16.48
C LEU I 353 -42.63 -3.50 -17.45
N ILE I 354 -42.37 -2.64 -18.42
CA ILE I 354 -43.38 -2.23 -19.40
C ILE I 354 -43.11 -2.84 -20.78
N MET I 355 -43.88 -3.86 -21.11
CA MET I 355 -43.71 -4.61 -22.33
C MET I 355 -44.87 -4.38 -23.28
N THR I 356 -44.53 -4.03 -24.51
CA THR I 356 -45.51 -3.77 -25.56
C THR I 356 -45.30 -4.71 -26.75
N PRO I 357 -46.26 -4.74 -27.68
CA PRO I 357 -46.05 -5.58 -28.88
C PRO I 357 -44.84 -5.14 -29.68
N ALA I 358 -44.14 -6.09 -30.28
CA ALA I 358 -42.93 -5.81 -31.09
C ALA I 358 -43.19 -4.75 -32.17
N ASP I 359 -42.20 -3.87 -32.37
CA ASP I 359 -42.23 -2.87 -33.44
C ASP I 359 -43.47 -1.98 -33.39
N LYS I 360 -43.81 -1.54 -32.18
CA LYS I 360 -44.90 -0.59 -31.96
C LYS I 360 -46.23 -1.02 -32.59
N GLY I 361 -46.43 -2.33 -32.74
CA GLY I 361 -47.74 -2.85 -33.08
C GLY I 361 -48.71 -2.60 -31.93
N GLU I 362 -50.00 -2.80 -32.17
CA GLU I 362 -51.00 -2.45 -31.14
C GLU I 362 -51.70 -3.69 -30.59
N CYS I 363 -51.49 -4.83 -31.25
CA CYS I 363 -51.86 -6.11 -30.66
C CYS I 363 -50.65 -7.04 -30.62
N PHE I 364 -50.54 -7.87 -29.60
CA PHE I 364 -49.48 -8.86 -29.59
C PHE I 364 -49.79 -9.91 -30.65
N ASN I 365 -49.17 -9.76 -31.82
CA ASN I 365 -49.42 -10.65 -32.94
C ASN I 365 -48.44 -11.81 -32.99
N GLU I 366 -48.77 -12.80 -33.82
CA GLU I 366 -47.80 -13.81 -34.17
C GLU I 366 -46.56 -13.10 -34.73
N VAL I 367 -45.41 -13.54 -34.26
CA VAL I 367 -44.17 -12.99 -34.73
C VAL I 367 -43.60 -13.95 -35.77
N THR I 368 -43.37 -13.45 -36.97
CA THR I 368 -42.90 -14.28 -38.08
C THR I 368 -41.53 -13.83 -38.53
N TRP I 369 -40.82 -14.70 -39.23
CA TRP I 369 -39.57 -14.28 -39.85
C TRP I 369 -39.81 -13.13 -40.86
N THR I 370 -41.05 -12.96 -41.30
CA THR I 370 -41.36 -11.88 -42.23
C THR I 370 -41.45 -10.53 -41.53
N ASN I 371 -41.95 -10.52 -40.29
CA ASN I 371 -42.18 -9.25 -39.60
C ASN I 371 -41.31 -9.00 -38.37
N VAL I 372 -40.49 -9.98 -37.99
CA VAL I 372 -39.64 -9.80 -36.82
C VAL I 372 -38.46 -8.88 -37.14
N THR I 373 -38.12 -8.00 -36.23
CA THR I 373 -36.94 -7.13 -36.37
C THR I 373 -35.99 -7.33 -35.19
N PHE I 374 -34.75 -6.89 -35.38
CA PHE I 374 -33.73 -6.93 -34.33
C PHE I 374 -32.68 -5.91 -34.74
N LEU I 375 -32.22 -5.07 -33.81
CA LEU I 375 -31.29 -3.98 -34.16
C LEU I 375 -31.87 -3.18 -35.33
N LYS I 376 -33.17 -2.93 -35.26
CA LYS I 376 -33.95 -2.22 -36.28
C LYS I 376 -33.94 -2.88 -37.66
N ARG I 377 -33.52 -4.14 -37.73
CA ARG I 377 -33.36 -4.76 -39.04
C ARG I 377 -34.31 -5.93 -39.24
N TYR I 378 -34.92 -5.98 -40.43
CA TYR I 378 -35.69 -7.15 -40.82
C TYR I 378 -34.76 -8.28 -41.25
N PHE I 379 -35.34 -9.47 -41.40
CA PHE I 379 -34.62 -10.64 -41.89
C PHE I 379 -35.19 -11.01 -43.27
N ARG I 380 -34.34 -11.11 -44.29
CA ARG I 380 -34.78 -11.57 -45.63
C ARG I 380 -33.77 -12.52 -46.24
N ALA I 381 -34.23 -13.71 -46.59
CA ALA I 381 -33.37 -14.68 -47.26
C ALA I 381 -32.97 -14.21 -48.66
N ASP I 382 -31.72 -14.44 -49.00
CA ASP I 382 -31.26 -14.20 -50.34
C ASP I 382 -32.05 -15.02 -51.40
N GLU I 383 -32.33 -14.41 -52.55
CA GLU I 383 -33.06 -15.08 -53.62
C GLU I 383 -32.23 -16.21 -54.21
N GLN I 384 -30.95 -15.92 -54.45
CA GLN I 384 -29.99 -16.91 -54.91
C GLN I 384 -29.65 -17.97 -53.83
N TYR I 385 -28.93 -17.55 -52.78
CA TYR I 385 -28.50 -18.47 -51.73
C TYR I 385 -29.35 -18.34 -50.48
N PRO I 386 -30.40 -19.17 -50.37
CA PRO I 386 -31.42 -18.96 -49.34
C PRO I 386 -30.91 -19.25 -47.93
N PHE I 387 -29.71 -19.81 -47.79
CA PHE I 387 -29.16 -19.96 -46.46
C PHE I 387 -28.49 -18.68 -45.97
N LEU I 388 -28.31 -17.71 -46.87
CA LEU I 388 -27.80 -16.40 -46.47
C LEU I 388 -28.98 -15.47 -46.28
N VAL I 389 -28.93 -14.72 -45.18
CA VAL I 389 -30.02 -13.86 -44.77
C VAL I 389 -29.56 -12.41 -44.74
N HIS I 390 -30.34 -11.54 -45.36
CA HIS I 390 -30.03 -10.12 -45.42
C HIS I 390 -30.58 -9.42 -44.19
N PRO I 391 -29.73 -8.65 -43.50
CA PRO I 391 -30.24 -7.68 -42.52
C PRO I 391 -30.87 -6.52 -43.28
N VAL I 392 -32.18 -6.30 -43.16
CA VAL I 392 -32.78 -5.23 -43.97
C VAL I 392 -33.29 -4.05 -43.15
N MET I 393 -32.49 -3.01 -43.10
CA MET I 393 -32.92 -1.75 -42.50
C MET I 393 -33.89 -1.02 -43.42
N PRO I 394 -35.06 -0.64 -42.87
CA PRO I 394 -36.09 0.10 -43.60
C PRO I 394 -35.55 1.36 -44.26
N MET I 395 -35.81 1.51 -45.55
CA MET I 395 -35.34 2.70 -46.28
C MET I 395 -35.75 4.00 -45.62
N LYS I 396 -36.87 3.98 -44.90
CA LYS I 396 -37.37 5.21 -44.31
C LYS I 396 -36.47 5.65 -43.17
N ASP I 397 -35.90 4.70 -42.44
CA ASP I 397 -34.96 5.06 -41.40
C ASP I 397 -33.66 5.51 -42.02
N ILE I 398 -33.31 4.93 -43.15
CA ILE I 398 -32.12 5.39 -43.85
C ILE I 398 -32.35 6.81 -44.36
N HIS I 399 -33.56 7.06 -44.87
CA HIS I 399 -33.95 8.40 -45.32
C HIS I 399 -33.84 9.43 -44.18
N GLU I 400 -34.29 9.07 -42.99
CA GLU I 400 -34.21 10.00 -41.85
C GLU I 400 -32.77 10.46 -41.62
N SER I 401 -31.81 9.52 -41.61
CA SER I 401 -30.40 9.89 -41.42
C SER I 401 -29.84 10.87 -42.47
N ILE I 402 -30.15 10.62 -43.75
CA ILE I 402 -29.53 11.36 -44.83
C ILE I 402 -30.02 12.80 -44.87
N ARG I 403 -31.17 13.06 -44.26
CA ARG I 403 -31.75 14.41 -44.32
C ARG I 403 -31.09 15.43 -43.40
N TRP I 404 -30.06 15.01 -42.68
CA TRP I 404 -29.39 15.86 -41.69
C TRP I 404 -27.90 15.60 -41.68
N THR I 405 -27.14 16.51 -41.08
CA THR I 405 -25.70 16.36 -40.94
C THR I 405 -25.21 17.15 -39.73
N LYS I 406 -24.16 16.66 -39.07
CA LYS I 406 -23.54 17.41 -37.98
C LYS I 406 -22.37 18.22 -38.47
N ASP I 407 -22.01 17.98 -39.72
CA ASP I 407 -20.90 18.61 -40.41
C ASP I 407 -20.91 18.12 -41.87
N PRO I 408 -21.25 19.01 -42.81
CA PRO I 408 -21.39 18.67 -44.24
C PRO I 408 -20.07 18.21 -44.85
N LYS I 409 -18.96 18.50 -44.16
CA LYS I 409 -17.65 17.97 -44.53
C LYS I 409 -17.65 16.43 -44.58
N ASN I 410 -18.58 15.80 -43.86
CA ASN I 410 -18.57 14.36 -43.73
C ASN I 410 -19.49 13.72 -44.72
N THR I 411 -20.00 14.50 -45.67
CA THR I 411 -21.09 14.03 -46.53
C THR I 411 -20.80 12.72 -47.26
N GLN I 412 -19.60 12.60 -47.80
CA GLN I 412 -19.15 11.42 -48.51
C GLN I 412 -19.19 10.17 -47.63
N ASP I 413 -18.55 10.25 -46.46
CA ASP I 413 -18.56 9.14 -45.50
C ASP I 413 -19.98 8.78 -45.04
N HIS I 414 -20.77 9.81 -44.69
CA HIS I 414 -22.16 9.61 -44.25
C HIS I 414 -23.00 8.81 -45.28
N VAL I 415 -23.07 9.28 -46.51
CA VAL I 415 -23.88 8.64 -47.54
C VAL I 415 -23.42 7.22 -47.93
N ARG I 416 -22.10 7.03 -47.99
CA ARG I 416 -21.52 5.72 -48.28
C ARG I 416 -21.92 4.69 -47.22
N SER I 417 -21.86 5.11 -45.94
CA SER I 417 -22.28 4.27 -44.83
C SER I 417 -23.74 3.89 -44.99
N LEU I 418 -24.56 4.81 -45.48
CA LEU I 418 -25.98 4.53 -45.69
C LEU I 418 -26.18 3.55 -46.84
N CYS I 419 -25.35 3.64 -47.88
CA CYS I 419 -25.42 2.72 -49.00
C CYS I 419 -25.21 1.26 -48.54
N LEU I 420 -24.24 1.05 -47.64
CA LEU I 420 -23.95 -0.27 -47.09
C LEU I 420 -25.10 -0.83 -46.26
N LEU I 421 -25.97 0.05 -45.79
CA LEU I 421 -27.19 -0.36 -45.11
C LEU I 421 -28.29 -0.58 -46.14
N ALA I 422 -28.38 0.32 -47.12
CA ALA I 422 -29.50 0.35 -48.07
C ALA I 422 -29.59 -0.84 -49.01
N TRP I 423 -28.44 -1.31 -49.48
CA TRP I 423 -28.40 -2.25 -50.62
C TRP I 423 -29.13 -3.57 -50.31
N HIS I 424 -29.02 -4.01 -49.07
CA HIS I 424 -29.80 -5.12 -48.54
C HIS I 424 -31.30 -5.04 -48.79
N ASN I 425 -31.80 -3.87 -49.19
CA ASN I 425 -33.23 -3.75 -49.51
C ASN I 425 -33.53 -4.26 -50.93
N GLY I 426 -32.48 -4.63 -51.66
CA GLY I 426 -32.68 -5.01 -53.05
C GLY I 426 -32.09 -4.05 -54.09
N GLU I 427 -31.84 -4.57 -55.30
CA GLU I 427 -31.26 -3.75 -56.35
C GLU I 427 -32.17 -2.59 -56.74
N HIS I 428 -33.48 -2.86 -56.81
CA HIS I 428 -34.41 -1.84 -57.28
C HIS I 428 -34.48 -0.68 -56.31
N GLU I 429 -34.62 -1.00 -55.03
CA GLU I 429 -34.65 0.02 -54.00
C GLU I 429 -33.32 0.76 -53.96
N TYR I 430 -32.22 0.01 -54.10
CA TYR I 430 -30.91 0.63 -54.03
C TYR I 430 -30.78 1.67 -55.13
N GLU I 431 -31.12 1.26 -56.34
CA GLU I 431 -31.00 2.16 -57.47
C GLU I 431 -31.84 3.40 -57.31
N GLU I 432 -33.06 3.24 -56.83
CA GLU I 432 -33.89 4.43 -56.59
C GLU I 432 -33.23 5.42 -55.61
N PHE I 433 -32.61 4.86 -54.58
CA PHE I 433 -31.92 5.62 -53.54
C PHE I 433 -30.73 6.36 -54.14
N ILE I 434 -29.96 5.62 -54.94
CA ILE I 434 -28.84 6.20 -55.68
C ILE I 434 -29.31 7.32 -56.62
N ARG I 435 -30.43 7.10 -57.31
CA ARG I 435 -30.96 8.11 -58.23
C ARG I 435 -31.32 9.43 -57.50
N LYS I 436 -32.08 9.32 -56.42
CA LYS I 436 -32.45 10.51 -55.65
C LYS I 436 -31.23 11.23 -55.08
N ILE I 437 -30.21 10.48 -54.68
CA ILE I 437 -28.95 11.10 -54.27
C ILE I 437 -28.33 11.87 -55.43
N ARG I 438 -28.38 11.31 -56.63
CA ARG I 438 -27.83 11.96 -57.82
C ARG I 438 -28.74 13.06 -58.34
N SER I 439 -29.94 13.18 -57.78
CA SER I 439 -30.90 14.18 -58.27
C SER I 439 -30.60 15.58 -57.77
N VAL I 440 -29.42 15.76 -57.20
CA VAL I 440 -29.07 16.99 -56.54
C VAL I 440 -27.57 17.18 -56.73
N PRO I 441 -27.12 18.44 -56.88
CA PRO I 441 -25.73 18.68 -57.30
C PRO I 441 -24.64 18.05 -56.44
N VAL I 442 -24.73 18.12 -55.12
CA VAL I 442 -23.70 17.50 -54.28
C VAL I 442 -23.67 15.99 -54.48
N GLY I 443 -24.85 15.40 -54.69
CA GLY I 443 -24.95 13.98 -54.96
C GLY I 443 -24.11 13.50 -56.13
N ARG I 444 -24.14 14.24 -57.24
CA ARG I 444 -23.33 13.93 -58.41
C ARG I 444 -21.82 14.08 -58.15
N CYS I 445 -21.44 14.59 -56.97
CA CYS I 445 -20.02 14.73 -56.65
C CYS I 445 -19.52 13.59 -55.76
N LEU I 446 -20.42 12.69 -55.40
CA LEU I 446 -20.04 11.65 -54.46
C LEU I 446 -19.65 10.36 -55.17
N THR I 447 -18.69 9.66 -54.58
CA THR I 447 -18.31 8.33 -55.05
C THR I 447 -19.14 7.30 -54.29
N LEU I 448 -20.04 6.65 -55.01
CA LEU I 448 -21.01 5.72 -54.44
C LEU I 448 -20.75 4.29 -54.92
N PRO I 449 -20.66 3.33 -53.99
CA PRO I 449 -20.39 1.93 -54.36
C PRO I 449 -21.47 1.34 -55.25
N ALA I 450 -21.07 0.56 -56.25
CA ALA I 450 -22.06 -0.08 -57.12
C ALA I 450 -22.68 -1.28 -56.41
N PHE I 451 -23.97 -1.52 -56.66
CA PHE I 451 -24.70 -2.63 -56.08
C PHE I 451 -23.94 -3.95 -56.18
N SER I 452 -23.53 -4.27 -57.41
CA SER I 452 -22.84 -5.51 -57.73
C SER I 452 -21.59 -5.71 -56.90
N THR I 453 -20.89 -4.62 -56.63
CA THR I 453 -19.72 -4.66 -55.79
C THR I 453 -20.11 -5.02 -54.34
N LEU I 454 -21.18 -4.40 -53.83
CA LEU I 454 -21.60 -4.64 -52.45
C LEU I 454 -22.00 -6.09 -52.31
N ARG I 455 -22.81 -6.57 -53.24
CA ARG I 455 -23.25 -7.95 -53.22
C ARG I 455 -22.07 -8.92 -53.29
N ARG I 456 -21.08 -8.61 -54.11
CA ARG I 456 -19.95 -9.52 -54.28
C ARG I 456 -19.18 -9.59 -52.98
N LYS I 457 -18.97 -8.42 -52.37
CA LYS I 457 -18.20 -8.31 -51.15
C LYS I 457 -18.87 -9.07 -50.03
N TRP I 458 -20.20 -9.06 -50.06
CA TRP I 458 -21.00 -9.68 -49.02
C TRP I 458 -20.86 -11.19 -49.13
N LEU I 459 -21.18 -11.73 -50.32
CA LEU I 459 -20.98 -13.14 -50.64
C LEU I 459 -19.57 -13.63 -50.30
N ASP I 460 -18.56 -12.81 -50.61
CA ASP I 460 -17.18 -13.12 -50.27
C ASP I 460 -16.99 -13.27 -48.77
N SER I 461 -17.79 -12.54 -48.01
CA SER I 461 -17.66 -12.51 -46.55
C SER I 461 -17.89 -13.88 -45.94
N PHE I 462 -18.63 -14.73 -46.66
CA PHE I 462 -18.93 -16.06 -46.17
C PHE I 462 -17.99 -17.15 -46.64
N GLY I 463 -16.86 -16.78 -47.22
CA GLY I 463 -15.86 -17.73 -47.66
C GLY I 463 -14.61 -17.69 -46.80
N GLY M 1 34.92 -29.47 -82.26
CA GLY M 1 34.53 -28.32 -83.04
C GLY M 1 35.63 -27.83 -83.95
N GLU M 2 35.26 -27.54 -85.20
CA GLU M 2 36.25 -27.18 -86.20
C GLU M 2 35.69 -26.19 -87.24
N ILE M 3 36.50 -25.17 -87.58
CA ILE M 3 36.13 -24.23 -88.64
C ILE M 3 36.40 -24.85 -90.01
N GLU M 4 35.36 -25.07 -90.79
CA GLU M 4 35.55 -25.77 -92.05
C GLU M 4 35.93 -24.82 -93.16
N PHE M 5 35.24 -23.68 -93.20
CA PHE M 5 35.42 -22.75 -94.29
C PHE M 5 35.23 -21.31 -93.85
N ILE M 6 36.06 -20.44 -94.40
CA ILE M 6 35.98 -19.01 -94.15
C ILE M 6 35.91 -18.31 -95.49
N GLU M 7 34.95 -17.40 -95.63
CA GLU M 7 34.87 -16.54 -96.79
C GLU M 7 34.61 -15.12 -96.34
N SER M 8 34.81 -14.17 -97.25
CA SER M 8 34.44 -12.78 -97.03
C SER M 8 32.92 -12.67 -96.96
N SER M 9 32.43 -11.86 -96.02
CA SER M 9 30.97 -11.72 -95.87
C SER M 9 30.33 -11.12 -97.12
N LYS M 10 31.07 -10.23 -97.79
CA LYS M 10 30.63 -9.64 -99.06
C LYS M 10 30.28 -10.73 -100.07
N ASP M 11 31.21 -11.67 -100.27
CA ASP M 11 30.98 -12.79 -101.18
C ASP M 11 29.71 -13.56 -100.86
N ALA M 12 29.35 -13.62 -99.58
CA ALA M 12 28.25 -14.47 -99.15
C ALA M 12 26.97 -13.67 -98.98
N GLY M 13 27.02 -12.41 -99.41
CA GLY M 13 25.85 -11.54 -99.33
C GLY M 13 25.54 -11.09 -97.92
N PHE M 14 26.59 -10.76 -97.17
CA PHE M 14 26.43 -10.29 -95.79
C PHE M 14 27.24 -9.02 -95.55
N PRO M 15 26.69 -8.11 -94.74
CA PRO M 15 27.40 -6.88 -94.38
C PRO M 15 28.50 -7.12 -93.37
N VAL M 16 29.47 -6.23 -93.33
CA VAL M 16 30.49 -6.26 -92.29
C VAL M 16 29.78 -5.90 -90.98
N ILE M 17 30.17 -6.53 -89.88
CA ILE M 17 29.52 -6.21 -88.61
C ILE M 17 30.41 -5.31 -87.78
N ASN M 18 29.80 -4.26 -87.25
CA ASN M 18 30.51 -3.38 -86.32
C ASN M 18 30.58 -4.05 -84.97
N THR M 19 31.80 -4.41 -84.56
CA THR M 19 31.98 -5.12 -83.29
C THR M 19 32.79 -4.26 -82.32
N PRO M 20 32.25 -4.05 -81.11
CA PRO M 20 32.83 -3.18 -80.09
C PRO M 20 34.30 -3.52 -79.76
N SER M 21 35.14 -2.49 -79.62
CA SER M 21 36.58 -2.71 -79.44
C SER M 21 37.09 -2.28 -78.07
N LYS M 22 36.22 -1.66 -77.28
CA LYS M 22 36.63 -1.08 -76.00
C LYS M 22 35.78 -1.57 -74.82
N THR M 23 36.46 -1.94 -73.72
CA THR M 23 35.79 -2.46 -72.53
C THR M 23 34.91 -1.40 -71.88
N LYS M 24 33.90 -1.83 -71.15
CA LYS M 24 33.15 -0.92 -70.28
C LYS M 24 33.79 -0.90 -68.89
N LEU M 25 34.66 -1.86 -68.62
CA LEU M 25 35.29 -2.00 -67.30
C LEU M 25 36.40 -0.97 -67.04
N GLU M 26 36.30 -0.30 -65.89
CA GLU M 26 37.28 0.68 -65.40
C GLU M 26 37.62 0.33 -63.96
N PRO M 27 38.85 0.66 -63.51
CA PRO M 27 39.18 0.46 -62.09
C PRO M 27 38.19 1.19 -61.19
N SER M 28 37.82 0.56 -60.08
CA SER M 28 36.87 1.16 -59.14
C SER M 28 37.61 1.92 -58.05
N VAL M 29 36.85 2.64 -57.24
CA VAL M 29 37.38 3.28 -56.03
C VAL M 29 38.02 2.25 -55.09
N PHE M 30 37.74 0.97 -55.34
CA PHE M 30 38.28 -0.09 -54.50
C PHE M 30 39.46 -0.82 -55.12
N HIS M 31 39.91 -0.36 -56.28
CA HIS M 31 40.99 -1.02 -57.02
C HIS M 31 42.27 -1.17 -56.19
N GLN M 32 42.57 -0.19 -55.34
CA GLN M 32 43.81 -0.21 -54.57
C GLN M 32 43.58 -0.73 -53.17
N VAL M 33 42.32 -0.83 -52.77
CA VAL M 33 41.99 -1.39 -51.45
C VAL M 33 42.24 -2.90 -51.40
N PHE M 34 41.91 -3.59 -52.48
CA PHE M 34 42.11 -5.05 -52.54
C PHE M 34 43.13 -5.47 -53.58
N GLU M 35 43.71 -6.65 -53.38
CA GLU M 35 44.57 -7.25 -54.40
C GLU M 35 43.73 -8.01 -55.42
N GLY M 36 44.27 -8.18 -56.62
CA GLY M 36 43.58 -8.93 -57.67
C GLY M 36 44.53 -9.21 -58.82
N ASN M 37 44.23 -10.24 -59.61
CA ASN M 37 45.14 -10.67 -60.67
C ASN M 37 44.53 -10.50 -62.06
N LYS M 38 43.33 -9.94 -62.12
CA LYS M 38 42.60 -9.89 -63.37
C LYS M 38 42.41 -8.48 -63.91
N GLU M 39 42.38 -8.37 -65.24
CA GLU M 39 42.11 -7.14 -65.97
C GLU M 39 41.06 -7.45 -67.07
N PRO M 40 40.49 -6.40 -67.67
CA PRO M 40 39.55 -6.62 -68.78
C PRO M 40 40.19 -7.42 -69.93
N ALA M 41 39.44 -8.35 -70.52
CA ALA M 41 39.93 -9.21 -71.61
C ALA M 41 40.29 -8.41 -72.86
N VAL M 42 41.31 -8.87 -73.57
CA VAL M 42 41.69 -8.22 -74.84
C VAL M 42 40.51 -8.31 -75.79
N LEU M 43 40.21 -7.20 -76.46
CA LEU M 43 39.05 -7.13 -77.35
C LEU M 43 39.42 -6.84 -78.79
N ARG M 44 40.70 -6.60 -79.05
CA ARG M 44 41.17 -6.14 -80.36
C ARG M 44 42.67 -6.39 -80.53
N SER M 45 43.10 -6.48 -81.80
CA SER M 45 44.44 -6.97 -82.16
C SER M 45 45.55 -6.00 -81.77
N GLY M 46 45.20 -4.73 -81.56
CA GLY M 46 46.18 -3.73 -81.17
C GLY M 46 46.17 -3.42 -79.70
N ASP M 47 46.06 -4.45 -78.88
CA ASP M 47 46.14 -4.28 -77.43
C ASP M 47 47.61 -4.31 -77.05
N PRO M 48 48.07 -3.29 -76.33
CA PRO M 48 49.44 -3.18 -75.81
C PRO M 48 49.86 -4.37 -74.96
N ARG M 49 48.88 -5.09 -74.42
CA ARG M 49 49.18 -6.12 -73.43
C ARG M 49 49.44 -7.49 -74.09
N LEU M 50 49.15 -7.61 -75.38
CA LEU M 50 49.35 -8.89 -76.08
C LEU M 50 50.82 -9.30 -76.23
N LYS M 51 51.05 -10.60 -76.05
CA LYS M 51 52.36 -11.21 -76.28
C LYS M 51 52.19 -12.33 -77.31
N ALA M 52 50.98 -12.42 -77.84
CA ALA M 52 50.62 -13.48 -78.79
C ALA M 52 49.66 -12.91 -79.80
N ASN M 53 49.35 -13.70 -80.83
CA ASN M 53 48.41 -13.24 -81.84
C ASN M 53 46.98 -13.39 -81.37
N PHE M 54 46.22 -12.30 -81.46
CA PHE M 54 44.90 -12.23 -80.85
C PHE M 54 43.87 -13.14 -81.53
N GLU M 55 43.68 -12.97 -82.84
CA GLU M 55 42.69 -13.76 -83.57
C GLU M 55 43.02 -15.24 -83.55
N GLU M 56 44.31 -15.55 -83.55
CA GLU M 56 44.78 -16.93 -83.42
C GLU M 56 44.34 -17.48 -82.07
N ALA M 57 44.44 -16.62 -81.06
CA ALA M 57 44.18 -17.02 -79.69
C ALA M 57 42.70 -17.34 -79.47
N ILE M 58 41.82 -16.44 -79.88
CA ILE M 58 40.39 -16.57 -79.59
C ILE M 58 39.72 -17.70 -80.36
N PHE M 59 40.34 -18.13 -81.46
CA PHE M 59 39.76 -19.21 -82.23
C PHE M 59 40.43 -20.56 -81.97
N SER M 60 41.49 -20.58 -81.18
CA SER M 60 42.24 -21.81 -80.94
C SER M 60 41.42 -22.90 -80.27
N LYS M 61 40.30 -22.51 -79.67
CA LYS M 61 39.43 -23.46 -78.98
C LYS M 61 38.84 -24.52 -79.91
N TYR M 62 38.68 -24.15 -81.17
CA TYR M 62 38.21 -25.13 -82.13
C TYR M 62 39.33 -26.12 -82.44
N ILE M 63 39.49 -27.09 -81.56
CA ILE M 63 40.65 -27.97 -81.58
C ILE M 63 40.53 -29.06 -82.66
N GLY M 64 39.32 -29.24 -83.18
CA GLY M 64 39.13 -30.25 -84.18
C GLY M 64 38.02 -31.19 -83.80
N ASN M 65 37.80 -32.19 -84.64
CA ASN M 65 36.79 -33.19 -84.38
C ASN M 65 37.38 -34.59 -84.39
N VAL M 66 36.86 -35.49 -83.56
CA VAL M 66 37.13 -36.90 -83.80
C VAL M 66 35.99 -37.42 -84.65
N ASN M 67 36.32 -38.27 -85.60
CA ASN M 67 35.31 -38.85 -86.45
C ASN M 67 35.11 -40.25 -86.00
N THR M 68 34.10 -40.46 -85.15
CA THR M 68 33.78 -41.80 -84.69
C THR M 68 32.29 -41.90 -84.71
N HIS M 69 31.80 -43.12 -84.48
CA HIS M 69 30.39 -43.41 -84.60
C HIS M 69 29.85 -43.54 -83.19
N VAL M 70 28.53 -43.51 -83.11
CA VAL M 70 27.86 -43.67 -81.84
C VAL M 70 28.08 -45.11 -81.40
N ASP M 71 29.05 -45.31 -80.51
CA ASP M 71 29.38 -46.66 -80.11
C ASP M 71 28.44 -47.19 -79.01
N GLU M 72 28.66 -48.44 -78.63
CA GLU M 72 27.74 -49.15 -77.73
C GLU M 72 27.70 -48.49 -76.34
N TYR M 73 28.78 -47.83 -75.96
CA TYR M 73 28.84 -47.12 -74.70
C TYR M 73 27.93 -45.90 -74.73
N MET M 74 28.03 -45.10 -75.78
CA MET M 74 27.13 -43.96 -75.93
C MET M 74 25.65 -44.38 -75.93
N LEU M 75 25.37 -45.47 -76.64
CA LEU M 75 24.00 -45.98 -76.74
C LEU M 75 23.43 -46.33 -75.38
N GLU M 76 24.17 -47.09 -74.58
CA GLU M 76 23.75 -47.42 -73.22
C GLU M 76 23.66 -46.18 -72.34
N ALA M 77 24.58 -45.24 -72.54
CA ALA M 77 24.57 -43.97 -71.79
C ALA M 77 23.29 -43.24 -72.08
N VAL M 78 22.97 -43.16 -73.36
CA VAL M 78 21.77 -42.44 -73.79
C VAL M 78 20.51 -43.12 -73.22
N ASP M 79 20.44 -44.45 -73.31
CA ASP M 79 19.29 -45.15 -72.77
C ASP M 79 19.11 -44.94 -71.28
N HIS M 80 20.20 -44.92 -70.52
CA HIS M 80 20.11 -44.75 -69.07
C HIS M 80 19.58 -43.37 -68.69
N TYR M 81 20.13 -42.34 -69.33
CA TYR M 81 19.77 -40.96 -69.05
C TYR M 81 18.35 -40.67 -69.53
N ALA M 82 18.01 -41.23 -70.71
CA ALA M 82 16.65 -41.15 -71.22
C ALA M 82 15.63 -41.79 -70.26
N GLY M 83 16.06 -42.80 -69.52
CA GLY M 83 15.19 -43.48 -68.54
C GLY M 83 14.81 -42.59 -67.38
N GLN M 84 15.77 -41.76 -66.92
CA GLN M 84 15.50 -40.77 -65.90
C GLN M 84 14.55 -39.70 -66.43
N LEU M 85 14.94 -39.09 -67.55
CA LEU M 85 14.16 -37.99 -68.11
C LEU M 85 12.71 -38.41 -68.41
N ALA M 86 12.48 -39.70 -68.59
CA ALA M 86 11.13 -40.16 -68.91
C ALA M 86 10.22 -39.97 -67.71
N THR M 87 10.76 -40.08 -66.48
CA THR M 87 9.97 -39.81 -65.26
C THR M 87 9.38 -38.39 -65.19
N LEU M 88 9.98 -37.45 -65.92
CA LEU M 88 9.62 -36.04 -65.77
C LEU M 88 8.42 -35.64 -66.60
N ASP M 89 8.09 -36.44 -67.60
CA ASP M 89 6.91 -36.22 -68.47
C ASP M 89 7.06 -34.99 -69.37
N ILE M 90 8.22 -34.85 -69.98
CA ILE M 90 8.48 -33.74 -70.88
C ILE M 90 7.51 -33.75 -72.07
N SER M 91 6.84 -32.63 -72.30
CA SER M 91 5.99 -32.51 -73.48
C SER M 91 6.79 -32.10 -74.70
N THR M 92 6.58 -32.82 -75.80
CA THR M 92 7.25 -32.52 -77.05
C THR M 92 6.39 -31.64 -77.94
N GLU M 93 5.18 -31.32 -77.46
CA GLU M 93 4.32 -30.35 -78.13
C GLU M 93 4.95 -28.97 -78.07
N PRO M 94 4.85 -28.21 -79.17
CA PRO M 94 5.40 -26.86 -79.23
C PRO M 94 4.87 -25.97 -78.10
N MET M 95 5.68 -25.02 -77.67
CA MET M 95 5.20 -24.09 -76.65
C MET M 95 4.38 -22.99 -77.34
N LYS M 96 3.28 -22.59 -76.72
CA LYS M 96 2.46 -21.48 -77.19
C LYS M 96 3.34 -20.24 -77.43
N LEU M 97 3.17 -19.61 -78.58
CA LEU M 97 4.07 -18.54 -79.01
C LEU M 97 4.16 -17.42 -77.99
N GLU M 98 3.09 -17.17 -77.25
CA GLU M 98 3.10 -16.11 -76.26
C GLU M 98 3.97 -16.45 -75.06
N ASP M 99 3.78 -17.65 -74.53
CA ASP M 99 4.62 -18.19 -73.45
C ASP M 99 6.10 -18.26 -73.85
N ALA M 100 6.35 -18.72 -75.07
CA ALA M 100 7.71 -18.90 -75.57
C ALA M 100 8.46 -17.58 -75.71
N VAL M 101 7.74 -16.51 -76.02
CA VAL M 101 8.38 -15.20 -76.17
C VAL M 101 8.31 -14.37 -74.88
N TYR M 102 7.14 -14.36 -74.23
CA TYR M 102 6.92 -13.41 -73.15
C TYR M 102 6.93 -14.05 -71.77
N GLY M 103 7.27 -15.33 -71.71
CA GLY M 103 7.49 -15.98 -70.44
C GLY M 103 6.31 -16.74 -69.89
N THR M 104 6.61 -17.82 -69.16
CA THR M 104 5.62 -18.66 -68.49
C THR M 104 6.34 -19.32 -67.33
N GLU M 105 5.59 -19.99 -66.45
CA GLU M 105 6.21 -20.64 -65.30
C GLU M 105 7.34 -21.56 -65.75
N GLY M 106 8.54 -21.34 -65.20
CA GLY M 106 9.68 -22.18 -65.51
C GLY M 106 10.49 -21.74 -66.71
N LEU M 107 10.12 -20.59 -67.29
CA LEU M 107 10.80 -20.07 -68.46
C LEU M 107 10.61 -18.58 -68.65
N GLU M 108 11.66 -17.83 -68.34
CA GLU M 108 11.58 -16.39 -68.40
C GLU M 108 11.51 -15.86 -69.83
N ALA M 109 10.90 -14.70 -70.00
CA ALA M 109 10.71 -14.08 -71.31
C ALA M 109 12.05 -13.79 -71.94
N LEU M 110 12.04 -13.53 -73.24
CA LEU M 110 13.26 -13.17 -73.92
C LEU M 110 13.88 -11.94 -73.25
N ASP M 111 15.17 -11.76 -73.45
CA ASP M 111 15.87 -10.63 -72.87
C ASP M 111 15.88 -9.47 -73.87
N LEU M 112 15.11 -8.43 -73.57
CA LEU M 112 14.94 -7.32 -74.50
C LEU M 112 16.06 -6.31 -74.35
N THR M 113 16.88 -6.55 -73.33
CA THR M 113 18.11 -5.81 -73.08
C THR M 113 19.22 -6.11 -74.09
N THR M 114 19.16 -7.29 -74.69
CA THR M 114 20.27 -7.74 -75.51
C THR M 114 19.97 -7.59 -77.00
N SER M 115 21.04 -7.48 -77.78
CA SER M 115 20.95 -7.46 -79.24
C SER M 115 20.02 -8.54 -79.82
N ALA M 116 19.37 -8.19 -80.92
CA ALA M 116 18.45 -9.09 -81.63
C ALA M 116 19.18 -9.97 -82.67
N GLY M 117 20.46 -9.71 -82.88
CA GLY M 117 21.26 -10.52 -83.79
C GLY M 117 21.00 -10.24 -85.26
N TYR M 118 21.48 -11.10 -86.14
CA TYR M 118 21.27 -10.91 -87.57
C TYR M 118 19.83 -11.19 -87.97
N PRO M 119 19.29 -10.39 -88.92
CA PRO M 119 19.91 -9.25 -89.63
C PRO M 119 19.80 -7.92 -88.88
N TYR M 120 18.97 -7.91 -87.84
CA TYR M 120 18.60 -6.70 -87.14
C TYR M 120 19.79 -5.82 -86.70
N VAL M 121 20.86 -6.45 -86.24
CA VAL M 121 22.04 -5.72 -85.81
C VAL M 121 22.59 -4.78 -86.90
N ALA M 122 22.40 -5.12 -88.17
CA ALA M 122 22.91 -4.26 -89.25
C ALA M 122 21.78 -3.47 -89.88
N LEU M 123 20.56 -3.68 -89.38
CA LEU M 123 19.41 -2.89 -89.78
C LEU M 123 19.12 -1.77 -88.78
N GLY M 124 19.89 -1.72 -87.69
CA GLY M 124 19.66 -0.76 -86.63
C GLY M 124 18.36 -1.01 -85.88
N ILE M 125 17.92 -2.26 -85.87
CA ILE M 125 16.69 -2.68 -85.20
C ILE M 125 17.00 -3.43 -83.90
N LYS M 126 16.32 -3.05 -82.81
CA LYS M 126 16.50 -3.68 -81.49
C LYS M 126 15.33 -4.61 -81.13
N LYS M 127 15.56 -5.54 -80.20
CA LYS M 127 14.48 -6.41 -79.75
C LYS M 127 13.23 -5.61 -79.33
N ARG M 128 13.43 -4.49 -78.63
CA ARG M 128 12.28 -3.70 -78.16
C ARG M 128 11.55 -2.95 -79.28
N ASP M 129 12.18 -2.80 -80.44
CA ASP M 129 11.46 -2.32 -81.63
C ASP M 129 10.44 -3.33 -82.16
N ILE M 130 10.53 -4.57 -81.67
CA ILE M 130 9.75 -5.68 -82.23
C ILE M 130 8.83 -6.31 -81.19
N LEU M 131 9.26 -6.28 -79.92
CA LEU M 131 8.45 -6.85 -78.85
C LEU M 131 8.24 -5.85 -77.72
N SER M 132 7.19 -6.09 -76.93
CA SER M 132 6.92 -5.31 -75.74
C SER M 132 6.24 -6.18 -74.69
N LYS M 133 6.80 -6.18 -73.49
CA LYS M 133 6.24 -6.96 -72.40
C LYS M 133 4.93 -6.36 -71.90
N LYS M 134 4.78 -5.04 -72.02
CA LYS M 134 3.57 -4.36 -71.56
C LYS M 134 2.36 -4.75 -72.41
N THR M 135 2.62 -5.05 -73.67
CA THR M 135 1.58 -5.26 -74.64
C THR M 135 1.46 -6.73 -75.09
N LYS M 136 2.59 -7.46 -75.08
CA LYS M 136 2.66 -8.85 -75.51
C LYS M 136 2.23 -9.05 -76.97
N ASP M 137 2.63 -8.11 -77.82
CA ASP M 137 2.27 -8.16 -79.22
C ASP M 137 3.11 -9.14 -80.00
N LEU M 138 2.45 -10.03 -80.72
CA LEU M 138 3.17 -10.95 -81.59
C LEU M 138 3.14 -10.49 -83.06
N THR M 139 2.25 -9.56 -83.37
CA THR M 139 2.08 -8.96 -84.69
C THR M 139 3.41 -8.69 -85.41
N LYS M 140 4.18 -7.76 -84.86
CA LYS M 140 5.43 -7.33 -85.48
C LYS M 140 6.49 -8.45 -85.56
N LEU M 141 6.38 -9.43 -84.66
CA LEU M 141 7.38 -10.50 -84.60
C LEU M 141 7.20 -11.51 -85.73
N LYS M 142 6.00 -12.08 -85.84
CA LYS M 142 5.65 -12.98 -86.96
C LYS M 142 6.02 -12.39 -88.31
N GLU M 143 5.86 -11.09 -88.44
CA GLU M 143 6.18 -10.38 -89.67
C GLU M 143 7.68 -10.39 -89.94
N CYS M 144 8.48 -10.23 -88.89
CA CYS M 144 9.94 -10.23 -89.04
C CYS M 144 10.49 -11.63 -89.26
N MET M 145 9.80 -12.63 -88.72
CA MET M 145 10.17 -14.03 -88.92
C MET M 145 9.83 -14.53 -90.31
N ASP M 146 8.66 -14.15 -90.80
CA ASP M 146 8.29 -14.43 -92.18
C ASP M 146 9.20 -13.70 -93.13
N LYS M 147 9.52 -12.45 -92.82
CA LYS M 147 10.41 -11.72 -93.72
C LYS M 147 11.82 -12.31 -93.80
N TYR M 148 12.49 -12.43 -92.66
CA TYR M 148 13.90 -12.82 -92.68
C TYR M 148 14.15 -14.31 -92.49
N GLY M 149 13.15 -15.05 -92.04
CA GLY M 149 13.24 -16.50 -91.99
C GLY M 149 14.06 -17.07 -90.84
N LEU M 150 14.46 -18.33 -90.98
CA LEU M 150 15.18 -19.05 -89.93
C LEU M 150 16.61 -19.42 -90.32
N ASN M 151 17.36 -19.92 -89.34
CA ASN M 151 18.73 -20.40 -89.55
C ASN M 151 19.64 -19.28 -90.03
N LEU M 152 19.55 -18.14 -89.34
CA LEU M 152 20.40 -17.01 -89.70
C LEU M 152 21.80 -17.18 -89.11
N PRO M 153 22.82 -16.56 -89.74
CA PRO M 153 24.15 -16.69 -89.13
C PRO M 153 24.19 -16.03 -87.74
N MET M 154 24.95 -16.62 -86.82
CA MET M 154 25.11 -16.05 -85.50
C MET M 154 26.23 -15.04 -85.61
N VAL M 155 26.21 -14.03 -84.76
CA VAL M 155 27.21 -12.98 -84.84
C VAL M 155 28.19 -13.16 -83.69
N THR M 156 29.46 -13.30 -84.04
CA THR M 156 30.51 -13.51 -83.03
C THR M 156 30.99 -12.21 -82.39
N TYR M 157 30.83 -12.10 -81.08
CA TYR M 157 31.42 -10.99 -80.34
C TYR M 157 32.43 -11.48 -79.33
N VAL M 158 33.40 -10.64 -79.01
CA VAL M 158 34.31 -10.93 -77.92
C VAL M 158 33.64 -10.55 -76.62
N LYS M 159 33.78 -11.39 -75.60
CA LYS M 159 33.10 -11.14 -74.32
C LYS M 159 33.89 -10.17 -73.45
N ASP M 160 33.22 -9.10 -73.05
CA ASP M 160 33.80 -8.05 -72.21
C ASP M 160 33.66 -8.47 -70.76
N GLU M 161 34.78 -8.87 -70.14
CA GLU M 161 34.78 -9.49 -68.80
C GLU M 161 36.20 -9.47 -68.28
N LEU M 162 36.39 -9.75 -67.00
CA LEU M 162 37.73 -9.85 -66.45
C LEU M 162 38.36 -11.18 -66.83
N ARG M 163 39.68 -11.14 -67.06
CA ARG M 163 40.46 -12.35 -67.32
C ARG M 163 41.77 -12.27 -66.57
N SER M 164 42.37 -13.43 -66.33
CA SER M 164 43.69 -13.47 -65.68
C SER M 164 44.73 -12.81 -66.55
N ILE M 165 45.78 -12.31 -65.90
CA ILE M 165 46.88 -11.59 -66.54
C ILE M 165 47.48 -12.41 -67.69
N GLU M 166 47.66 -13.69 -67.41
CA GLU M 166 48.21 -14.64 -68.35
C GLU M 166 47.37 -14.68 -69.63
N LYS M 167 46.05 -14.80 -69.47
CA LYS M 167 45.14 -14.92 -70.62
C LYS M 167 45.03 -13.60 -71.38
N VAL M 168 45.42 -12.52 -70.71
CA VAL M 168 45.41 -11.24 -71.36
C VAL M 168 46.58 -11.23 -72.32
N ALA M 169 47.73 -11.66 -71.81
CA ALA M 169 48.96 -11.68 -72.58
C ALA M 169 48.79 -12.62 -73.76
N LYS M 170 48.26 -13.81 -73.49
CA LYS M 170 48.03 -14.80 -74.56
C LYS M 170 46.79 -14.52 -75.41
N GLY M 171 46.12 -13.39 -75.19
CA GLY M 171 44.92 -13.05 -75.94
C GLY M 171 43.79 -14.06 -75.88
N LYS M 172 43.73 -14.80 -74.78
CA LYS M 172 42.72 -15.83 -74.60
C LYS M 172 41.45 -15.22 -74.04
N SER M 173 40.72 -14.53 -74.91
CA SER M 173 39.47 -13.93 -74.52
C SER M 173 38.39 -14.89 -74.96
N ARG M 174 37.16 -14.76 -74.45
CA ARG M 174 36.12 -15.70 -74.80
C ARG M 174 35.21 -15.07 -75.85
N LEU M 175 34.55 -15.92 -76.63
CA LEU M 175 33.64 -15.48 -77.68
C LEU M 175 32.22 -15.86 -77.35
N ILE M 176 31.27 -15.01 -77.71
CA ILE M 176 29.87 -15.37 -77.65
C ILE M 176 29.25 -15.36 -79.04
N GLU M 177 28.21 -16.17 -79.22
CA GLU M 177 27.59 -16.30 -80.50
C GLU M 177 26.17 -15.79 -80.38
N ALA M 178 25.93 -14.61 -80.92
CA ALA M 178 24.62 -14.00 -80.82
C ALA M 178 23.63 -14.75 -81.67
N SER M 179 22.56 -15.24 -81.04
CA SER M 179 21.53 -15.91 -81.80
C SER M 179 20.53 -14.91 -82.34
N SER M 180 20.15 -15.08 -83.61
CA SER M 180 19.08 -14.27 -84.16
C SER M 180 17.80 -14.45 -83.35
N LEU M 181 17.12 -13.31 -83.12
CA LEU M 181 15.80 -13.28 -82.50
C LEU M 181 14.88 -14.37 -83.07
N ASN M 182 14.87 -14.51 -84.39
CA ASN M 182 14.02 -15.49 -85.05
C ASN M 182 14.32 -16.90 -84.57
N ASP M 183 15.61 -17.26 -84.59
CA ASP M 183 16.01 -18.61 -84.19
C ASP M 183 15.80 -18.86 -82.70
N SER M 184 16.07 -17.84 -81.88
CA SER M 184 15.75 -17.96 -80.45
C SER M 184 14.28 -18.30 -80.27
N VAL M 185 13.42 -17.52 -80.91
CA VAL M 185 11.98 -17.77 -80.80
C VAL M 185 11.64 -19.18 -81.26
N ALA M 186 12.12 -19.56 -82.44
CA ALA M 186 11.86 -20.88 -83.00
C ALA M 186 12.32 -22.01 -82.08
N MET M 187 13.55 -21.91 -81.59
CA MET M 187 14.07 -22.85 -80.60
C MET M 187 13.15 -22.97 -79.38
N ARG M 188 12.69 -21.82 -78.87
CA ARG M 188 11.89 -21.79 -77.66
C ARG M 188 10.51 -22.37 -77.91
N GLN M 189 9.96 -22.12 -79.09
CA GLN M 189 8.72 -22.81 -79.45
C GLN M 189 8.88 -24.31 -79.39
N THR M 190 9.92 -24.81 -80.05
CA THR M 190 10.15 -26.26 -80.19
C THR M 190 10.54 -26.92 -78.86
N PHE M 191 11.46 -26.30 -78.12
CA PHE M 191 12.03 -26.96 -76.93
C PHE M 191 11.65 -26.32 -75.59
N GLY M 192 10.81 -25.30 -75.61
CA GLY M 192 10.41 -24.60 -74.38
C GLY M 192 9.93 -25.49 -73.25
N ASN M 193 9.14 -26.52 -73.56
CA ASN M 193 8.63 -27.38 -72.51
C ASN M 193 9.74 -28.21 -71.87
N LEU M 194 10.72 -28.61 -72.68
CA LEU M 194 11.90 -29.25 -72.10
C LEU M 194 12.66 -28.27 -71.19
N TYR M 195 12.95 -27.05 -71.69
CA TYR M 195 13.59 -25.98 -70.91
C TYR M 195 12.95 -25.78 -69.53
N LYS M 196 11.63 -25.67 -69.56
CA LYS M 196 10.78 -25.44 -68.39
C LYS M 196 10.88 -26.58 -67.38
N THR M 197 10.81 -27.80 -67.89
CA THR M 197 10.87 -29.01 -67.05
C THR M 197 12.23 -29.13 -66.37
N PHE M 198 13.27 -28.74 -67.09
CA PHE M 198 14.61 -28.74 -66.52
C PHE M 198 14.71 -27.67 -65.43
N HIS M 199 14.31 -26.44 -65.77
CA HIS M 199 14.40 -25.30 -64.85
C HIS M 199 13.63 -25.54 -63.58
N LEU M 200 12.52 -26.28 -63.68
CA LEU M 200 11.71 -26.62 -62.51
C LEU M 200 12.29 -27.79 -61.73
N ASN M 201 13.23 -28.53 -62.32
CA ASN M 201 13.70 -29.73 -61.64
C ASN M 201 15.22 -29.89 -61.58
N PRO M 202 15.91 -28.89 -61.00
CA PRO M 202 17.35 -29.11 -60.83
C PRO M 202 17.58 -30.24 -59.83
N GLY M 203 18.62 -31.04 -60.06
CA GLY M 203 18.91 -32.20 -59.22
C GLY M 203 19.41 -33.40 -60.04
N VAL M 204 19.30 -34.59 -59.47
CA VAL M 204 19.96 -35.75 -60.08
C VAL M 204 19.07 -36.54 -61.03
N VAL M 205 17.82 -36.10 -61.17
CA VAL M 205 16.97 -36.72 -62.15
C VAL M 205 17.16 -36.02 -63.49
N THR M 206 17.19 -34.69 -63.52
CA THR M 206 17.59 -33.99 -64.75
C THR M 206 19.11 -34.07 -64.94
N GLY M 207 19.83 -34.25 -63.84
CA GLY M 207 21.28 -34.27 -63.91
C GLY M 207 21.80 -32.87 -64.12
N SER M 208 20.97 -31.89 -63.74
CA SER M 208 21.21 -30.51 -64.09
C SER M 208 20.96 -29.56 -62.92
N ALA M 209 21.80 -28.55 -62.79
CA ALA M 209 21.67 -27.51 -61.78
C ALA M 209 21.04 -26.22 -62.30
N VAL M 210 20.70 -26.21 -63.59
CA VAL M 210 20.12 -25.01 -64.18
C VAL M 210 18.77 -24.72 -63.52
N GLY M 211 18.65 -23.54 -62.92
CA GLY M 211 17.45 -23.17 -62.19
C GLY M 211 17.61 -23.27 -60.68
N CYS M 212 18.78 -23.71 -60.22
CA CYS M 212 19.01 -23.81 -58.77
C CYS M 212 19.36 -22.46 -58.16
N ASP M 213 19.10 -22.34 -56.87
CA ASP M 213 19.59 -21.24 -56.06
C ASP M 213 20.58 -21.82 -55.08
N PRO M 214 21.88 -21.64 -55.40
CA PRO M 214 22.97 -22.17 -54.58
C PRO M 214 22.79 -21.93 -53.08
N ASP M 215 22.22 -20.80 -52.66
CA ASP M 215 21.99 -20.59 -51.23
C ASP M 215 21.13 -21.72 -50.65
N LEU M 216 20.15 -22.17 -51.42
CA LEU M 216 19.24 -23.23 -50.96
C LEU M 216 19.69 -24.64 -51.40
N PHE M 217 20.16 -24.73 -52.65
CA PHE M 217 20.48 -26.01 -53.31
C PHE M 217 21.69 -26.74 -52.72
N TRP M 218 22.64 -25.97 -52.16
CA TRP M 218 23.87 -26.58 -51.64
C TRP M 218 23.55 -27.54 -50.50
N SER M 219 22.46 -27.28 -49.77
CA SER M 219 22.10 -28.19 -48.68
C SER M 219 21.57 -29.53 -49.18
N LYS M 220 20.97 -29.55 -50.36
CA LYS M 220 20.42 -30.77 -50.98
C LYS M 220 21.48 -31.64 -51.67
N ILE M 221 22.51 -31.01 -52.21
CA ILE M 221 23.54 -31.71 -52.99
C ILE M 221 24.19 -32.91 -52.27
N PRO M 222 24.70 -32.75 -51.03
CA PRO M 222 25.32 -33.92 -50.38
C PRO M 222 24.36 -35.08 -50.11
N VAL M 223 23.07 -34.80 -50.03
CA VAL M 223 22.05 -35.83 -49.85
C VAL M 223 21.84 -36.60 -51.15
N MET M 224 21.82 -35.87 -52.25
CA MET M 224 21.63 -36.48 -53.55
C MET M 224 22.90 -37.20 -53.98
N LEU M 225 24.05 -36.64 -53.62
CA LEU M 225 25.34 -37.22 -53.98
C LEU M 225 25.98 -37.88 -52.77
N ASP M 226 25.46 -39.04 -52.35
CA ASP M 226 25.90 -39.67 -51.10
C ASP M 226 27.08 -40.65 -51.24
N GLY M 227 27.57 -40.84 -52.47
CA GLY M 227 28.68 -41.75 -52.68
C GLY M 227 30.03 -41.08 -52.57
N HIS M 228 31.05 -41.73 -53.15
CA HIS M 228 32.37 -41.13 -53.33
C HIS M 228 32.33 -40.14 -54.51
N LEU M 229 32.87 -38.93 -54.29
CA LEU M 229 32.74 -37.83 -55.23
C LEU M 229 33.53 -37.96 -56.52
N ILE M 230 32.94 -37.48 -57.62
CA ILE M 230 33.66 -37.39 -58.90
C ILE M 230 33.59 -35.97 -59.43
N ALA M 231 34.75 -35.43 -59.76
CA ALA M 231 34.82 -34.10 -60.33
C ALA M 231 36.09 -33.90 -61.14
N PHE M 232 35.98 -33.08 -62.19
CA PHE M 232 37.11 -32.73 -63.02
C PHE M 232 36.75 -31.50 -63.86
N ASP M 233 37.73 -30.92 -64.51
CA ASP M 233 37.48 -29.80 -65.38
C ASP M 233 37.54 -30.25 -66.82
N TYR M 234 36.94 -29.46 -67.70
CA TYR M 234 37.13 -29.53 -69.13
C TYR M 234 37.87 -28.26 -69.56
N SER M 235 38.65 -28.34 -70.64
CA SER M 235 39.16 -27.14 -71.30
C SER M 235 38.39 -26.99 -72.59
N GLY M 236 37.87 -25.79 -72.83
CA GLY M 236 37.07 -25.49 -74.00
C GLY M 236 36.04 -26.57 -74.34
N TYR M 237 35.20 -26.92 -73.37
CA TYR M 237 34.17 -27.96 -73.57
C TYR M 237 33.32 -27.74 -74.79
N ASP M 238 32.58 -26.63 -74.77
CA ASP M 238 31.67 -26.25 -75.86
C ASP M 238 32.30 -26.43 -77.23
N ALA M 239 33.44 -25.76 -77.44
CA ALA M 239 34.10 -25.81 -78.73
C ALA M 239 34.73 -27.18 -79.00
N SER M 240 34.96 -27.97 -77.95
CA SER M 240 35.57 -29.28 -78.14
C SER M 240 34.60 -30.39 -78.60
N LEU M 241 33.29 -30.19 -78.44
CA LEU M 241 32.34 -31.25 -78.74
C LEU M 241 32.35 -31.65 -80.22
N SER M 242 32.61 -32.92 -80.50
CA SER M 242 32.58 -33.44 -81.86
C SER M 242 31.14 -33.78 -82.26
N PRO M 243 30.88 -33.78 -83.57
CA PRO M 243 29.53 -34.07 -84.06
C PRO M 243 28.87 -35.32 -83.46
N VAL M 244 29.65 -36.33 -83.08
CA VAL M 244 29.08 -37.58 -82.56
C VAL M 244 28.26 -37.32 -81.28
N TRP M 245 28.72 -36.38 -80.47
CA TRP M 245 27.99 -36.03 -79.25
C TRP M 245 26.61 -35.45 -79.57
N PHE M 246 26.56 -34.66 -80.65
CA PHE M 246 25.30 -34.10 -81.14
C PHE M 246 24.39 -35.19 -81.70
N ALA M 247 24.97 -36.16 -82.39
CA ALA M 247 24.21 -37.35 -82.78
C ALA M 247 23.63 -38.04 -81.51
N CYS M 248 24.42 -38.08 -80.43
CA CYS M 248 23.91 -38.69 -79.20
C CYS M 248 22.73 -37.92 -78.69
N LEU M 249 22.85 -36.60 -78.72
CA LEU M 249 21.81 -35.73 -78.23
C LEU M 249 20.50 -35.90 -79.02
N LYS M 250 20.61 -35.87 -80.35
CA LYS M 250 19.44 -36.09 -81.21
C LYS M 250 18.76 -37.41 -80.88
N MET M 251 19.55 -38.45 -80.65
CA MET M 251 19.00 -39.74 -80.26
C MET M 251 18.25 -39.72 -78.93
N ILE M 252 18.79 -39.04 -77.92
CA ILE M 252 18.07 -39.01 -76.65
C ILE M 252 16.79 -38.19 -76.80
N LEU M 253 16.85 -37.09 -77.55
CA LEU M 253 15.65 -36.30 -77.82
C LEU M 253 14.57 -37.15 -78.53
N GLU M 254 15.00 -37.97 -79.49
CA GLU M 254 14.09 -38.88 -80.16
C GLU M 254 13.45 -39.83 -79.14
N LYS M 255 14.23 -40.41 -78.23
CA LYS M 255 13.65 -41.28 -77.18
C LYS M 255 12.70 -40.52 -76.27
N LEU M 256 12.73 -39.18 -76.31
CA LEU M 256 11.81 -38.42 -75.48
C LEU M 256 10.49 -38.19 -76.20
N GLY M 257 10.47 -38.44 -77.51
CA GLY M 257 9.27 -38.28 -78.31
C GLY M 257 9.44 -37.26 -79.41
N TYR M 258 10.64 -36.72 -79.55
CA TYR M 258 10.86 -35.71 -80.56
C TYR M 258 11.02 -36.32 -81.95
N THR M 259 10.58 -35.53 -82.91
CA THR M 259 10.50 -35.91 -84.31
C THR M 259 11.74 -35.41 -85.07
N HIS M 260 12.07 -36.07 -86.16
CA HIS M 260 13.21 -35.65 -86.97
C HIS M 260 13.08 -34.20 -87.41
N LYS M 261 11.85 -33.75 -87.61
CA LYS M 261 11.62 -32.34 -87.87
C LYS M 261 12.25 -31.49 -86.76
N GLU M 262 11.99 -31.86 -85.51
CA GLU M 262 12.44 -31.06 -84.37
C GLU M 262 13.91 -31.26 -84.01
N THR M 263 14.38 -32.51 -84.02
CA THR M 263 15.79 -32.78 -83.77
C THR M 263 16.67 -32.16 -84.87
N ASN M 264 16.07 -31.79 -86.00
CA ASN M 264 16.81 -31.10 -87.05
C ASN M 264 17.41 -29.81 -86.57
N TYR M 265 16.79 -29.18 -85.59
CA TYR M 265 17.34 -27.94 -85.03
C TYR M 265 18.75 -28.14 -84.48
N ILE M 266 19.02 -29.31 -83.91
CA ILE M 266 20.37 -29.58 -83.40
C ILE M 266 21.44 -29.48 -84.51
N ASP M 267 21.09 -29.88 -85.74
CA ASP M 267 22.02 -29.75 -86.88
C ASP M 267 22.52 -28.32 -87.09
N TYR M 268 21.67 -27.36 -86.78
CA TYR M 268 22.07 -25.95 -86.91
C TYR M 268 22.85 -25.46 -85.71
N LEU M 269 22.83 -26.23 -84.64
CA LEU M 269 23.72 -26.01 -83.53
C LEU M 269 25.08 -26.57 -83.86
N CYS M 270 25.07 -27.81 -84.32
CA CYS M 270 26.30 -28.55 -84.56
C CYS M 270 27.04 -28.05 -85.77
N ASN M 271 26.30 -27.79 -86.82
CA ASN M 271 26.88 -27.37 -88.07
C ASN M 271 26.46 -25.92 -88.25
N SER M 272 27.29 -25.03 -87.73
CA SER M 272 26.83 -23.68 -87.51
C SER M 272 27.52 -22.67 -88.43
N HIS M 273 27.04 -21.46 -88.31
CA HIS M 273 27.01 -20.50 -89.38
C HIS M 273 27.25 -19.14 -88.69
N HIS M 274 28.36 -18.47 -88.99
CA HIS M 274 28.76 -17.30 -88.20
C HIS M 274 29.26 -16.07 -88.99
N LEU M 275 29.09 -14.90 -88.39
CA LEU M 275 29.70 -13.64 -88.86
C LEU M 275 30.67 -13.07 -87.83
N TYR M 276 31.91 -12.84 -88.25
CA TYR M 276 32.85 -12.10 -87.42
C TYR M 276 33.50 -10.98 -88.23
N ARG M 277 33.21 -9.74 -87.84
CA ARG M 277 33.74 -8.54 -88.50
C ARG M 277 33.42 -8.53 -90.00
N ASP M 278 34.40 -8.86 -90.85
CA ASP M 278 34.15 -8.89 -92.29
C ASP M 278 34.20 -10.32 -92.88
N LYS M 279 34.00 -11.31 -92.02
CA LYS M 279 34.11 -12.70 -92.45
C LYS M 279 32.88 -13.50 -92.10
N HIS M 280 32.55 -14.43 -93.00
CA HIS M 280 31.48 -15.40 -92.79
C HIS M 280 32.12 -16.77 -92.72
N TYR M 281 31.89 -17.52 -91.65
CA TYR M 281 32.54 -18.82 -91.52
C TYR M 281 31.62 -19.88 -90.97
N PHE M 282 31.96 -21.12 -91.23
CA PHE M 282 31.13 -22.28 -90.92
C PHE M 282 31.89 -23.16 -89.95
N VAL M 283 31.21 -23.59 -88.90
CA VAL M 283 31.82 -24.47 -87.93
C VAL M 283 31.12 -25.82 -87.89
N ARG M 284 31.91 -26.87 -87.84
CA ARG M 284 31.34 -28.19 -87.70
C ARG M 284 31.71 -28.73 -86.34
N GLY M 285 30.69 -29.11 -85.57
CA GLY M 285 30.89 -29.50 -84.19
C GLY M 285 30.99 -28.26 -83.33
N GLY M 286 30.91 -28.45 -82.01
CA GLY M 286 30.97 -27.33 -81.09
C GLY M 286 29.58 -26.82 -80.78
N MET M 287 29.33 -26.56 -79.51
CA MET M 287 28.10 -25.92 -79.09
C MET M 287 28.36 -24.42 -79.21
N PRO M 288 27.59 -23.73 -80.07
CA PRO M 288 27.80 -22.28 -80.24
C PRO M 288 27.21 -21.50 -79.08
N SER M 289 28.05 -21.27 -78.08
CA SER M 289 27.65 -20.60 -76.86
C SER M 289 27.00 -19.26 -77.15
N GLY M 290 25.71 -19.15 -76.81
CA GLY M 290 24.86 -18.03 -77.21
C GLY M 290 23.59 -18.41 -77.98
N CYS M 291 23.47 -19.68 -78.39
CA CYS M 291 22.28 -20.10 -79.12
C CYS M 291 21.20 -20.38 -78.07
N SER M 292 19.93 -20.47 -78.45
CA SER M 292 18.97 -20.78 -77.41
C SER M 292 19.27 -22.20 -76.94
N GLY M 293 19.11 -22.41 -75.64
CA GLY M 293 19.34 -23.72 -75.03
C GLY M 293 20.78 -24.14 -74.77
N THR M 294 21.77 -23.23 -74.90
CA THR M 294 23.15 -23.69 -74.70
C THR M 294 23.32 -24.38 -73.33
N SER M 295 22.86 -23.77 -72.25
CA SER M 295 23.00 -24.39 -70.91
C SER M 295 22.42 -25.81 -70.83
N ILE M 296 21.16 -25.93 -71.21
CA ILE M 296 20.49 -27.22 -71.08
C ILE M 296 21.05 -28.32 -71.99
N PHE M 297 21.33 -27.99 -73.24
CA PHE M 297 21.85 -29.00 -74.17
C PHE M 297 23.27 -29.39 -73.80
N ASN M 298 24.08 -28.39 -73.41
CA ASN M 298 25.39 -28.67 -72.81
C ASN M 298 25.30 -29.57 -71.59
N SER M 299 24.31 -29.34 -70.72
CA SER M 299 24.15 -30.18 -69.53
C SER M 299 23.69 -31.59 -69.92
N MET M 300 22.78 -31.69 -70.89
CA MET M 300 22.30 -32.99 -71.37
C MET M 300 23.42 -33.83 -71.96
N ILE M 301 24.25 -33.18 -72.76
CA ILE M 301 25.38 -33.85 -73.38
C ILE M 301 26.39 -34.26 -72.31
N ASN M 302 26.65 -33.38 -71.36
CA ASN M 302 27.54 -33.73 -70.26
C ASN M 302 27.06 -35.01 -69.60
N ASN M 303 25.75 -35.15 -69.49
CA ASN M 303 25.17 -36.31 -68.83
C ASN M 303 25.38 -37.60 -69.62
N ILE M 304 25.39 -37.46 -70.95
CA ILE M 304 25.69 -38.57 -71.85
C ILE M 304 27.17 -38.89 -71.76
N ILE M 305 28.00 -37.87 -71.86
CA ILE M 305 29.46 -38.02 -71.88
C ILE M 305 29.99 -38.80 -70.65
N ILE M 306 29.63 -38.40 -69.44
CA ILE M 306 30.17 -39.06 -68.24
C ILE M 306 29.75 -40.54 -68.18
N ARG M 307 28.49 -40.82 -68.46
CA ARG M 307 28.01 -42.20 -68.44
C ARG M 307 28.81 -43.03 -69.43
N THR M 308 29.03 -42.45 -70.59
CA THR M 308 29.76 -43.09 -71.66
C THR M 308 31.17 -43.50 -71.24
N LEU M 309 31.88 -42.55 -70.66
CA LEU M 309 33.25 -42.75 -70.20
C LEU M 309 33.31 -43.77 -69.04
N MET M 310 32.29 -43.77 -68.18
CA MET M 310 32.23 -44.74 -67.10
C MET M 310 32.11 -46.13 -67.67
N LEU M 311 31.24 -46.28 -68.66
CA LEU M 311 30.95 -47.58 -69.24
C LEU M 311 32.11 -48.06 -70.09
N LYS M 312 32.82 -47.15 -70.73
CA LYS M 312 33.92 -47.57 -71.59
C LYS M 312 35.05 -48.07 -70.74
N VAL M 313 35.34 -47.31 -69.69
CA VAL M 313 36.50 -47.59 -68.85
C VAL M 313 36.23 -48.76 -67.91
N TYR M 314 35.13 -48.69 -67.17
CA TYR M 314 34.75 -49.77 -66.26
C TYR M 314 33.64 -50.59 -66.89
N LYS M 315 34.02 -51.54 -67.73
CA LYS M 315 33.03 -52.39 -68.37
C LYS M 315 32.37 -53.22 -67.27
N GLY M 316 31.03 -53.23 -67.27
CA GLY M 316 30.31 -53.91 -66.21
C GLY M 316 29.56 -53.04 -65.22
N ILE M 317 29.94 -51.76 -65.12
CA ILE M 317 29.50 -50.85 -64.06
C ILE M 317 27.98 -50.61 -64.00
N ASP M 318 27.45 -50.37 -62.80
CA ASP M 318 26.01 -50.16 -62.59
C ASP M 318 25.71 -48.69 -62.49
N LEU M 319 25.03 -48.14 -63.50
CA LEU M 319 24.79 -46.70 -63.55
C LEU M 319 23.67 -46.29 -62.60
N ASP M 320 22.87 -47.25 -62.13
CA ASP M 320 21.76 -46.92 -61.25
C ASP M 320 22.22 -46.39 -59.89
N GLN M 321 23.50 -46.54 -59.61
CA GLN M 321 24.08 -46.06 -58.38
C GLN M 321 24.80 -44.75 -58.65
N PHE M 322 24.91 -44.39 -59.92
CA PHE M 322 25.61 -43.17 -60.33
C PHE M 322 24.70 -41.96 -60.14
N ARG M 323 25.29 -40.86 -59.69
CA ARG M 323 24.57 -39.60 -59.48
C ARG M 323 25.43 -38.47 -60.02
N MET M 324 24.83 -37.55 -60.77
CA MET M 324 25.60 -36.39 -61.23
C MET M 324 24.70 -35.17 -61.43
N ILE M 325 25.31 -34.00 -61.28
CA ILE M 325 24.66 -32.71 -61.46
C ILE M 325 25.58 -31.86 -62.31
N ALA M 326 25.13 -31.50 -63.50
CA ALA M 326 25.93 -30.67 -64.38
C ALA M 326 25.34 -29.28 -64.50
N TYR M 327 26.20 -28.29 -64.76
CA TYR M 327 25.75 -26.99 -65.26
C TYR M 327 26.59 -26.66 -66.49
N GLY M 328 26.05 -26.93 -67.69
CA GLY M 328 26.86 -26.80 -68.88
C GLY M 328 27.95 -27.81 -68.71
N ASP M 329 29.20 -27.36 -68.72
CA ASP M 329 30.32 -28.29 -68.57
C ASP M 329 30.70 -28.52 -67.13
N ASP M 330 30.25 -27.64 -66.24
CA ASP M 330 30.55 -27.81 -64.82
C ASP M 330 29.85 -29.04 -64.27
N VAL M 331 30.58 -29.86 -63.50
CA VAL M 331 29.99 -31.09 -63.00
C VAL M 331 30.49 -31.51 -61.64
N ILE M 332 29.56 -32.08 -60.88
CA ILE M 332 29.87 -32.74 -59.63
C ILE M 332 29.05 -34.05 -59.63
N ALA M 333 29.68 -35.15 -59.22
CA ALA M 333 29.02 -36.45 -59.26
C ALA M 333 29.46 -37.36 -58.12
N SER M 334 28.86 -38.54 -58.07
CA SER M 334 29.25 -39.53 -57.08
C SER M 334 28.90 -40.96 -57.52
N TYR M 335 29.71 -41.90 -57.08
CA TYR M 335 29.49 -43.33 -57.31
C TYR M 335 29.89 -44.01 -56.01
N PRO M 336 29.19 -45.11 -55.64
CA PRO M 336 29.47 -45.74 -54.33
C PRO M 336 30.90 -46.31 -54.22
N TRP M 337 31.46 -46.72 -55.34
CA TRP M 337 32.82 -47.26 -55.36
C TRP M 337 33.74 -46.27 -56.05
N PRO M 338 35.00 -46.21 -55.60
CA PRO M 338 35.98 -45.24 -56.10
C PRO M 338 36.12 -45.25 -57.62
N ILE M 339 36.38 -44.10 -58.21
CA ILE M 339 36.48 -43.98 -59.65
C ILE M 339 37.69 -43.15 -59.98
N ASP M 340 38.50 -43.63 -60.92
CA ASP M 340 39.72 -42.91 -61.27
C ASP M 340 39.47 -41.95 -62.44
N ALA M 341 39.40 -40.66 -62.09
CA ALA M 341 39.12 -39.60 -63.05
C ALA M 341 40.17 -39.50 -64.13
N SER M 342 41.41 -39.91 -63.83
CA SER M 342 42.49 -39.75 -64.81
C SER M 342 42.25 -40.70 -65.97
N LEU M 343 41.58 -41.82 -65.68
CA LEU M 343 41.25 -42.83 -66.68
C LEU M 343 40.05 -42.38 -67.48
N LEU M 344 39.12 -41.72 -66.80
CA LEU M 344 37.95 -41.19 -67.49
C LEU M 344 38.43 -40.12 -68.45
N ALA M 345 39.46 -39.39 -68.05
CA ALA M 345 40.01 -38.33 -68.89
C ALA M 345 40.72 -38.89 -70.11
N GLU M 346 41.35 -40.05 -69.95
CA GLU M 346 42.06 -40.69 -71.05
C GLU M 346 41.06 -41.22 -72.08
N ALA M 347 39.98 -41.83 -71.61
CA ALA M 347 38.88 -42.20 -72.49
C ALA M 347 38.32 -40.92 -73.12
N GLY M 348 38.17 -39.90 -72.29
CA GLY M 348 37.78 -38.59 -72.79
C GLY M 348 38.61 -38.13 -73.98
N LYS M 349 39.93 -38.21 -73.85
CA LYS M 349 40.83 -37.76 -74.92
C LYS M 349 40.50 -38.40 -76.26
N GLY M 350 40.18 -39.69 -76.23
CA GLY M 350 39.93 -40.41 -77.47
C GLY M 350 38.67 -39.93 -78.14
N TYR M 351 37.74 -39.43 -77.34
CA TYR M 351 36.51 -38.88 -77.88
C TYR M 351 36.64 -37.39 -78.20
N GLY M 352 37.86 -36.86 -78.17
CA GLY M 352 38.07 -35.45 -78.44
C GLY M 352 37.73 -34.49 -77.29
N LEU M 353 37.69 -35.00 -76.06
CA LEU M 353 37.43 -34.15 -74.89
C LEU M 353 38.70 -33.92 -74.06
N ILE M 354 38.89 -32.70 -73.59
CA ILE M 354 40.07 -32.37 -72.80
C ILE M 354 39.71 -32.18 -71.32
N MET M 355 40.02 -33.19 -70.51
CA MET M 355 39.63 -33.21 -69.11
C MET M 355 40.86 -33.10 -68.23
N THR M 356 40.83 -32.15 -67.30
CA THR M 356 41.93 -31.89 -66.38
C THR M 356 41.46 -32.06 -64.92
N PRO M 357 42.41 -32.10 -63.98
CA PRO M 357 42.02 -32.23 -62.57
C PRO M 357 41.16 -31.08 -62.11
N ALA M 358 40.22 -31.35 -61.19
CA ALA M 358 39.31 -30.31 -60.68
C ALA M 358 40.05 -29.06 -60.18
N ASP M 359 39.48 -27.89 -60.46
CA ASP M 359 39.99 -26.62 -59.94
C ASP M 359 41.46 -26.40 -60.27
N LYS M 360 41.82 -26.71 -61.51
CA LYS M 360 43.17 -26.47 -62.03
C LYS M 360 44.30 -27.07 -61.18
N GLY M 361 43.99 -28.15 -60.45
CA GLY M 361 45.03 -28.93 -59.81
C GLY M 361 45.91 -29.61 -60.85
N GLU M 362 47.04 -30.18 -60.43
CA GLU M 362 47.98 -30.72 -61.41
C GLU M 362 48.07 -32.24 -61.31
N CYS M 363 47.47 -32.80 -60.26
CA CYS M 363 47.26 -34.24 -60.21
C CYS M 363 45.78 -34.53 -59.97
N PHE M 364 45.26 -35.62 -60.55
CA PHE M 364 43.88 -36.00 -60.26
C PHE M 364 43.86 -36.54 -58.84
N ASN M 365 43.45 -35.70 -57.91
CA ASN M 365 43.43 -36.06 -56.49
C ASN M 365 42.08 -36.60 -56.05
N GLU M 366 42.07 -37.17 -54.87
CA GLU M 366 40.81 -37.46 -54.21
C GLU M 366 40.02 -36.16 -54.13
N VAL M 367 38.75 -36.25 -54.48
CA VAL M 367 37.86 -35.12 -54.41
C VAL M 367 37.05 -35.29 -53.13
N THR M 368 37.13 -34.28 -52.26
CA THR M 368 36.47 -34.34 -50.96
C THR M 368 35.45 -33.23 -50.85
N TRP M 369 34.51 -33.38 -49.93
CA TRP M 369 33.60 -32.28 -49.63
C TRP M 369 34.33 -31.02 -49.16
N THR M 370 35.58 -31.18 -48.74
CA THR M 370 36.37 -30.04 -48.32
C THR M 370 36.92 -29.26 -49.50
N ASN M 371 37.28 -29.96 -50.59
CA ASN M 371 37.94 -29.29 -51.72
C ASN M 371 37.14 -29.23 -53.02
N VAL M 372 35.97 -29.87 -53.05
CA VAL M 372 35.17 -29.90 -54.27
C VAL M 372 34.49 -28.54 -54.43
N THR M 373 34.43 -28.05 -55.67
CA THR M 373 33.72 -26.82 -55.97
C THR M 373 32.65 -27.09 -57.03
N PHE M 374 31.69 -26.19 -57.14
CA PHE M 374 30.65 -26.26 -58.17
C PHE M 374 30.13 -24.83 -58.33
N LEU M 375 29.96 -24.37 -59.57
CA LEU M 375 29.59 -22.97 -59.80
C LEU M 375 30.55 -22.06 -59.04
N LYS M 376 31.84 -22.41 -59.11
CA LYS M 376 32.90 -21.68 -58.40
C LYS M 376 32.72 -21.66 -56.88
N ARG M 377 31.87 -22.51 -56.33
CA ARG M 377 31.59 -22.42 -54.91
C ARG M 377 31.98 -23.65 -54.14
N TYR M 378 32.65 -23.45 -53.00
CA TYR M 378 32.91 -24.54 -52.06
C TYR M 378 31.67 -24.91 -51.27
N PHE M 379 31.75 -26.04 -50.57
CA PHE M 379 30.71 -26.51 -49.68
C PHE M 379 31.21 -26.47 -48.26
N ARG M 380 30.47 -25.82 -47.35
CA ARG M 380 30.81 -25.82 -45.91
C ARG M 380 29.55 -26.01 -45.08
N ALA M 381 29.56 -27.01 -44.22
CA ALA M 381 28.44 -27.22 -43.30
C ALA M 381 28.36 -26.09 -42.30
N ASP M 382 27.15 -25.64 -42.01
CA ASP M 382 26.94 -24.69 -40.96
C ASP M 382 27.46 -25.22 -39.61
N GLU M 383 28.08 -24.36 -38.80
CA GLU M 383 28.58 -24.75 -37.46
C GLU M 383 27.42 -25.09 -36.53
N GLN M 384 26.39 -24.25 -36.53
CA GLN M 384 25.16 -24.48 -35.77
C GLN M 384 24.34 -25.64 -36.35
N TYR M 385 23.75 -25.45 -37.52
CA TYR M 385 22.89 -26.47 -38.13
C TYR M 385 23.62 -27.23 -39.22
N PRO M 386 24.22 -28.38 -38.86
CA PRO M 386 25.15 -29.03 -39.79
C PRO M 386 24.45 -29.65 -40.99
N PHE M 387 23.12 -29.71 -40.99
CA PHE M 387 22.43 -30.17 -42.17
C PHE M 387 22.25 -29.04 -43.18
N LEU M 388 22.57 -27.81 -42.79
CA LEU M 388 22.56 -26.67 -43.73
C LEU M 388 23.98 -26.44 -44.21
N VAL M 389 24.12 -26.23 -45.52
CA VAL M 389 25.44 -26.11 -46.14
C VAL M 389 25.61 -24.76 -46.82
N HIS M 390 26.76 -24.14 -46.56
CA HIS M 390 27.06 -22.84 -47.12
C HIS M 390 27.70 -23.01 -48.48
N PRO M 391 27.16 -22.29 -49.50
CA PRO M 391 27.93 -22.12 -50.74
C PRO M 391 29.04 -21.12 -50.48
N VAL M 392 30.31 -21.51 -50.56
CA VAL M 392 31.36 -20.55 -50.23
C VAL M 392 32.19 -20.14 -51.45
N MET M 393 31.87 -18.97 -52.00
CA MET M 393 32.68 -18.35 -53.02
C MET M 393 33.95 -17.75 -52.44
N PRO M 394 35.11 -18.12 -53.00
CA PRO M 394 36.41 -17.61 -52.52
C PRO M 394 36.46 -16.09 -52.48
N MET M 395 36.86 -15.55 -51.34
CA MET M 395 36.97 -14.11 -51.18
C MET M 395 37.83 -13.47 -52.26
N LYS M 396 38.79 -14.23 -52.80
CA LYS M 396 39.68 -13.64 -53.80
C LYS M 396 38.91 -13.39 -55.10
N ASP M 397 37.97 -14.26 -55.44
CA ASP M 397 37.15 -14.02 -56.63
C ASP M 397 36.18 -12.88 -56.39
N ILE M 398 35.70 -12.72 -55.15
CA ILE M 398 34.87 -11.58 -54.81
C ILE M 398 35.68 -10.28 -54.89
N HIS M 399 36.92 -10.34 -54.42
CA HIS M 399 37.85 -9.22 -54.54
C HIS M 399 38.08 -8.78 -56.01
N GLU M 400 38.25 -9.75 -56.90
CA GLU M 400 38.44 -9.42 -58.31
C GLU M 400 37.28 -8.58 -58.86
N SER M 401 36.04 -8.98 -58.59
CA SER M 401 34.87 -8.21 -59.03
C SER M 401 34.86 -6.76 -58.50
N ILE M 402 35.15 -6.59 -57.21
CA ILE M 402 34.95 -5.27 -56.59
C ILE M 402 35.95 -4.26 -57.13
N ARG M 403 37.06 -4.75 -57.69
CA ARG M 403 38.12 -3.85 -58.13
C ARG M 403 37.84 -3.14 -59.45
N TRP M 404 36.67 -3.38 -60.03
CA TRP M 404 36.32 -2.80 -61.32
C TRP M 404 34.86 -2.42 -61.36
N THR M 405 34.49 -1.59 -62.35
CA THR M 405 33.10 -1.19 -62.54
C THR M 405 32.86 -0.85 -64.02
N LYS M 406 31.66 -1.11 -64.52
CA LYS M 406 31.28 -0.73 -65.87
C LYS M 406 30.53 0.60 -65.85
N ASP M 407 30.23 1.04 -64.64
CA ASP M 407 29.51 2.28 -64.37
C ASP M 407 29.42 2.50 -62.85
N PRO M 408 30.19 3.47 -62.34
CA PRO M 408 30.30 3.74 -60.89
C PRO M 408 28.97 4.14 -60.27
N LYS M 409 28.01 4.51 -61.12
CA LYS M 409 26.64 4.73 -60.67
C LYS M 409 26.06 3.48 -59.97
N ASN M 410 26.61 2.30 -60.28
CA ASN M 410 26.03 1.06 -59.78
C ASN M 410 26.73 0.56 -58.56
N THR M 411 27.57 1.41 -57.95
CA THR M 411 28.44 0.93 -56.88
C THR M 411 27.69 0.26 -55.71
N GLN M 412 26.58 0.85 -55.30
CA GLN M 412 25.77 0.32 -54.20
C GLN M 412 25.25 -1.10 -54.50
N ASP M 413 24.59 -1.24 -55.64
CA ASP M 413 24.08 -2.56 -56.06
C ASP M 413 25.22 -3.58 -56.21
N HIS M 414 26.30 -3.18 -56.89
CA HIS M 414 27.47 -4.05 -57.06
C HIS M 414 28.02 -4.58 -55.72
N VAL M 415 28.38 -3.68 -54.82
CA VAL M 415 28.98 -4.10 -53.56
C VAL M 415 28.02 -4.92 -52.68
N ARG M 416 26.75 -4.53 -52.65
CA ARG M 416 25.74 -5.28 -51.91
C ARG M 416 25.61 -6.73 -52.42
N SER M 417 25.59 -6.87 -53.75
CA SER M 417 25.53 -8.21 -54.34
C SER M 417 26.72 -9.04 -53.89
N LEU M 418 27.87 -8.41 -53.78
CA LEU M 418 29.07 -9.11 -53.36
C LEU M 418 29.00 -9.51 -51.89
N CYS M 419 28.34 -8.68 -51.08
CA CYS M 419 28.14 -8.99 -49.66
C CYS M 419 27.37 -10.31 -49.50
N LEU M 420 26.34 -10.47 -50.33
CA LEU M 420 25.50 -11.66 -50.29
C LEU M 420 26.27 -12.91 -50.68
N LEU M 421 27.38 -12.72 -51.39
CA LEU M 421 28.25 -13.81 -51.72
C LEU M 421 29.26 -14.02 -50.59
N ALA M 422 29.79 -12.90 -50.09
CA ALA M 422 30.91 -12.92 -49.13
C ALA M 422 30.58 -13.52 -47.78
N TRP M 423 29.37 -13.28 -47.29
CA TRP M 423 29.06 -13.58 -45.87
C TRP M 423 29.17 -15.07 -45.55
N HIS M 424 28.79 -15.90 -46.51
CA HIS M 424 29.01 -17.34 -46.43
C HIS M 424 30.44 -17.76 -46.09
N ASN M 425 31.40 -16.83 -46.17
CA ASN M 425 32.77 -17.18 -45.78
C ASN M 425 32.94 -17.12 -44.25
N GLY M 426 31.92 -16.68 -43.53
CA GLY M 426 32.07 -16.51 -42.10
C GLY M 426 32.06 -15.08 -41.58
N GLU M 427 31.69 -14.90 -40.32
CA GLU M 427 31.60 -13.56 -39.75
C GLU M 427 32.93 -12.83 -39.79
N HIS M 428 34.02 -13.54 -39.50
CA HIS M 428 35.31 -12.89 -39.43
C HIS M 428 35.75 -12.35 -40.78
N GLU M 429 35.62 -13.18 -41.82
CA GLU M 429 35.96 -12.77 -43.18
C GLU M 429 35.04 -11.65 -43.64
N TYR M 430 33.76 -11.77 -43.29
CA TYR M 430 32.80 -10.77 -43.72
C TYR M 430 33.19 -9.41 -43.15
N GLU M 431 33.47 -9.40 -41.85
CA GLU M 431 33.81 -8.17 -41.19
C GLU M 431 35.06 -7.55 -41.77
N GLU M 432 36.08 -8.35 -42.04
CA GLU M 432 37.27 -7.82 -42.68
C GLU M 432 36.96 -7.15 -44.04
N PHE M 433 36.08 -7.77 -44.81
CA PHE M 433 35.65 -7.29 -46.12
C PHE M 433 34.92 -5.95 -45.99
N ILE M 434 33.98 -5.93 -45.05
CA ILE M 434 33.26 -4.71 -44.71
C ILE M 434 34.22 -3.59 -44.26
N ARG M 435 35.25 -3.95 -43.47
CA ARG M 435 36.21 -2.95 -43.01
C ARG M 435 36.99 -2.31 -44.18
N LYS M 436 37.52 -3.15 -45.07
CA LYS M 436 38.26 -2.64 -46.24
C LYS M 436 37.39 -1.78 -47.17
N ILE M 437 36.12 -2.16 -47.29
CA ILE M 437 35.19 -1.32 -48.03
C ILE M 437 35.06 0.04 -47.38
N ARG M 438 34.96 0.04 -46.05
CA ARG M 438 34.83 1.28 -45.28
C ARG M 438 36.14 2.01 -45.17
N SER M 439 37.23 1.41 -45.64
CA SER M 439 38.55 2.04 -45.53
C SER M 439 38.76 3.11 -46.58
N VAL M 440 37.69 3.49 -47.24
CA VAL M 440 37.79 4.38 -48.38
C VAL M 440 36.51 5.21 -48.43
N PRO M 441 36.63 6.49 -48.84
CA PRO M 441 35.50 7.41 -48.68
C PRO M 441 34.19 6.94 -49.32
N VAL M 442 34.19 6.41 -50.54
CA VAL M 442 32.93 5.95 -51.14
C VAL M 442 32.30 4.81 -50.33
N GLY M 443 33.13 3.93 -49.78
CA GLY M 443 32.65 2.87 -48.93
C GLY M 443 31.79 3.33 -47.76
N ARG M 444 32.26 4.37 -47.05
CA ARG M 444 31.49 4.92 -45.93
C ARG M 444 30.16 5.55 -46.36
N CYS M 445 29.89 5.62 -47.66
CA CYS M 445 28.61 6.15 -48.13
C CYS M 445 27.63 5.03 -48.51
N LEU M 446 28.09 3.79 -48.41
CA LEU M 446 27.24 2.70 -48.88
C LEU M 446 26.45 2.06 -47.75
N THR M 447 25.23 1.64 -48.10
CA THR M 447 24.41 0.90 -47.15
C THR M 447 24.70 -0.59 -47.35
N LEU M 448 25.35 -1.18 -46.35
CA LEU M 448 25.82 -2.55 -46.40
C LEU M 448 25.06 -3.42 -45.36
N PRO M 449 24.48 -4.55 -45.80
CA PRO M 449 23.72 -5.44 -44.90
C PRO M 449 24.57 -6.00 -43.77
N ALA M 450 24.00 -6.08 -42.57
CA ALA M 450 24.76 -6.64 -41.44
C ALA M 450 24.79 -8.16 -41.56
N PHE M 451 25.89 -8.74 -41.10
CA PHE M 451 26.05 -10.19 -41.09
C PHE M 451 24.83 -10.90 -40.50
N SER M 452 24.47 -10.49 -39.28
CA SER M 452 23.38 -11.12 -38.53
C SER M 452 22.09 -11.13 -39.31
N THR M 453 21.88 -10.06 -40.07
CA THR M 453 20.69 -9.98 -40.91
C THR M 453 20.77 -11.04 -42.03
N LEU M 454 21.95 -11.15 -42.66
CA LEU M 454 22.13 -12.09 -43.76
C LEU M 454 21.93 -13.53 -43.26
N ARG M 455 22.57 -13.86 -42.14
CA ARG M 455 22.43 -15.18 -41.56
C ARG M 455 20.96 -15.49 -41.22
N ARG M 456 20.26 -14.49 -40.68
CA ARG M 456 18.88 -14.72 -40.28
C ARG M 456 18.01 -14.99 -41.50
N LYS M 457 18.24 -14.21 -42.55
CA LYS M 457 17.46 -14.33 -43.78
C LYS M 457 17.66 -15.70 -44.40
N TRP M 458 18.88 -16.22 -44.25
CA TRP M 458 19.26 -17.48 -44.86
C TRP M 458 18.55 -18.63 -44.14
N LEU M 459 18.74 -18.69 -42.82
CA LEU M 459 18.04 -19.64 -41.95
C LEU M 459 16.53 -19.60 -42.18
N ASP M 460 15.98 -18.40 -42.31
CA ASP M 460 14.57 -18.23 -42.62
C ASP M 460 14.20 -18.89 -43.95
N SER M 461 15.16 -18.92 -44.88
CA SER M 461 14.91 -19.44 -46.23
C SER M 461 14.53 -20.91 -46.18
N PHE M 462 14.95 -21.60 -45.12
CA PHE M 462 14.67 -23.02 -45.00
C PHE M 462 13.39 -23.35 -44.22
N GLY M 463 12.55 -22.35 -44.00
CA GLY M 463 11.29 -22.55 -43.31
C GLY M 463 10.11 -22.40 -44.25
C1 GOL Q . 27.25 7.76 103.86
O1 GOL Q . 26.23 6.92 103.40
C2 GOL Q . 26.97 9.19 103.40
O2 GOL Q . 27.26 9.26 102.03
C3 GOL Q . 25.49 9.55 103.55
O3 GOL Q . 25.26 10.01 104.87
C1 GOL R . 29.10 22.56 88.25
O1 GOL R . 27.96 21.89 88.72
C2 GOL R . 30.25 22.31 89.21
O2 GOL R . 29.78 22.36 90.55
C3 GOL R . 31.28 23.43 89.03
O3 GOL R . 30.60 24.65 89.14
MG MG S . 37.17 12.74 64.59
C1 GOL T . -25.05 15.04 3.36
O1 GOL T . -24.41 13.79 3.52
C2 GOL T . -26.37 14.89 2.60
O2 GOL T . -26.17 14.08 1.46
C3 GOL T . -26.79 16.27 2.16
O3 GOL T . -25.66 16.87 1.54
MG MG U . -34.02 19.89 27.93
C1 GOL V . -30.68 -4.46 -4.21
O1 GOL V . -29.75 -5.50 -3.95
C2 GOL V . -29.94 -3.26 -4.75
O2 GOL V . -29.51 -2.45 -3.67
C3 GOL V . -28.79 -3.77 -5.62
O3 GOL V . -27.57 -3.10 -5.33
MG MG W . -36.62 -5.31 -30.63
MG MG X . 33.74 -27.40 -61.96
#